data_9EMA
#
_entry.id   9EMA
#
loop_
_entity.id
_entity.type
_entity.pdbx_description
1 polymer 'RuvB-like 1'
2 polymer 'RuvB-like 2'
3 non-polymer "ADENOSINE-5'-TRIPHOSPHATE"
4 non-polymer 5-chloranyl-2-ethoxy-4-fluoranyl-~{N}-[4-[[3-(methoxymethyl)-1-oxidanylidene-6,7-dihydro-5~{H}-pyrazolo[1,2-a][1,2]benzodiazepin-2-yl]amino]-2,2-dimethyl-4-oxidanylidene-butyl]benzamide
5 non-polymer 'MAGNESIUM ION'
#
loop_
_entity_poly.entity_id
_entity_poly.type
_entity_poly.pdbx_seq_one_letter_code
_entity_poly.pdbx_strand_id
1 'polypeptide(L)'
;GSHMKIEEVKSTTKTQRIASHSHVKGLGLDESGLAKQAASGLVGQENAREACGVIVELIKSKKMAGRAVLLAGPPGTGKT
ALALAIAQELGSKVPFCPMVGSEVYSTEIKKTEVLMENFRRAIGLRIKETKEVYEGEVTELTPCETENPMGGYGKTISHV
IIGLKTAKGTKQLKLDPSIFESLQKERVEAGDVIYIEANSGAVKRQGRCDTYATEFDLEAEEYVPLPKGDVHKKKEIIQD
VTLHDLDVANARPQGGQDILSMMGQLMKPKKTEITDKLRGEINKVVNKYIDQGIAELVPGVLFVDEVHMLDIECFTYLHR
ALESSIAPIVIFASNRGNCVIRGTEDITSPHGIPLDLLDRVMIIRTMLYTPQEMKQIIKIRAQTEGINISEEALNHLGEI
GTKTTLRYSVQLLTPANLLAKINGKDSIEKEHVEEISELFYDAKSSAKILADQQDKYMK
;
A,B,C
2 'polypeptide(L)'
;MADLNWISAGHAIADVGTMATVTATTKVPEIRDVTRIERIGAHSHIRGLGLDDALEPRQASQGMVGQLAARRAAGVVLEM
IREGKIAGRAVLIAGQPGTGKTAIAMGMAQALGPDTPFTAIAGSEIFSLEMSKTEALTQAFRRSIGVRIKEETEIIEGEV
VEIQIDRPATGTGSKVGKLTLKTTEMETIYDLGTKMIESLTKDKVQAGDVITIDKATGKISKLGRSFTRARDYDAMGSQT
KFVQCPDGELQKRKEVVHTVSLHEIDVINSRTQGFLALFSGDTGEIKSEVREQINAKVAEWREEGKAEIIPGVLFIDEVH
MLDIESFSFLNRALESDMAPVLIMATNRGITRIRGTSYQSPHGIPIDLLDRLLIVSTTPYSEKDTKQILRIRCEEEDVEM
SEDAYTVLTRIGLETSLRYAIQLITAASLVCRKRKGTEVQVDDIKRVYSLFLDESRSTQYMKEYQDAFLFNELKGETMDT
S
;
D,E,F
#
# COMPACT_ATOMS: atom_id res chain seq x y z
N GLN A 16 16.21 38.09 -7.26
CA GLN A 16 16.80 38.64 -8.52
C GLN A 16 16.15 37.99 -9.73
N ARG A 17 16.02 36.67 -9.69
CA ARG A 17 15.39 35.94 -10.79
C ARG A 17 13.91 36.25 -10.85
N ILE A 18 13.38 36.27 -12.07
CA ILE A 18 11.99 36.67 -12.32
C ILE A 18 11.13 35.41 -12.30
N ALA A 19 10.14 35.38 -11.41
CA ALA A 19 9.18 34.30 -11.27
C ALA A 19 7.86 34.70 -11.92
N SER A 20 6.89 33.77 -11.86
CA SER A 20 5.61 34.02 -12.53
C SER A 20 4.78 35.09 -11.84
N HIS A 21 4.90 35.22 -10.51
CA HIS A 21 4.15 36.17 -9.70
C HIS A 21 5.04 37.29 -9.12
N SER A 22 6.25 37.48 -9.66
CA SER A 22 7.16 38.45 -9.06
C SER A 22 6.72 39.88 -9.29
N HIS A 23 5.94 40.14 -10.34
CA HIS A 23 5.37 41.47 -10.55
C HIS A 23 4.25 41.82 -9.55
N VAL A 24 3.66 40.83 -8.88
CA VAL A 24 2.56 41.09 -7.96
C VAL A 24 3.14 41.67 -6.68
N LYS A 25 2.65 42.87 -6.30
CA LYS A 25 3.09 43.60 -5.12
C LYS A 25 1.99 43.91 -4.12
N GLY A 26 0.72 43.70 -4.47
CA GLY A 26 -0.36 43.96 -3.55
C GLY A 26 -1.68 43.90 -4.30
N LEU A 27 -2.75 44.16 -3.55
CA LEU A 27 -4.10 44.12 -4.12
C LEU A 27 -4.45 45.38 -4.91
N GLY A 28 -3.73 46.48 -4.72
CA GLY A 28 -3.99 47.68 -5.51
C GLY A 28 -5.32 48.34 -5.25
N LEU A 29 -5.73 48.41 -3.99
CA LEU A 29 -6.99 49.03 -3.58
C LEU A 29 -6.74 50.46 -3.12
N ASP A 30 -7.76 51.31 -3.29
CA ASP A 30 -7.71 52.66 -2.77
C ASP A 30 -7.95 52.64 -1.26
N GLU A 31 -7.92 53.83 -0.64
CA GLU A 31 -8.07 53.90 0.81
C GLU A 31 -9.45 53.45 1.28
N SER A 32 -10.48 53.65 0.46
CA SER A 32 -11.83 53.21 0.80
C SER A 32 -12.08 51.72 0.54
N GLY A 33 -11.10 50.98 0.02
CA GLY A 33 -11.22 49.54 -0.21
C GLY A 33 -11.60 49.14 -1.62
N LEU A 34 -12.04 50.07 -2.46
CA LEU A 34 -12.39 49.73 -3.83
C LEU A 34 -11.12 49.47 -4.64
N ALA A 35 -11.20 48.51 -5.56
CA ALA A 35 -10.05 48.14 -6.36
C ALA A 35 -9.86 49.12 -7.51
N LYS A 36 -8.63 49.64 -7.64
CA LYS A 36 -8.28 50.41 -8.81
C LYS A 36 -8.16 49.48 -10.01
N GLN A 37 -8.28 50.07 -11.20
CA GLN A 37 -8.29 49.27 -12.43
C GLN A 37 -6.93 48.59 -12.65
N ALA A 38 -5.84 49.29 -12.36
CA ALA A 38 -4.50 48.73 -12.49
C ALA A 38 -3.63 49.35 -11.40
N ALA A 39 -3.19 48.54 -10.45
CA ALA A 39 -2.33 49.01 -9.38
C ALA A 39 -1.65 47.83 -8.73
N SER A 40 -0.39 48.05 -8.33
CA SER A 40 0.41 47.07 -7.59
C SER A 40 0.62 45.78 -8.37
N GLY A 41 0.70 45.87 -9.69
CA GLY A 41 0.94 44.73 -10.55
C GLY A 41 -0.30 43.97 -10.99
N LEU A 42 -1.44 44.19 -10.34
CA LEU A 42 -2.71 43.55 -10.72
C LEU A 42 -3.48 44.43 -11.68
N VAL A 43 -4.33 43.78 -12.48
CA VAL A 43 -5.15 44.43 -13.50
C VAL A 43 -6.51 43.76 -13.51
N GLY A 44 -7.57 44.56 -13.48
CA GLY A 44 -8.92 44.03 -13.50
C GLY A 44 -9.19 43.20 -12.26
N GLN A 45 -10.17 42.30 -12.38
CA GLN A 45 -10.51 41.36 -11.32
C GLN A 45 -10.93 42.08 -10.04
N GLU A 46 -11.68 43.18 -10.21
CA GLU A 46 -11.88 44.14 -9.13
C GLU A 46 -12.72 43.57 -8.00
N ASN A 47 -13.72 42.75 -8.32
CA ASN A 47 -14.58 42.17 -7.29
C ASN A 47 -13.78 41.21 -6.39
N ALA A 48 -12.97 40.35 -6.99
CA ALA A 48 -12.15 39.43 -6.21
C ALA A 48 -11.09 40.18 -5.41
N ARG A 49 -10.54 41.26 -5.96
CA ARG A 49 -9.54 42.04 -5.23
C ARG A 49 -10.18 42.74 -4.04
N GLU A 50 -11.41 43.23 -4.17
CA GLU A 50 -12.09 43.85 -3.05
C GLU A 50 -12.44 42.83 -1.96
N ALA A 51 -12.88 41.64 -2.37
CA ALA A 51 -13.13 40.57 -1.41
C ALA A 51 -11.83 40.17 -0.70
N CYS A 52 -10.73 40.08 -1.44
CA CYS A 52 -9.44 39.78 -0.83
C CYS A 52 -8.99 40.89 0.11
N GLY A 53 -9.35 42.14 -0.18
CA GLY A 53 -9.07 43.21 0.77
C GLY A 53 -9.85 43.06 2.06
N VAL A 54 -11.10 42.61 1.96
CA VAL A 54 -11.89 42.33 3.16
C VAL A 54 -11.24 41.19 3.95
N ILE A 55 -10.71 40.18 3.27
CA ILE A 55 -10.01 39.10 3.96
C ILE A 55 -8.69 39.59 4.57
N VAL A 56 -8.04 40.57 3.94
CA VAL A 56 -6.84 41.16 4.53
C VAL A 56 -7.20 41.87 5.83
N GLU A 57 -8.31 42.60 5.84
CA GLU A 57 -8.77 43.24 7.07
C GLU A 57 -9.14 42.21 8.14
N LEU A 58 -9.73 41.09 7.70
CA LEU A 58 -10.04 39.99 8.61
C LEU A 58 -8.78 39.44 9.27
N ILE A 59 -7.72 39.24 8.49
CA ILE A 59 -6.48 38.70 9.04
C ILE A 59 -5.82 39.74 9.94
N LYS A 60 -5.87 41.01 9.55
CA LYS A 60 -5.25 42.06 10.35
C LYS A 60 -5.98 42.29 11.67
N SER A 61 -7.27 41.96 11.74
CA SER A 61 -8.01 42.15 12.99
C SER A 61 -7.53 41.21 14.08
N LYS A 62 -7.11 40.00 13.73
CA LYS A 62 -6.58 39.00 14.68
C LYS A 62 -7.62 38.53 15.70
N LYS A 63 -8.92 38.71 15.43
CA LYS A 63 -9.99 38.32 16.34
C LYS A 63 -10.52 36.93 16.03
N MET A 64 -10.64 36.58 14.76
CA MET A 64 -11.23 35.33 14.31
C MET A 64 -10.16 34.26 14.12
N ALA A 65 -10.60 33.02 14.26
CA ALA A 65 -9.76 31.84 14.10
C ALA A 65 -10.47 30.85 13.19
N GLY A 66 -9.70 30.24 12.30
CA GLY A 66 -10.18 29.11 11.53
C GLY A 66 -11.22 29.43 10.48
N ARG A 67 -11.28 30.69 10.02
CA ARG A 67 -12.20 31.08 8.95
C ARG A 67 -11.55 30.80 7.61
N ALA A 68 -12.29 30.16 6.71
CA ALA A 68 -11.79 29.62 5.46
C ALA A 68 -12.35 30.40 4.27
N VAL A 69 -11.54 30.52 3.23
CA VAL A 69 -11.86 31.21 1.99
C VAL A 69 -11.46 30.30 0.84
N LEU A 70 -12.32 30.25 -0.19
CA LEU A 70 -12.07 29.49 -1.41
C LEU A 70 -12.03 30.46 -2.58
N LEU A 71 -10.92 30.44 -3.32
CA LEU A 71 -10.80 31.14 -4.60
C LEU A 71 -11.16 30.15 -5.71
N ALA A 72 -12.18 30.47 -6.49
CA ALA A 72 -12.72 29.61 -7.53
C ALA A 72 -12.79 30.37 -8.84
N GLY A 73 -12.46 29.67 -9.93
CA GLY A 73 -12.54 30.24 -11.25
C GLY A 73 -11.78 29.38 -12.23
N PRO A 74 -11.83 29.70 -13.52
CA PRO A 74 -11.11 28.89 -14.51
C PRO A 74 -9.61 29.13 -14.43
N PRO A 75 -8.79 28.34 -15.11
CA PRO A 75 -7.34 28.51 -14.99
C PRO A 75 -6.85 29.84 -15.56
N GLY A 76 -5.76 30.34 -14.98
CA GLY A 76 -5.17 31.58 -15.42
C GLY A 76 -5.96 32.83 -15.11
N THR A 77 -6.79 32.82 -14.05
CA THR A 77 -7.58 33.96 -13.61
C THR A 77 -7.08 34.60 -12.32
N GLY A 78 -5.87 34.27 -11.87
CA GLY A 78 -5.24 34.99 -10.79
C GLY A 78 -5.60 34.53 -9.39
N LYS A 79 -5.96 33.26 -9.21
CA LYS A 79 -6.25 32.77 -7.87
C LYS A 79 -4.99 32.75 -7.01
N THR A 80 -3.92 32.14 -7.52
CA THR A 80 -2.65 32.19 -6.82
C THR A 80 -2.09 33.60 -6.79
N ALA A 81 -2.33 34.38 -7.84
CA ALA A 81 -1.91 35.78 -7.85
C ALA A 81 -2.61 36.57 -6.75
N LEU A 82 -3.91 36.32 -6.54
CA LEU A 82 -4.63 37.02 -5.48
C LEU A 82 -4.17 36.58 -4.10
N ALA A 83 -3.89 35.28 -3.92
CA ALA A 83 -3.37 34.81 -2.63
C ALA A 83 -2.01 35.41 -2.32
N LEU A 84 -1.13 35.48 -3.33
CA LEU A 84 0.18 36.09 -3.13
C LEU A 84 0.07 37.60 -2.96
N ALA A 85 -0.93 38.24 -3.57
CA ALA A 85 -1.17 39.65 -3.33
C ALA A 85 -1.61 39.89 -1.89
N ILE A 86 -2.43 38.99 -1.34
CA ILE A 86 -2.79 39.07 0.08
C ILE A 86 -1.55 38.91 0.95
N ALA A 87 -0.66 37.98 0.57
CA ALA A 87 0.57 37.79 1.32
C ALA A 87 1.46 39.04 1.28
N GLN A 88 1.50 39.70 0.13
CA GLN A 88 2.25 40.96 0.03
C GLN A 88 1.61 42.06 0.87
N GLU A 89 0.27 42.10 0.91
CA GLU A 89 -0.42 43.11 1.70
C GLU A 89 -0.16 42.92 3.19
N LEU A 90 -0.11 41.67 3.65
CA LEU A 90 0.13 41.42 5.06
C LEU A 90 1.55 41.80 5.46
N GLY A 91 2.53 41.49 4.61
CA GLY A 91 3.93 41.72 4.90
C GLY A 91 4.59 40.52 5.55
N SER A 92 5.92 40.61 5.67
CA SER A 92 6.72 39.51 6.19
C SER A 92 6.54 39.30 7.70
N LYS A 93 5.96 40.26 8.42
CA LYS A 93 5.70 40.06 9.85
C LYS A 93 4.69 38.95 10.08
N VAL A 94 3.64 38.91 9.28
CA VAL A 94 2.58 37.91 9.43
C VAL A 94 3.05 36.60 8.77
N PRO A 95 2.98 35.44 9.42
CA PRO A 95 3.39 34.21 8.72
C PRO A 95 2.40 33.81 7.65
N PHE A 96 2.94 33.49 6.47
CA PHE A 96 2.18 33.03 5.31
C PHE A 96 2.79 31.70 4.87
N CYS A 97 2.03 30.61 5.06
CA CYS A 97 2.48 29.24 4.82
C CYS A 97 1.86 28.72 3.54
N PRO A 98 2.50 28.89 2.37
CA PRO A 98 1.95 28.27 1.16
C PRO A 98 2.06 26.76 1.22
N MET A 99 1.07 26.10 0.61
CA MET A 99 0.93 24.66 0.65
C MET A 99 0.25 24.22 -0.64
N VAL A 100 0.58 22.99 -1.05
CA VAL A 100 -0.06 22.32 -2.19
C VAL A 100 -0.75 21.08 -1.63
N GLY A 101 -1.93 20.76 -2.20
CA GLY A 101 -2.73 19.67 -1.68
C GLY A 101 -2.06 18.32 -1.77
N SER A 102 -1.24 18.10 -2.81
CA SER A 102 -0.55 16.81 -2.95
C SER A 102 0.59 16.62 -1.96
N GLU A 103 1.00 17.66 -1.22
CA GLU A 103 2.05 17.51 -0.21
C GLU A 103 1.62 16.70 1.01
N VAL A 104 0.31 16.46 1.21
CA VAL A 104 -0.13 15.70 2.36
C VAL A 104 0.26 14.23 2.29
N TYR A 105 0.54 13.69 1.09
CA TYR A 105 0.84 12.27 0.91
C TYR A 105 2.30 12.02 1.26
N SER A 106 2.56 11.96 2.56
CA SER A 106 3.90 11.75 3.11
C SER A 106 4.13 10.27 3.38
N THR A 107 5.36 9.81 3.12
CA THR A 107 5.74 8.45 3.48
C THR A 107 5.98 8.28 4.97
N GLU A 108 6.31 9.35 5.70
CA GLU A 108 6.74 9.26 7.09
C GLU A 108 5.60 9.43 8.09
N ILE A 109 4.66 10.36 7.82
CA ILE A 109 3.59 10.71 8.74
C ILE A 109 2.26 10.73 7.99
N LYS A 110 1.19 10.58 8.75
CA LYS A 110 -0.14 10.53 8.16
C LYS A 110 -0.54 11.92 7.65
N LYS A 111 -1.58 11.94 6.82
CA LYS A 111 -1.97 13.15 6.12
C LYS A 111 -2.51 14.22 7.07
N THR A 112 -3.27 13.79 8.09
CA THR A 112 -3.79 14.74 9.06
C THR A 112 -2.66 15.36 9.89
N GLU A 113 -1.58 14.62 10.12
CA GLU A 113 -0.41 15.20 10.77
C GLU A 113 0.22 16.27 9.90
N VAL A 114 0.31 16.05 8.59
CA VAL A 114 0.90 17.04 7.68
C VAL A 114 0.04 18.30 7.68
N LEU A 115 -1.27 18.12 7.63
CA LEU A 115 -2.19 19.25 7.69
C LEU A 115 -2.06 20.01 9.01
N MET A 116 -2.00 19.27 10.13
CA MET A 116 -1.85 19.89 11.44
C MET A 116 -0.54 20.66 11.57
N GLU A 117 0.55 20.10 11.03
CA GLU A 117 1.83 20.80 11.04
C GLU A 117 1.79 22.09 10.23
N ASN A 118 1.14 22.07 9.07
CA ASN A 118 1.01 23.31 8.29
C ASN A 118 0.13 24.34 8.98
N PHE A 119 -0.98 23.89 9.60
CA PHE A 119 -1.87 24.78 10.34
C PHE A 119 -1.13 25.44 11.51
N ARG A 120 -0.31 24.66 12.22
CA ARG A 120 0.48 25.20 13.32
C ARG A 120 1.61 26.10 12.84
N ARG A 121 2.16 25.80 11.65
CA ARG A 121 3.16 26.68 11.05
C ARG A 121 2.59 28.05 10.76
N ALA A 122 1.30 28.13 10.41
CA ALA A 122 0.70 29.42 10.04
C ALA A 122 0.39 30.32 11.23
N ILE A 123 0.60 29.88 12.48
CA ILE A 123 0.39 30.71 13.68
C ILE A 123 1.77 31.14 14.20
N GLY A 124 2.01 32.46 14.23
CA GLY A 124 3.30 33.01 14.60
C GLY A 124 3.34 33.48 16.06
N LEU A 125 4.56 33.77 16.50
CA LEU A 125 4.80 34.18 17.89
C LEU A 125 6.12 34.94 17.94
N ARG A 126 6.08 36.21 18.34
CA ARG A 126 7.25 37.04 18.54
C ARG A 126 7.59 37.08 20.03
N ILE A 127 8.77 36.55 20.39
CA ILE A 127 9.21 36.40 21.77
C ILE A 127 10.26 37.46 22.07
N LYS A 128 10.09 38.16 23.18
CA LYS A 128 11.06 39.17 23.60
C LYS A 128 12.37 38.52 24.04
N ILE A 238 14.46 39.61 20.30
CA ILE A 238 13.38 39.43 19.34
C ILE A 238 13.71 38.25 18.44
N GLN A 239 12.90 37.19 18.54
CA GLN A 239 12.99 36.01 17.68
C GLN A 239 11.60 35.62 17.23
N ASP A 240 11.47 35.25 15.96
CA ASP A 240 10.22 34.81 15.35
C ASP A 240 10.19 33.29 15.36
N VAL A 241 9.17 32.73 15.99
CA VAL A 241 8.90 31.30 15.96
C VAL A 241 7.41 31.09 15.69
N THR A 242 7.08 29.87 15.27
CA THR A 242 5.71 29.41 15.09
C THR A 242 5.42 28.34 16.12
N LEU A 243 4.14 27.97 16.23
CA LEU A 243 3.76 26.89 17.13
C LEU A 243 4.36 25.56 16.69
N HIS A 244 4.52 25.36 15.38
CA HIS A 244 5.14 24.15 14.89
C HIS A 244 6.62 24.06 15.28
N ASP A 245 7.31 25.20 15.34
CA ASP A 245 8.70 25.20 15.80
C ASP A 245 8.81 24.74 17.25
N LEU A 246 7.93 25.23 18.12
CA LEU A 246 7.94 24.79 19.50
C LEU A 246 7.52 23.33 19.61
N ASP A 247 6.59 22.89 18.75
CA ASP A 247 6.16 21.50 18.74
C ASP A 247 7.31 20.56 18.41
N VAL A 248 8.01 20.83 17.31
CA VAL A 248 9.12 19.96 16.91
C VAL A 248 10.30 20.10 17.88
N ALA A 249 10.47 21.27 18.49
CA ALA A 249 11.55 21.43 19.47
C ALA A 249 11.29 20.60 20.72
N ASN A 250 10.05 20.59 21.23
CA ASN A 250 9.70 19.87 22.44
C ASN A 250 9.31 18.41 22.20
N ALA A 251 9.15 17.97 20.95
CA ALA A 251 8.80 16.58 20.69
C ALA A 251 9.97 15.65 21.00
N ARG A 252 11.20 16.09 20.76
CA ARG A 252 12.41 15.31 20.97
C ARG A 252 13.49 16.24 21.52
N PRO A 253 14.57 15.68 22.10
CA PRO A 253 15.56 16.59 22.70
C PRO A 253 16.37 17.37 21.67
N MET A 263 23.42 9.55 20.92
CA MET A 263 23.24 8.82 19.66
C MET A 263 22.14 9.41 18.78
N GLY A 264 21.19 10.15 19.36
CA GLY A 264 20.07 10.69 18.59
C GLY A 264 20.47 11.72 17.55
N GLN A 265 21.62 12.39 17.73
CA GLN A 265 22.05 13.35 16.72
C GLN A 265 22.42 12.67 15.41
N LEU A 266 23.04 11.49 15.49
CA LEU A 266 23.42 10.73 14.30
C LEU A 266 22.25 9.94 13.71
N MET A 267 21.28 9.56 14.54
CA MET A 267 20.13 8.80 14.06
C MET A 267 19.27 9.68 13.17
N LYS A 268 18.65 9.04 12.17
CA LYS A 268 17.92 9.72 11.10
C LYS A 268 16.74 10.53 11.66
N PRO A 269 16.63 11.87 11.39
CA PRO A 269 15.51 12.63 12.00
C PRO A 269 14.18 12.45 11.26
N LYS A 270 13.49 11.36 11.58
CA LYS A 270 12.19 11.08 10.99
C LYS A 270 11.14 12.04 11.54
N LYS A 271 10.19 12.41 10.69
CA LYS A 271 8.99 13.09 11.16
C LYS A 271 8.17 12.14 12.03
N THR A 272 7.44 12.71 12.98
CA THR A 272 6.66 11.97 13.97
C THR A 272 5.28 12.56 14.09
N GLU A 273 4.32 11.72 14.49
CA GLU A 273 2.92 12.10 14.62
C GLU A 273 2.74 12.72 16.00
N ILE A 274 2.94 14.04 16.07
CA ILE A 274 2.95 14.76 17.34
C ILE A 274 1.54 14.76 17.93
N THR A 275 1.45 14.41 19.20
CA THR A 275 0.16 14.23 19.86
C THR A 275 -0.46 15.58 20.22
N ASP A 276 -1.77 15.55 20.45
CA ASP A 276 -2.48 16.73 20.93
C ASP A 276 -2.15 17.07 22.37
N LYS A 277 -1.64 16.11 23.15
CA LYS A 277 -1.17 16.41 24.50
C LYS A 277 -0.02 17.40 24.48
N LEU A 278 0.97 17.16 23.62
CA LEU A 278 2.10 18.07 23.50
C LEU A 278 1.67 19.43 22.98
N ARG A 279 0.75 19.46 22.02
CA ARG A 279 0.30 20.74 21.46
C ARG A 279 -0.50 21.53 22.48
N GLY A 280 -1.31 20.86 23.31
CA GLY A 280 -2.00 21.54 24.39
C GLY A 280 -1.05 22.08 25.43
N GLU A 281 0.01 21.33 25.74
CA GLU A 281 1.02 21.80 26.69
C GLU A 281 1.75 23.04 26.13
N ILE A 282 2.07 23.02 24.83
CA ILE A 282 2.70 24.17 24.21
C ILE A 282 1.74 25.36 24.20
N ASN A 283 0.44 25.11 24.02
CA ASN A 283 -0.54 26.19 24.06
C ASN A 283 -0.60 26.82 25.44
N LYS A 284 -0.57 26.00 26.49
CA LYS A 284 -0.55 26.53 27.85
C LYS A 284 0.72 27.33 28.12
N VAL A 285 1.87 26.84 27.64
CA VAL A 285 3.13 27.56 27.85
C VAL A 285 3.13 28.88 27.10
N VAL A 286 2.58 28.91 25.88
CA VAL A 286 2.53 30.14 25.11
C VAL A 286 1.57 31.14 25.75
N ASN A 287 0.46 30.64 26.33
CA ASN A 287 -0.44 31.53 27.07
C ASN A 287 0.24 32.11 28.30
N LYS A 288 1.05 31.31 29.00
CA LYS A 288 1.81 31.83 30.13
C LYS A 288 2.82 32.88 29.70
N TYR A 289 3.46 32.66 28.55
CA TYR A 289 4.39 33.65 28.00
C TYR A 289 3.66 34.95 27.65
N ILE A 290 2.46 34.84 27.07
CA ILE A 290 1.70 36.01 26.70
C ILE A 290 1.23 36.76 27.93
N ASP A 291 0.90 36.03 29.01
CA ASP A 291 0.48 36.66 30.26
C ASP A 291 1.59 37.52 30.86
N GLN A 292 2.82 37.06 30.78
CA GLN A 292 3.96 37.76 31.34
C GLN A 292 4.42 38.95 30.51
N GLY A 293 3.85 39.17 29.32
CA GLY A 293 4.33 40.21 28.42
C GLY A 293 5.58 39.86 27.63
N ILE A 294 6.08 38.63 27.72
CA ILE A 294 7.30 38.25 27.01
C ILE A 294 7.00 38.04 25.52
N ALA A 295 5.91 37.34 25.22
CA ALA A 295 5.55 36.91 23.87
C ALA A 295 4.35 37.69 23.34
N GLU A 296 4.25 37.74 22.01
CA GLU A 296 3.12 38.33 21.30
C GLU A 296 2.71 37.37 20.19
N LEU A 297 1.42 37.02 20.16
CA LEU A 297 0.92 36.11 19.14
C LEU A 297 0.70 36.84 17.82
N VAL A 298 1.02 36.15 16.73
CA VAL A 298 0.91 36.67 15.36
C VAL A 298 0.12 35.64 14.55
N PRO A 299 -1.21 35.62 14.62
CA PRO A 299 -1.98 34.66 13.81
C PRO A 299 -1.89 35.00 12.33
N GLY A 300 -1.57 34.00 11.52
CA GLY A 300 -1.28 34.15 10.11
C GLY A 300 -2.24 33.45 9.18
N VAL A 301 -1.71 32.97 8.04
CA VAL A 301 -2.49 32.43 6.94
C VAL A 301 -1.84 31.14 6.47
N LEU A 302 -2.67 30.14 6.18
CA LEU A 302 -2.29 28.92 5.47
C LEU A 302 -2.99 28.93 4.12
N PHE A 303 -2.19 28.96 3.04
CA PHE A 303 -2.69 28.98 1.66
C PHE A 303 -2.51 27.57 1.07
N VAL A 304 -3.61 26.84 0.99
CA VAL A 304 -3.63 25.50 0.40
C VAL A 304 -4.09 25.66 -1.05
N ASP A 305 -3.12 25.85 -1.94
CA ASP A 305 -3.39 25.80 -3.37
C ASP A 305 -3.61 24.35 -3.79
N GLU A 306 -4.34 24.16 -4.89
CA GLU A 306 -4.60 22.84 -5.46
C GLU A 306 -5.34 21.92 -4.47
N VAL A 307 -6.34 22.49 -3.78
CA VAL A 307 -7.02 21.78 -2.69
C VAL A 307 -7.78 20.54 -3.18
N HIS A 308 -8.18 20.52 -4.45
CA HIS A 308 -8.81 19.32 -5.05
C HIS A 308 -7.93 18.07 -4.96
N MET A 309 -6.60 18.22 -4.90
CA MET A 309 -5.72 17.05 -4.72
C MET A 309 -5.86 16.40 -3.35
N LEU A 310 -6.40 17.09 -2.35
CA LEU A 310 -6.72 16.43 -1.09
C LEU A 310 -7.81 15.39 -1.32
N ASP A 311 -7.80 14.35 -0.49
CA ASP A 311 -8.79 13.29 -0.52
C ASP A 311 -9.81 13.51 0.61
N ILE A 312 -10.80 12.62 0.66
CA ILE A 312 -11.97 12.81 1.51
C ILE A 312 -11.61 12.76 3.00
N GLU A 313 -10.59 11.97 3.37
CA GLU A 313 -10.14 11.95 4.76
C GLU A 313 -9.57 13.29 5.18
N CYS A 314 -8.77 13.91 4.31
CA CYS A 314 -8.21 15.23 4.58
C CYS A 314 -9.30 16.28 4.69
N PHE A 315 -10.29 16.23 3.78
CA PHE A 315 -11.39 17.18 3.81
C PHE A 315 -12.21 17.03 5.07
N THR A 316 -12.40 15.79 5.55
CA THR A 316 -13.15 15.58 6.77
C THR A 316 -12.39 16.10 7.98
N TYR A 317 -11.06 15.89 8.01
CA TYR A 317 -10.24 16.43 9.09
C TYR A 317 -10.24 17.97 9.08
N LEU A 318 -10.38 18.58 7.90
CA LEU A 318 -10.41 20.04 7.83
C LEU A 318 -11.61 20.65 8.55
N HIS A 319 -12.71 19.90 8.75
CA HIS A 319 -13.82 20.42 9.55
C HIS A 319 -13.38 20.69 10.98
N ARG A 320 -12.75 19.70 11.61
CA ARG A 320 -12.22 19.87 12.96
C ARG A 320 -11.13 20.92 13.01
N ALA A 321 -10.27 20.96 11.97
CA ALA A 321 -9.19 21.95 11.95
C ALA A 321 -9.73 23.37 11.87
N LEU A 322 -10.73 23.61 11.01
CA LEU A 322 -11.25 24.96 10.82
C LEU A 322 -12.18 25.39 11.97
N GLU A 323 -12.89 24.47 12.59
CA GLU A 323 -13.79 24.82 13.69
C GLU A 323 -13.06 25.11 15.00
N SER A 324 -11.74 24.95 15.07
CA SER A 324 -10.99 25.22 16.28
C SER A 324 -10.90 26.72 16.55
N SER A 325 -10.84 27.07 17.84
CA SER A 325 -10.65 28.44 18.29
C SER A 325 -9.23 28.96 18.12
N ILE A 326 -8.27 28.10 17.78
CA ILE A 326 -6.85 28.47 17.70
C ILE A 326 -6.39 28.63 16.25
N ALA A 327 -7.11 28.08 15.27
CA ALA A 327 -6.61 27.93 13.92
C ALA A 327 -6.45 29.27 13.20
N PRO A 328 -5.58 29.36 12.20
CA PRO A 328 -5.46 30.60 11.42
C PRO A 328 -6.55 30.73 10.36
N ILE A 329 -6.53 31.87 9.68
CA ILE A 329 -7.30 32.02 8.45
C ILE A 329 -6.72 31.08 7.41
N VAL A 330 -7.58 30.50 6.58
CA VAL A 330 -7.20 29.55 5.54
C VAL A 330 -7.72 30.07 4.21
N ILE A 331 -6.89 29.96 3.17
CA ILE A 331 -7.25 30.30 1.80
C ILE A 331 -7.06 29.04 0.96
N PHE A 332 -8.11 28.64 0.26
CA PHE A 332 -8.12 27.52 -0.66
C PHE A 332 -8.22 28.06 -2.08
N ALA A 333 -7.66 27.30 -3.02
CA ALA A 333 -7.75 27.60 -4.45
C ALA A 333 -8.06 26.33 -5.22
N SER A 334 -8.94 26.44 -6.21
CA SER A 334 -9.31 25.33 -7.05
C SER A 334 -9.82 25.86 -8.37
N ASN A 335 -9.53 25.13 -9.45
CA ASN A 335 -10.06 25.37 -10.78
C ASN A 335 -10.84 24.18 -11.35
N ARG A 336 -11.06 23.13 -10.56
CA ARG A 336 -11.80 21.98 -11.05
C ARG A 336 -13.27 22.35 -11.24
N GLY A 337 -13.88 21.73 -12.23
CA GLY A 337 -15.32 21.80 -12.43
C GLY A 337 -16.00 20.79 -11.52
N ASN A 338 -17.20 20.38 -11.92
CA ASN A 338 -18.01 19.49 -11.10
C ASN A 338 -17.38 18.11 -11.21
N CYS A 339 -16.54 17.78 -10.22
CA CYS A 339 -15.50 16.77 -10.34
C CYS A 339 -15.61 15.73 -9.23
N VAL A 340 -15.01 14.57 -9.48
CA VAL A 340 -15.02 13.47 -8.51
C VAL A 340 -14.02 13.78 -7.40
N ILE A 341 -14.46 13.61 -6.15
CA ILE A 341 -13.57 13.83 -5.01
C ILE A 341 -12.62 12.65 -4.89
N ARG A 342 -11.34 12.94 -4.65
CA ARG A 342 -10.36 11.89 -4.52
C ARG A 342 -10.61 11.08 -3.25
N GLY A 343 -10.41 9.77 -3.35
CA GLY A 343 -10.67 8.86 -2.25
C GLY A 343 -12.09 8.35 -2.13
N THR A 344 -13.03 8.87 -2.93
CA THR A 344 -14.41 8.42 -2.98
C THR A 344 -14.68 7.68 -4.29
N GLU A 345 -15.76 6.91 -4.29
CA GLU A 345 -16.13 6.04 -5.42
C GLU A 345 -17.08 6.83 -6.34
N ASP A 346 -16.50 7.79 -7.07
CA ASP A 346 -17.21 8.54 -8.10
C ASP A 346 -18.35 9.40 -7.52
N ILE A 347 -18.10 9.97 -6.35
CA ILE A 347 -18.99 10.94 -5.72
C ILE A 347 -18.58 12.29 -6.30
N THR A 348 -19.39 12.81 -7.22
CA THR A 348 -19.11 14.05 -7.92
C THR A 348 -19.59 15.22 -7.08
N SER A 349 -18.85 16.32 -7.12
CA SER A 349 -19.04 17.47 -6.24
C SER A 349 -18.56 18.73 -6.96
N PRO A 350 -19.08 19.97 -6.55
CA PRO A 350 -18.85 21.17 -7.39
C PRO A 350 -17.43 21.60 -7.75
N HIS A 351 -16.51 21.76 -6.80
CA HIS A 351 -15.15 22.21 -7.07
C HIS A 351 -14.13 21.10 -6.87
N GLY A 352 -14.61 19.85 -6.85
CA GLY A 352 -13.71 18.74 -6.48
C GLY A 352 -13.60 18.74 -4.97
N ILE A 353 -14.44 19.54 -4.30
CA ILE A 353 -14.39 19.68 -2.81
C ILE A 353 -15.77 19.33 -2.23
N PRO A 354 -15.86 18.51 -1.17
CA PRO A 354 -17.15 18.11 -0.60
C PRO A 354 -18.05 19.26 -0.18
N LEU A 355 -19.37 19.06 -0.25
CA LEU A 355 -20.32 20.08 0.15
C LEU A 355 -20.20 20.42 1.63
N ASP A 356 -19.75 19.46 2.46
CA ASP A 356 -19.55 19.71 3.89
C ASP A 356 -18.53 20.82 4.13
N LEU A 357 -17.41 20.79 3.40
CA LEU A 357 -16.41 21.85 3.51
C LEU A 357 -16.83 23.12 2.79
N LEU A 358 -17.55 23.00 1.67
CA LEU A 358 -18.02 24.19 0.96
C LEU A 358 -19.01 24.98 1.78
N ASP A 359 -19.78 24.31 2.66
CA ASP A 359 -20.62 25.04 3.61
C ASP A 359 -19.80 25.89 4.57
N ARG A 360 -18.58 25.46 4.90
CA ARG A 360 -17.75 26.14 5.90
C ARG A 360 -16.93 27.31 5.35
N VAL A 361 -16.87 27.52 4.03
CA VAL A 361 -16.00 28.50 3.39
C VAL A 361 -16.86 29.57 2.72
N MET A 362 -16.29 30.78 2.63
CA MET A 362 -16.78 31.82 1.72
C MET A 362 -16.03 31.70 0.39
N ILE A 363 -16.75 31.94 -0.70
CA ILE A 363 -16.26 31.68 -2.05
C ILE A 363 -16.04 33.02 -2.76
N ILE A 364 -14.82 33.25 -3.23
CA ILE A 364 -14.45 34.41 -4.02
C ILE A 364 -14.27 33.94 -5.46
N ARG A 365 -15.02 34.55 -6.37
CA ARG A 365 -15.04 34.16 -7.77
C ARG A 365 -14.10 35.04 -8.59
N THR A 366 -13.27 34.40 -9.42
CA THR A 366 -12.39 35.08 -10.37
C THR A 366 -12.91 34.86 -11.79
N MET A 367 -12.77 35.91 -12.61
CA MET A 367 -13.28 35.99 -13.98
C MET A 367 -12.16 35.81 -15.00
N LEU A 368 -12.56 35.39 -16.19
CA LEU A 368 -11.70 35.44 -17.35
C LEU A 368 -11.52 36.89 -17.78
N TYR A 369 -10.35 37.18 -18.34
CA TYR A 369 -9.96 38.54 -18.70
C TYR A 369 -10.35 38.87 -20.13
N THR A 370 -10.61 40.15 -20.36
CA THR A 370 -10.88 40.66 -21.69
C THR A 370 -9.56 40.75 -22.46
N PRO A 371 -9.61 41.03 -23.78
CA PRO A 371 -8.36 41.27 -24.50
C PRO A 371 -7.56 42.48 -24.00
N GLN A 372 -8.24 43.52 -23.52
CA GLN A 372 -7.53 44.71 -23.06
C GLN A 372 -6.82 44.44 -21.73
N GLU A 373 -7.49 43.74 -20.82
CA GLU A 373 -6.87 43.34 -19.57
C GLU A 373 -5.70 42.40 -19.82
N MET A 374 -5.84 41.50 -20.80
CA MET A 374 -4.74 40.61 -21.17
C MET A 374 -3.56 41.38 -21.72
N LYS A 375 -3.81 42.41 -22.55
CA LYS A 375 -2.72 43.22 -23.07
C LYS A 375 -2.03 44.00 -21.95
N GLN A 376 -2.80 44.49 -20.98
CA GLN A 376 -2.20 45.16 -19.82
C GLN A 376 -1.33 44.21 -19.01
N ILE A 377 -1.79 42.97 -18.82
CA ILE A 377 -1.01 41.99 -18.07
C ILE A 377 0.27 41.64 -18.83
N ILE A 378 0.17 41.53 -20.16
CA ILE A 378 1.36 41.21 -20.96
C ILE A 378 2.35 42.35 -20.92
N LYS A 379 1.86 43.60 -20.93
CA LYS A 379 2.76 44.75 -20.83
C LYS A 379 3.44 44.79 -19.47
N ILE A 380 2.71 44.48 -18.39
CA ILE A 380 3.31 44.45 -17.06
C ILE A 380 4.36 43.35 -16.97
N ARG A 381 4.10 42.19 -17.59
CA ARG A 381 5.08 41.11 -17.57
C ARG A 381 6.30 41.45 -18.41
N ALA A 382 6.13 42.17 -19.52
CA ALA A 382 7.27 42.63 -20.29
C ALA A 382 8.11 43.62 -19.49
N GLN A 383 7.46 44.53 -18.77
CA GLN A 383 8.20 45.47 -17.93
C GLN A 383 8.94 44.76 -16.80
N THR A 384 8.31 43.75 -16.20
CA THR A 384 8.93 43.05 -15.08
C THR A 384 10.13 42.23 -15.52
N GLU A 385 10.05 41.60 -16.69
CA GLU A 385 11.14 40.80 -17.24
C GLU A 385 12.21 41.65 -17.94
N GLY A 386 12.15 42.97 -17.88
CA GLY A 386 13.16 43.82 -18.48
C GLY A 386 13.17 43.75 -19.99
N ILE A 387 11.99 43.66 -20.61
CA ILE A 387 11.81 43.43 -22.04
C ILE A 387 11.10 44.64 -22.62
N ASN A 388 11.73 45.28 -23.61
CA ASN A 388 11.07 46.29 -24.42
C ASN A 388 10.34 45.61 -25.56
N ILE A 389 9.11 46.06 -25.81
CA ILE A 389 8.24 45.50 -26.84
C ILE A 389 7.49 46.65 -27.52
N SER A 390 7.48 46.63 -28.84
CA SER A 390 6.76 47.64 -29.59
C SER A 390 5.24 47.42 -29.45
N GLU A 391 4.48 48.48 -29.73
CA GLU A 391 3.04 48.40 -29.60
C GLU A 391 2.42 47.46 -30.62
N GLU A 392 3.05 47.30 -31.79
CA GLU A 392 2.52 46.37 -32.78
C GLU A 392 2.75 44.94 -32.33
N ALA A 393 3.94 44.65 -31.79
CA ALA A 393 4.21 43.34 -31.23
C ALA A 393 3.33 43.06 -30.01
N LEU A 394 3.06 44.09 -29.20
CA LEU A 394 2.15 43.93 -28.07
C LEU A 394 0.74 43.61 -28.53
N ASN A 395 0.26 44.27 -29.59
CA ASN A 395 -1.05 43.96 -30.14
C ASN A 395 -1.10 42.54 -30.68
N HIS A 396 -0.05 42.10 -31.38
CA HIS A 396 -0.02 40.74 -31.90
C HIS A 396 0.00 39.71 -30.77
N LEU A 397 0.76 39.98 -29.71
CA LEU A 397 0.72 39.09 -28.55
C LEU A 397 -0.64 39.11 -27.88
N GLY A 398 -1.35 40.24 -27.91
CA GLY A 398 -2.70 40.26 -27.38
C GLY A 398 -3.65 39.39 -28.17
N GLU A 399 -3.56 39.44 -29.51
CA GLU A 399 -4.36 38.54 -30.34
C GLU A 399 -4.00 37.08 -30.09
N ILE A 400 -2.71 36.78 -29.93
CA ILE A 400 -2.29 35.39 -29.66
C ILE A 400 -2.83 34.95 -28.30
N GLY A 401 -2.82 35.84 -27.31
CA GLY A 401 -3.32 35.47 -26.00
C GLY A 401 -4.82 35.25 -26.00
N THR A 402 -5.56 36.07 -26.74
CA THR A 402 -6.99 35.84 -26.89
C THR A 402 -7.26 34.52 -27.63
N LYS A 403 -6.42 34.20 -28.62
CA LYS A 403 -6.64 32.97 -29.38
C LYS A 403 -6.36 31.72 -28.56
N THR A 404 -5.29 31.73 -27.74
CA THR A 404 -4.84 30.53 -27.02
C THR A 404 -5.04 30.64 -25.52
N THR A 405 -4.29 31.52 -24.84
CA THR A 405 -4.30 31.68 -23.38
C THR A 405 -3.39 32.85 -23.02
N LEU A 406 -3.67 33.46 -21.87
CA LEU A 406 -2.80 34.50 -21.34
C LEU A 406 -1.43 33.95 -21.00
N ARG A 407 -1.39 32.74 -20.42
CA ARG A 407 -0.13 32.18 -19.92
C ARG A 407 0.83 31.88 -21.06
N TYR A 408 0.32 31.34 -22.17
CA TYR A 408 1.15 31.06 -23.34
C TYR A 408 1.72 32.34 -23.94
N SER A 409 0.88 33.38 -24.04
CA SER A 409 1.30 34.65 -24.59
C SER A 409 2.36 35.32 -23.71
N VAL A 410 2.21 35.19 -22.39
CA VAL A 410 3.23 35.71 -21.48
C VAL A 410 4.52 34.91 -21.62
N GLN A 411 4.39 33.59 -21.84
CA GLN A 411 5.59 32.76 -22.01
C GLN A 411 6.36 33.09 -23.28
N LEU A 412 5.68 33.61 -24.31
CA LEU A 412 6.38 33.94 -25.54
C LEU A 412 7.32 35.15 -25.45
N LEU A 413 7.29 35.93 -24.36
CA LEU A 413 8.00 37.21 -24.33
C LEU A 413 9.51 37.03 -24.33
N THR A 414 10.04 36.24 -23.40
CA THR A 414 11.48 36.06 -23.26
C THR A 414 12.12 35.37 -24.47
N PRO A 415 11.53 34.31 -25.06
CA PRO A 415 12.06 33.80 -26.33
C PRO A 415 12.08 34.83 -27.45
N ALA A 416 11.06 35.68 -27.56
CA ALA A 416 11.07 36.72 -28.57
C ALA A 416 12.16 37.75 -28.31
N ASN A 417 12.39 38.08 -27.03
CA ASN A 417 13.48 38.99 -26.69
C ASN A 417 14.84 38.38 -27.03
N LEU A 418 15.02 37.09 -26.74
CA LEU A 418 16.28 36.42 -27.08
C LEU A 418 16.47 36.36 -28.59
N LEU A 419 15.38 36.13 -29.34
CA LEU A 419 15.47 36.12 -30.79
C LEU A 419 15.83 37.50 -31.34
N ALA A 420 15.26 38.55 -30.75
CA ALA A 420 15.62 39.91 -31.16
C ALA A 420 17.07 40.23 -30.84
N LYS A 421 17.56 39.77 -29.69
CA LYS A 421 18.96 39.97 -29.34
C LYS A 421 19.89 39.22 -30.27
N ILE A 422 19.47 38.03 -30.72
CA ILE A 422 20.27 37.28 -31.71
C ILE A 422 20.32 38.06 -33.02
N ASN A 423 19.24 38.73 -33.39
CA ASN A 423 19.15 39.53 -34.61
C ASN A 423 19.63 40.98 -34.41
N GLY A 424 20.41 41.25 -33.36
CA GLY A 424 20.98 42.58 -33.18
C GLY A 424 19.97 43.67 -32.89
N LYS A 425 19.00 43.41 -32.00
CA LYS A 425 18.00 44.38 -31.60
C LYS A 425 17.68 44.19 -30.13
N ASP A 426 17.21 45.27 -29.49
CA ASP A 426 16.90 45.32 -28.06
C ASP A 426 15.42 45.65 -27.84
N SER A 427 14.55 45.23 -28.76
CA SER A 427 13.12 45.47 -28.66
C SER A 427 12.42 44.47 -29.55
N ILE A 428 11.38 43.83 -29.02
CA ILE A 428 10.64 42.85 -29.79
C ILE A 428 9.80 43.60 -30.82
N GLU A 429 10.01 43.28 -32.10
CA GLU A 429 9.12 43.65 -33.17
C GLU A 429 8.18 42.49 -33.47
N LYS A 430 7.33 42.65 -34.47
CA LYS A 430 6.26 41.69 -34.71
C LYS A 430 6.81 40.36 -35.23
N GLU A 431 7.76 40.41 -36.17
CA GLU A 431 8.21 39.18 -36.84
C GLU A 431 8.90 38.23 -35.87
N HIS A 432 9.51 38.77 -34.81
CA HIS A 432 10.05 37.93 -33.74
C HIS A 432 8.94 37.15 -33.05
N VAL A 433 7.79 37.80 -32.82
CA VAL A 433 6.67 37.13 -32.16
C VAL A 433 6.08 36.06 -33.07
N GLU A 434 5.98 36.34 -34.38
CA GLU A 434 5.44 35.31 -35.28
C GLU A 434 6.40 34.14 -35.44
N GLU A 435 7.71 34.41 -35.45
CA GLU A 435 8.69 33.32 -35.51
C GLU A 435 8.64 32.46 -34.26
N ILE A 436 8.51 33.08 -33.08
CA ILE A 436 8.41 32.30 -31.85
C ILE A 436 7.10 31.52 -31.80
N SER A 437 6.01 32.10 -32.31
CA SER A 437 4.74 31.37 -32.36
C SER A 437 4.83 30.19 -33.31
N GLU A 438 5.55 30.34 -34.42
CA GLU A 438 5.79 29.21 -35.31
C GLU A 438 6.65 28.13 -34.66
N LEU A 439 7.65 28.53 -33.87
CA LEU A 439 8.55 27.55 -33.26
C LEU A 439 7.91 26.77 -32.12
N PHE A 440 7.10 27.44 -31.29
CA PHE A 440 6.54 26.88 -30.06
C PHE A 440 5.04 26.77 -30.18
N TYR A 441 4.49 25.64 -29.72
CA TYR A 441 3.08 25.31 -29.84
C TYR A 441 2.38 25.53 -28.51
N ASP A 442 1.14 26.01 -28.58
CA ASP A 442 0.25 26.04 -27.42
C ASP A 442 -0.39 24.67 -27.25
N ALA A 443 -1.19 24.53 -26.18
CA ALA A 443 -1.75 23.23 -25.84
C ALA A 443 -2.79 22.78 -26.86
N LYS A 444 -3.61 23.71 -27.38
CA LYS A 444 -4.68 23.33 -28.29
C LYS A 444 -4.15 22.87 -29.64
N SER A 445 -3.14 23.57 -30.18
CA SER A 445 -2.57 23.18 -31.47
C SER A 445 -1.88 21.83 -31.39
N SER A 446 -1.16 21.58 -30.29
CA SER A 446 -0.52 20.29 -30.09
C SER A 446 -1.55 19.18 -29.91
N ALA A 447 -2.65 19.47 -29.21
CA ALA A 447 -3.73 18.50 -29.08
C ALA A 447 -4.35 18.21 -30.45
N LYS A 448 -4.46 19.23 -31.30
CA LYS A 448 -4.99 19.03 -32.65
C LYS A 448 -4.09 18.13 -33.48
N ILE A 449 -2.77 18.34 -33.39
CA ILE A 449 -1.82 17.49 -34.11
C ILE A 449 -1.88 16.06 -33.58
N LEU A 450 -1.98 15.90 -32.26
CA LEU A 450 -2.07 14.57 -31.66
C LEU A 450 -3.34 13.85 -32.08
N ALA A 451 -4.46 14.57 -32.14
CA ALA A 451 -5.70 13.96 -32.58
C ALA A 451 -5.65 13.57 -34.05
N ASP A 452 -5.02 14.40 -34.88
CA ASP A 452 -4.87 14.06 -36.30
C ASP A 452 -3.98 12.85 -36.50
N GLN A 453 -2.91 12.71 -35.70
CA GLN A 453 -1.90 11.67 -35.86
C GLN A 453 -2.00 10.62 -34.75
N GLN A 454 -3.22 10.24 -34.38
CA GLN A 454 -3.45 9.46 -33.16
C GLN A 454 -2.87 8.05 -33.26
N ASP A 455 -2.94 7.43 -34.45
CA ASP A 455 -2.42 6.08 -34.60
C ASP A 455 -0.90 6.03 -34.47
N LYS A 456 -0.20 7.12 -34.85
CA LYS A 456 1.26 7.13 -34.76
C LYS A 456 1.73 7.30 -33.32
N TYR A 457 1.04 8.13 -32.54
CA TYR A 457 1.42 8.35 -31.15
C TYR A 457 1.02 7.16 -30.28
N MET A 458 1.70 7.04 -29.14
CA MET A 458 1.46 5.94 -28.21
C MET A 458 0.30 6.26 -27.26
N LYS A 459 -0.21 5.21 -26.62
CA LYS A 459 -1.36 5.30 -25.72
C LYS A 459 -1.09 4.51 -24.44
N GLN B 16 -16.72 -1.76 40.93
CA GLN B 16 -16.35 -2.09 39.52
C GLN B 16 -17.44 -1.61 38.56
N ARG B 17 -17.02 -1.26 37.35
CA ARG B 17 -17.93 -0.72 36.35
C ARG B 17 -18.69 -1.84 35.64
N ILE B 18 -19.95 -1.58 35.35
CA ILE B 18 -20.83 -2.58 34.75
C ILE B 18 -20.63 -2.57 33.24
N ALA B 19 -20.34 -3.75 32.68
CA ALA B 19 -20.13 -3.96 31.25
C ALA B 19 -21.35 -4.68 30.67
N SER B 20 -21.33 -4.85 29.35
CA SER B 20 -22.47 -5.46 28.66
C SER B 20 -22.64 -6.94 29.00
N HIS B 21 -21.56 -7.63 29.40
CA HIS B 21 -21.58 -9.04 29.77
C HIS B 21 -21.22 -9.27 31.25
N SER B 22 -21.42 -8.26 32.11
CA SER B 22 -21.07 -8.41 33.51
C SER B 22 -21.98 -9.42 34.21
N HIS B 23 -23.25 -9.48 33.81
CA HIS B 23 -24.19 -10.43 34.38
C HIS B 23 -23.84 -11.89 34.08
N VAL B 24 -23.09 -12.17 33.02
CA VAL B 24 -22.83 -13.55 32.60
C VAL B 24 -21.77 -14.15 33.53
N LYS B 25 -22.14 -15.26 34.18
CA LYS B 25 -21.29 -15.98 35.13
C LYS B 25 -20.98 -17.42 34.73
N GLY B 26 -21.62 -17.96 33.71
CA GLY B 26 -21.37 -19.32 33.29
C GLY B 26 -22.47 -19.79 32.38
N LEU B 27 -22.35 -21.04 31.95
CA LEU B 27 -23.35 -21.63 31.07
C LEU B 27 -24.63 -21.99 31.80
N GLY B 28 -24.61 -22.17 33.12
CA GLY B 28 -25.82 -22.47 33.85
C GLY B 28 -26.43 -23.81 33.52
N LEU B 29 -25.58 -24.83 33.38
CA LEU B 29 -25.99 -26.21 33.11
C LEU B 29 -26.07 -26.98 34.41
N ASP B 30 -26.93 -28.01 34.42
CA ASP B 30 -27.02 -28.92 35.55
C ASP B 30 -25.93 -29.99 35.41
N GLU B 31 -25.94 -30.98 36.30
CA GLU B 31 -24.89 -32.00 36.32
C GLU B 31 -24.90 -32.90 35.10
N SER B 32 -26.04 -33.06 34.42
CA SER B 32 -26.14 -33.85 33.20
C SER B 32 -25.76 -33.07 31.95
N GLY B 33 -25.36 -31.80 32.06
CA GLY B 33 -25.07 -30.97 30.91
C GLY B 33 -26.26 -30.30 30.27
N LEU B 34 -27.49 -30.59 30.73
CA LEU B 34 -28.68 -29.94 30.20
C LEU B 34 -28.81 -28.54 30.79
N ALA B 35 -29.22 -27.60 29.95
CA ALA B 35 -29.26 -26.20 30.33
C ALA B 35 -30.53 -25.89 31.11
N LYS B 36 -30.35 -25.32 32.30
CA LYS B 36 -31.47 -24.73 33.01
C LYS B 36 -31.99 -23.55 32.21
N GLN B 37 -33.28 -23.23 32.39
CA GLN B 37 -33.90 -22.17 31.60
C GLN B 37 -33.28 -20.81 31.92
N ALA B 38 -32.97 -20.57 33.19
CA ALA B 38 -32.33 -19.32 33.62
C ALA B 38 -31.36 -19.65 34.73
N ALA B 39 -30.07 -19.51 34.46
CA ALA B 39 -29.05 -19.78 35.46
C ALA B 39 -27.74 -19.12 35.04
N SER B 40 -27.00 -18.64 36.03
CA SER B 40 -25.68 -18.02 35.84
C SER B 40 -25.74 -16.79 34.93
N GLY B 41 -26.87 -16.07 34.96
CA GLY B 41 -27.03 -14.85 34.19
C GLY B 41 -27.54 -15.05 32.76
N LEU B 42 -27.49 -16.27 32.23
CA LEU B 42 -28.00 -16.59 30.91
C LEU B 42 -29.45 -17.05 31.00
N VAL B 43 -30.18 -16.83 29.91
CA VAL B 43 -31.61 -17.14 29.80
C VAL B 43 -31.84 -17.72 28.42
N GLY B 44 -32.58 -18.83 28.35
CA GLY B 44 -32.93 -19.45 27.08
C GLY B 44 -31.69 -19.95 26.37
N GLN B 45 -31.84 -20.14 25.06
CA GLN B 45 -30.73 -20.51 24.17
C GLN B 45 -30.13 -21.85 24.59
N GLU B 46 -30.99 -22.81 24.89
CA GLU B 46 -30.57 -24.03 25.59
C GLU B 46 -29.71 -24.92 24.72
N ASN B 47 -30.00 -24.99 23.41
CA ASN B 47 -29.23 -25.86 22.53
C ASN B 47 -27.79 -25.37 22.38
N ALA B 48 -27.60 -24.06 22.22
CA ALA B 48 -26.24 -23.53 22.11
C ALA B 48 -25.50 -23.64 23.44
N ARG B 49 -26.21 -23.45 24.56
CA ARG B 49 -25.57 -23.56 25.86
C ARG B 49 -25.19 -25.01 26.16
N GLU B 50 -26.03 -25.95 25.76
CA GLU B 50 -25.70 -27.37 25.91
C GLU B 50 -24.52 -27.77 25.04
N ALA B 51 -24.48 -27.25 23.81
CA ALA B 51 -23.34 -27.52 22.93
C ALA B 51 -22.06 -26.92 23.49
N CYS B 52 -22.15 -25.71 24.04
CA CYS B 52 -20.97 -25.06 24.64
C CYS B 52 -20.48 -25.82 25.86
N GLY B 53 -21.37 -26.52 26.58
CA GLY B 53 -20.93 -27.35 27.68
C GLY B 53 -20.06 -28.51 27.24
N VAL B 54 -20.37 -29.08 26.08
CA VAL B 54 -19.53 -30.13 25.51
C VAL B 54 -18.15 -29.58 25.16
N ILE B 55 -18.11 -28.35 24.64
CA ILE B 55 -16.85 -27.72 24.30
C ILE B 55 -16.04 -27.41 25.57
N VAL B 56 -16.71 -27.10 26.67
CA VAL B 56 -16.02 -26.91 27.94
C VAL B 56 -15.36 -28.20 28.38
N GLU B 57 -16.05 -29.33 28.21
CA GLU B 57 -15.46 -30.61 28.58
C GLU B 57 -14.32 -30.98 27.64
N LEU B 58 -14.41 -30.58 26.37
CA LEU B 58 -13.32 -30.79 25.43
C LEU B 58 -12.06 -30.03 25.85
N ILE B 59 -12.23 -28.78 26.29
CA ILE B 59 -11.08 -27.98 26.69
C ILE B 59 -10.49 -28.51 27.99
N LYS B 60 -11.34 -28.91 28.93
CA LYS B 60 -10.87 -29.40 30.22
C LYS B 60 -10.16 -30.75 30.10
N SER B 61 -10.50 -31.55 29.09
CA SER B 61 -9.82 -32.83 28.91
C SER B 61 -8.37 -32.65 28.51
N LYS B 62 -8.04 -31.57 27.79
CA LYS B 62 -6.67 -31.22 27.39
C LYS B 62 -6.03 -32.28 26.50
N LYS B 63 -6.84 -33.06 25.77
CA LYS B 63 -6.38 -34.16 24.93
C LYS B 63 -6.28 -33.75 23.47
N MET B 64 -7.24 -32.98 22.99
CA MET B 64 -7.33 -32.56 21.60
C MET B 64 -6.63 -31.22 21.41
N ALA B 65 -6.25 -30.96 20.16
CA ALA B 65 -5.55 -29.74 19.77
C ALA B 65 -6.11 -29.26 18.44
N GLY B 66 -6.37 -27.96 18.36
CA GLY B 66 -6.74 -27.34 17.11
C GLY B 66 -8.18 -27.53 16.69
N ARG B 67 -9.02 -28.19 17.47
CA ARG B 67 -10.43 -28.30 17.15
C ARG B 67 -11.10 -26.95 17.30
N ALA B 68 -11.97 -26.62 16.35
CA ALA B 68 -12.57 -25.29 16.22
C ALA B 68 -14.08 -25.41 16.17
N VAL B 69 -14.76 -24.37 16.69
CA VAL B 69 -16.20 -24.23 16.62
C VAL B 69 -16.52 -22.81 16.15
N LEU B 70 -17.70 -22.68 15.55
CA LEU B 70 -18.24 -21.43 15.03
C LEU B 70 -19.58 -21.17 15.68
N LEU B 71 -19.74 -20.00 16.29
CA LEU B 71 -21.02 -19.52 16.78
C LEU B 71 -21.64 -18.66 15.68
N ALA B 72 -22.73 -19.15 15.11
CA ALA B 72 -23.42 -18.51 13.99
C ALA B 72 -24.85 -18.19 14.40
N GLY B 73 -25.28 -16.96 14.13
CA GLY B 73 -26.64 -16.58 14.37
C GLY B 73 -26.89 -15.11 14.11
N PRO B 74 -28.13 -14.65 14.27
CA PRO B 74 -28.42 -13.22 14.05
C PRO B 74 -27.75 -12.36 15.12
N PRO B 75 -27.65 -11.04 14.91
CA PRO B 75 -27.05 -10.20 15.94
C PRO B 75 -27.90 -10.14 17.21
N GLY B 76 -27.22 -9.98 18.34
CA GLY B 76 -27.87 -9.90 19.62
C GLY B 76 -28.43 -11.19 20.18
N THR B 77 -27.94 -12.35 19.71
CA THR B 77 -28.39 -13.67 20.14
C THR B 77 -27.39 -14.40 21.04
N GLY B 78 -26.47 -13.68 21.66
CA GLY B 78 -25.62 -14.27 22.68
C GLY B 78 -24.43 -15.05 22.20
N LYS B 79 -23.88 -14.73 21.02
CA LYS B 79 -22.67 -15.42 20.57
C LYS B 79 -21.47 -15.05 21.45
N THR B 80 -21.28 -13.76 21.73
CA THR B 80 -20.19 -13.36 22.62
C THR B 80 -20.49 -13.75 24.06
N ALA B 81 -21.75 -13.69 24.48
CA ALA B 81 -22.12 -14.09 25.83
C ALA B 81 -21.86 -15.57 26.04
N LEU B 82 -22.13 -16.40 25.03
CA LEU B 82 -21.83 -17.83 25.12
C LEU B 82 -20.32 -18.06 25.20
N ALA B 83 -19.55 -17.34 24.39
CA ALA B 83 -18.10 -17.49 24.41
C ALA B 83 -17.52 -17.04 25.74
N LEU B 84 -18.00 -15.92 26.27
CA LEU B 84 -17.56 -15.46 27.58
C LEU B 84 -18.08 -16.35 28.70
N ALA B 85 -19.26 -16.96 28.51
CA ALA B 85 -19.75 -17.92 29.49
C ALA B 85 -18.86 -19.14 29.55
N ILE B 86 -18.28 -19.55 28.42
CA ILE B 86 -17.31 -20.65 28.42
C ILE B 86 -16.06 -20.23 29.20
N ALA B 87 -15.64 -18.98 29.07
CA ALA B 87 -14.46 -18.50 29.78
C ALA B 87 -14.67 -18.51 31.29
N GLN B 88 -15.88 -18.16 31.73
CA GLN B 88 -16.19 -18.22 33.16
C GLN B 88 -16.18 -19.66 33.66
N GLU B 89 -16.61 -20.61 32.82
CA GLU B 89 -16.61 -22.01 33.21
C GLU B 89 -15.21 -22.54 33.39
N LEU B 90 -14.28 -22.13 32.52
CA LEU B 90 -12.91 -22.63 32.60
C LEU B 90 -12.17 -22.07 33.80
N GLY B 91 -12.35 -20.78 34.08
CA GLY B 91 -11.66 -20.09 35.15
C GLY B 91 -10.42 -19.35 34.66
N SER B 92 -9.79 -18.65 35.60
CA SER B 92 -8.64 -17.81 35.26
C SER B 92 -7.37 -18.61 35.04
N LYS B 93 -7.30 -19.85 35.55
CA LYS B 93 -6.13 -20.70 35.31
C LYS B 93 -5.98 -21.01 33.83
N VAL B 94 -7.08 -21.35 33.17
CA VAL B 94 -7.03 -21.70 31.74
C VAL B 94 -6.81 -20.43 30.93
N PRO B 95 -5.88 -20.36 29.98
CA PRO B 95 -5.78 -19.14 29.16
C PRO B 95 -6.98 -18.96 28.25
N PHE B 96 -7.42 -17.71 28.12
CA PHE B 96 -8.50 -17.31 27.23
C PHE B 96 -8.07 -16.02 26.54
N CYS B 97 -7.75 -16.11 25.25
CA CYS B 97 -7.21 -15.00 24.47
C CYS B 97 -8.31 -14.46 23.55
N PRO B 98 -9.06 -13.43 23.95
CA PRO B 98 -10.00 -12.81 23.01
C PRO B 98 -9.29 -11.93 21.99
N MET B 99 -9.87 -11.90 20.79
CA MET B 99 -9.41 -11.01 19.73
C MET B 99 -10.57 -10.78 18.77
N VAL B 100 -10.44 -9.72 17.98
CA VAL B 100 -11.33 -9.47 16.83
C VAL B 100 -10.54 -9.74 15.55
N GLY B 101 -11.29 -9.99 14.47
CA GLY B 101 -10.65 -10.29 13.20
C GLY B 101 -9.87 -9.14 12.62
N SER B 102 -10.23 -7.91 12.97
CA SER B 102 -9.54 -6.73 12.46
C SER B 102 -8.19 -6.47 13.11
N GLU B 103 -7.83 -7.19 14.19
CA GLU B 103 -6.52 -7.01 14.81
C GLU B 103 -5.38 -7.59 13.97
N VAL B 104 -5.66 -8.44 12.98
CA VAL B 104 -4.59 -9.02 12.17
C VAL B 104 -3.91 -8.00 11.28
N TYR B 105 -4.55 -6.87 10.97
CA TYR B 105 -4.01 -5.87 10.05
C TYR B 105 -3.07 -4.93 10.80
N SER B 106 -1.94 -5.49 11.20
CA SER B 106 -0.89 -4.75 11.88
C SER B 106 0.01 -4.02 10.88
N THR B 107 0.50 -2.86 11.29
CA THR B 107 1.48 -2.11 10.50
C THR B 107 2.92 -2.58 10.70
N GLU B 108 3.21 -3.41 11.73
CA GLU B 108 4.56 -3.82 12.08
C GLU B 108 4.92 -5.22 11.61
N ILE B 109 3.98 -6.16 11.64
CA ILE B 109 4.21 -7.56 11.31
C ILE B 109 3.09 -8.05 10.41
N LYS B 110 3.36 -9.14 9.71
CA LYS B 110 2.39 -9.68 8.76
C LYS B 110 1.21 -10.30 9.50
N LYS B 111 0.14 -10.56 8.74
CA LYS B 111 -1.12 -10.99 9.33
C LYS B 111 -1.02 -12.39 9.92
N THR B 112 -0.29 -13.28 9.27
CA THR B 112 -0.14 -14.64 9.80
C THR B 112 0.66 -14.65 11.10
N GLU B 113 1.58 -13.69 11.26
CA GLU B 113 2.29 -13.57 12.54
C GLU B 113 1.34 -13.18 13.67
N VAL B 114 0.40 -12.26 13.39
CA VAL B 114 -0.53 -11.81 14.41
C VAL B 114 -1.43 -12.96 14.85
N LEU B 115 -1.86 -13.79 13.89
CA LEU B 115 -2.63 -14.97 14.24
C LEU B 115 -1.79 -15.95 15.05
N MET B 116 -0.55 -16.18 14.63
CA MET B 116 0.31 -17.14 15.31
C MET B 116 0.68 -16.66 16.71
N GLU B 117 0.88 -15.34 16.88
CA GLU B 117 1.13 -14.80 18.21
C GLU B 117 -0.08 -15.00 19.12
N ASN B 118 -1.29 -14.80 18.59
CA ASN B 118 -2.49 -15.00 19.39
C ASN B 118 -2.71 -16.48 19.69
N PHE B 119 -2.35 -17.36 18.76
CA PHE B 119 -2.45 -18.79 19.01
C PHE B 119 -1.50 -19.22 20.12
N ARG B 120 -0.26 -18.73 20.09
CA ARG B 120 0.71 -19.08 21.12
C ARG B 120 0.34 -18.48 22.47
N ARG B 121 -0.37 -17.34 22.48
CA ARG B 121 -0.86 -16.77 23.73
C ARG B 121 -1.84 -17.69 24.44
N ALA B 122 -2.60 -18.49 23.68
CA ALA B 122 -3.65 -19.33 24.25
C ALA B 122 -3.15 -20.67 24.79
N ILE B 123 -1.85 -20.99 24.69
CA ILE B 123 -1.26 -22.17 25.32
C ILE B 123 -0.45 -21.70 26.52
N GLY B 124 -0.88 -22.08 27.72
CA GLY B 124 -0.27 -21.64 28.95
C GLY B 124 0.77 -22.62 29.47
N LEU B 125 1.46 -22.19 30.52
CA LEU B 125 2.51 -22.99 31.14
C LEU B 125 2.68 -22.54 32.58
N ARG B 126 2.41 -23.44 33.53
CA ARG B 126 2.59 -23.19 34.95
C ARG B 126 3.94 -23.81 35.34
N ILE B 127 4.92 -22.96 35.62
CA ILE B 127 6.29 -23.36 35.98
C ILE B 127 6.42 -23.19 37.49
N LYS B 128 6.71 -24.29 38.18
CA LYS B 128 6.95 -24.26 39.63
C LYS B 128 8.40 -23.92 39.93
N ILE B 238 6.24 -20.02 41.53
CA ILE B 238 5.14 -20.24 40.60
C ILE B 238 5.14 -19.11 39.58
N GLN B 239 5.03 -19.48 38.31
CA GLN B 239 4.99 -18.55 37.19
C GLN B 239 3.97 -19.05 36.19
N ASP B 240 3.02 -18.17 35.83
CA ASP B 240 2.04 -18.40 34.77
C ASP B 240 2.54 -17.63 33.55
N VAL B 241 2.96 -18.36 32.51
CA VAL B 241 3.41 -17.80 31.25
C VAL B 241 2.75 -18.55 30.11
N THR B 242 2.73 -17.90 28.95
CA THR B 242 2.26 -18.48 27.71
C THR B 242 3.45 -18.83 26.83
N LEU B 243 3.19 -19.61 25.78
CA LEU B 243 4.24 -19.89 24.80
C LEU B 243 4.65 -18.62 24.05
N HIS B 244 3.72 -17.69 23.88
CA HIS B 244 4.08 -16.42 23.24
C HIS B 244 5.06 -15.62 24.11
N ASP B 245 4.90 -15.68 25.43
CA ASP B 245 5.82 -14.99 26.33
C ASP B 245 7.24 -15.55 26.21
N LEU B 246 7.35 -16.87 26.07
CA LEU B 246 8.67 -17.47 25.88
C LEU B 246 9.25 -17.12 24.52
N ASP B 247 8.41 -16.98 23.50
CA ASP B 247 8.89 -16.61 22.17
C ASP B 247 9.49 -15.21 22.17
N VAL B 248 8.74 -14.23 22.67
CA VAL B 248 9.21 -12.84 22.64
C VAL B 248 10.37 -12.64 23.60
N ALA B 249 10.40 -13.38 24.71
CA ALA B 249 11.52 -13.28 25.64
C ALA B 249 12.82 -13.75 25.00
N ASN B 250 12.76 -14.87 24.26
CA ASN B 250 13.93 -15.41 23.58
C ASN B 250 14.20 -14.75 22.23
N ALA B 251 13.20 -14.14 21.61
CA ALA B 251 13.44 -13.47 20.33
C ALA B 251 14.31 -12.24 20.50
N ARG B 252 14.02 -11.43 21.52
CA ARG B 252 14.81 -10.23 21.78
C ARG B 252 16.14 -10.60 22.44
N PRO B 253 17.18 -9.75 22.29
CA PRO B 253 18.44 -10.12 22.95
C PRO B 253 18.39 -9.96 24.46
N MET B 263 22.82 -3.54 25.27
CA MET B 263 23.84 -2.85 24.48
C MET B 263 23.17 -2.03 23.38
N GLY B 264 22.97 -0.74 23.65
CA GLY B 264 22.26 0.11 22.72
C GLY B 264 20.79 -0.24 22.57
N GLN B 265 20.20 -0.90 23.58
CA GLN B 265 18.83 -1.40 23.52
C GLN B 265 17.85 -0.33 24.02
N LEU B 266 17.80 0.77 23.26
CA LEU B 266 16.93 1.91 23.53
C LEU B 266 16.07 2.30 22.32
N MET B 267 15.97 1.44 21.30
CA MET B 267 15.16 1.75 20.13
C MET B 267 13.69 1.49 20.46
N LYS B 268 12.81 1.84 19.52
CA LYS B 268 11.39 1.55 19.68
C LYS B 268 11.18 0.04 19.76
N PRO B 269 10.41 -0.50 20.75
CA PRO B 269 10.18 -1.95 20.75
C PRO B 269 9.23 -2.41 19.63
N LYS B 270 9.81 -2.59 18.45
CA LYS B 270 9.04 -3.06 17.30
C LYS B 270 8.81 -4.56 17.39
N LYS B 271 7.59 -4.99 17.07
CA LYS B 271 7.30 -6.41 16.91
C LYS B 271 7.98 -6.94 15.65
N THR B 272 8.31 -8.23 15.67
CA THR B 272 9.02 -8.90 14.58
C THR B 272 8.31 -10.21 14.25
N GLU B 273 8.64 -10.72 13.06
CA GLU B 273 8.06 -11.95 12.53
C GLU B 273 8.91 -13.11 13.03
N ILE B 274 8.55 -13.61 14.22
CA ILE B 274 9.32 -14.65 14.89
C ILE B 274 9.24 -15.93 14.07
N THR B 275 10.40 -16.56 13.86
CA THR B 275 10.49 -17.68 12.93
C THR B 275 9.98 -18.97 13.57
N ASP B 276 9.70 -19.95 12.71
CA ASP B 276 9.34 -21.28 13.19
C ASP B 276 10.51 -22.00 13.84
N LYS B 277 11.74 -21.61 13.54
CA LYS B 277 12.90 -22.21 14.21
C LYS B 277 12.88 -21.92 15.70
N LEU B 278 12.66 -20.66 16.09
CA LEU B 278 12.60 -20.31 17.51
C LEU B 278 11.43 -21.00 18.19
N ARG B 279 10.26 -21.03 17.54
CA ARG B 279 9.10 -21.67 18.14
C ARG B 279 9.30 -23.17 18.24
N GLY B 280 10.06 -23.77 17.33
CA GLY B 280 10.46 -25.17 17.50
C GLY B 280 11.37 -25.37 18.69
N GLU B 281 12.33 -24.46 18.90
CA GLU B 281 13.23 -24.57 20.04
C GLU B 281 12.50 -24.36 21.36
N ILE B 282 11.56 -23.43 21.40
CA ILE B 282 10.79 -23.19 22.62
C ILE B 282 9.95 -24.41 22.97
N ASN B 283 9.42 -25.10 21.96
CA ASN B 283 8.65 -26.31 22.19
C ASN B 283 9.52 -27.40 22.78
N LYS B 284 10.76 -27.52 22.33
CA LYS B 284 11.68 -28.53 22.86
C LYS B 284 12.04 -28.23 24.31
N VAL B 285 12.26 -26.95 24.63
CA VAL B 285 12.60 -26.57 26.00
C VAL B 285 11.41 -26.80 26.93
N VAL B 286 10.20 -26.51 26.45
CA VAL B 286 9.01 -26.69 27.28
C VAL B 286 8.78 -28.17 27.55
N ASN B 287 9.04 -29.02 26.55
CA ASN B 287 8.91 -30.47 26.76
C ASN B 287 9.93 -30.97 27.78
N LYS B 288 11.15 -30.43 27.74
CA LYS B 288 12.19 -30.86 28.68
C LYS B 288 11.81 -30.49 30.11
N TYR B 289 11.26 -29.29 30.30
CA TYR B 289 10.83 -28.89 31.63
C TYR B 289 9.61 -29.68 32.08
N ILE B 290 8.74 -30.08 31.15
CA ILE B 290 7.59 -30.90 31.53
C ILE B 290 8.06 -32.29 31.95
N ASP B 291 9.00 -32.88 31.19
CA ASP B 291 9.52 -34.19 31.55
C ASP B 291 10.31 -34.15 32.86
N GLN B 292 11.01 -33.04 33.11
CA GLN B 292 11.70 -32.87 34.39
C GLN B 292 10.75 -32.60 35.57
N GLY B 293 9.47 -32.35 35.32
CA GLY B 293 8.53 -32.04 36.40
C GLY B 293 8.53 -30.61 36.86
N ILE B 294 9.08 -29.69 36.07
CA ILE B 294 9.21 -28.28 36.44
C ILE B 294 8.02 -27.46 35.92
N ALA B 295 7.50 -27.82 34.74
CA ALA B 295 6.43 -27.10 34.06
C ALA B 295 5.21 -28.00 33.90
N GLU B 296 4.04 -27.36 33.85
CA GLU B 296 2.76 -28.02 33.63
C GLU B 296 2.07 -27.27 32.49
N LEU B 297 1.71 -27.99 31.43
CA LEU B 297 1.06 -27.36 30.28
C LEU B 297 -0.42 -27.16 30.55
N VAL B 298 -0.92 -26.00 30.13
CA VAL B 298 -2.32 -25.60 30.29
C VAL B 298 -2.83 -25.17 28.91
N PRO B 299 -3.29 -26.09 28.05
CA PRO B 299 -3.89 -25.65 26.78
C PRO B 299 -5.18 -24.88 27.01
N GLY B 300 -5.22 -23.66 26.50
CA GLY B 300 -6.33 -22.74 26.66
C GLY B 300 -7.18 -22.61 25.42
N VAL B 301 -7.71 -21.39 25.22
CA VAL B 301 -8.71 -21.11 24.19
C VAL B 301 -8.36 -19.80 23.52
N LEU B 302 -8.39 -19.79 22.20
CA LEU B 302 -8.44 -18.58 21.39
C LEU B 302 -9.90 -18.32 21.02
N PHE B 303 -10.31 -17.05 21.10
CA PHE B 303 -11.66 -16.62 20.74
C PHE B 303 -11.53 -15.50 19.72
N VAL B 304 -11.76 -15.84 18.45
CA VAL B 304 -11.72 -14.89 17.34
C VAL B 304 -13.16 -14.48 17.08
N ASP B 305 -13.60 -13.41 17.74
CA ASP B 305 -14.87 -12.78 17.39
C ASP B 305 -14.70 -12.01 16.08
N GLU B 306 -15.82 -11.80 15.39
CA GLU B 306 -15.86 -10.99 14.16
C GLU B 306 -14.98 -11.62 13.07
N VAL B 307 -15.05 -12.95 12.94
CA VAL B 307 -14.11 -13.71 12.12
C VAL B 307 -14.24 -13.36 10.64
N HIS B 308 -15.41 -12.89 10.21
CA HIS B 308 -15.60 -12.38 8.85
C HIS B 308 -14.66 -11.22 8.48
N MET B 309 -14.15 -10.48 9.47
CA MET B 309 -13.18 -9.42 9.18
C MET B 309 -11.85 -9.94 8.66
N LEU B 310 -11.52 -11.20 8.93
CA LEU B 310 -10.34 -11.80 8.32
C LEU B 310 -10.53 -11.92 6.81
N ASP B 311 -9.42 -11.93 6.08
CA ASP B 311 -9.38 -12.05 4.63
C ASP B 311 -8.94 -13.46 4.24
N ILE B 312 -8.95 -13.70 2.92
CA ILE B 312 -8.74 -15.04 2.36
C ILE B 312 -7.35 -15.57 2.72
N GLU B 313 -6.34 -14.70 2.79
CA GLU B 313 -5.01 -15.11 3.22
C GLU B 313 -5.03 -15.58 4.67
N CYS B 314 -5.75 -14.85 5.53
CA CYS B 314 -5.84 -15.24 6.94
C CYS B 314 -6.59 -16.54 7.12
N PHE B 315 -7.68 -16.74 6.36
CA PHE B 315 -8.46 -17.96 6.46
C PHE B 315 -7.65 -19.17 6.04
N THR B 316 -6.88 -19.05 4.96
CA THR B 316 -6.11 -20.18 4.48
C THR B 316 -4.98 -20.53 5.44
N TYR B 317 -4.40 -19.52 6.10
CA TYR B 317 -3.38 -19.78 7.12
C TYR B 317 -3.95 -20.54 8.31
N LEU B 318 -5.24 -20.36 8.62
CA LEU B 318 -5.84 -21.07 9.74
C LEU B 318 -5.94 -22.58 9.49
N HIS B 319 -5.86 -23.03 8.24
CA HIS B 319 -5.82 -24.46 7.97
C HIS B 319 -4.59 -25.10 8.59
N ARG B 320 -3.42 -24.49 8.38
CA ARG B 320 -2.19 -25.00 8.96
C ARG B 320 -2.20 -24.87 10.47
N ALA B 321 -2.69 -23.73 10.98
CA ALA B 321 -2.69 -23.51 12.42
C ALA B 321 -3.64 -24.46 13.14
N LEU B 322 -4.82 -24.70 12.56
CA LEU B 322 -5.79 -25.59 13.19
C LEU B 322 -5.40 -27.06 13.10
N GLU B 323 -4.61 -27.44 12.10
CA GLU B 323 -4.20 -28.84 11.94
C GLU B 323 -2.98 -29.23 12.79
N SER B 324 -2.36 -28.29 13.50
CA SER B 324 -1.21 -28.62 14.31
C SER B 324 -1.62 -29.39 15.56
N SER B 325 -0.73 -30.30 15.99
CA SER B 325 -0.91 -31.04 17.24
C SER B 325 -0.74 -30.18 18.50
N ILE B 326 -0.19 -28.97 18.37
CA ILE B 326 0.10 -28.09 19.50
C ILE B 326 -1.01 -27.04 19.72
N ALA B 327 -1.86 -26.80 18.72
CA ALA B 327 -2.71 -25.62 18.70
C ALA B 327 -3.81 -25.69 19.77
N PRO B 328 -4.33 -24.55 20.23
CA PRO B 328 -5.40 -24.56 21.22
C PRO B 328 -6.75 -24.89 20.58
N ILE B 329 -7.77 -24.97 21.42
CA ILE B 329 -9.15 -24.92 20.95
C ILE B 329 -9.45 -23.49 20.50
N VAL B 330 -10.25 -23.37 19.44
CA VAL B 330 -10.60 -22.08 18.83
C VAL B 330 -12.12 -21.96 18.85
N ILE B 331 -12.60 -20.73 19.08
CA ILE B 331 -14.02 -20.39 19.04
C ILE B 331 -14.16 -19.20 18.11
N PHE B 332 -14.80 -19.41 16.96
CA PHE B 332 -15.15 -18.35 16.03
C PHE B 332 -16.57 -17.88 16.30
N ALA B 333 -16.83 -16.61 15.98
CA ALA B 333 -18.16 -16.02 16.05
C ALA B 333 -18.38 -15.19 14.80
N SER B 334 -19.56 -15.34 14.19
CA SER B 334 -19.91 -14.65 12.96
C SER B 334 -21.40 -14.40 12.95
N ASN B 335 -21.79 -13.21 12.48
CA ASN B 335 -23.19 -12.82 12.30
C ASN B 335 -23.57 -12.54 10.85
N ARG B 336 -22.64 -12.61 9.90
CA ARG B 336 -22.96 -12.41 8.50
C ARG B 336 -23.75 -13.60 7.96
N GLY B 337 -24.43 -13.38 6.83
CA GLY B 337 -24.98 -14.46 6.05
C GLY B 337 -24.82 -14.24 4.56
N ASN B 338 -24.05 -15.10 3.90
CA ASN B 338 -23.84 -15.11 2.45
C ASN B 338 -23.31 -13.75 1.94
N CYS B 339 -22.16 -13.38 2.50
CA CYS B 339 -21.46 -12.15 2.15
C CYS B 339 -20.17 -12.48 1.43
N VAL B 340 -19.60 -11.47 0.76
CA VAL B 340 -18.34 -11.66 0.05
C VAL B 340 -17.22 -11.84 1.05
N ILE B 341 -16.35 -12.82 0.78
CA ILE B 341 -15.16 -13.00 1.60
C ILE B 341 -14.19 -11.88 1.28
N ARG B 342 -13.59 -11.30 2.32
CA ARG B 342 -12.72 -10.16 2.12
C ARG B 342 -11.41 -10.62 1.50
N GLY B 343 -10.88 -9.81 0.59
CA GLY B 343 -9.66 -10.12 -0.13
C GLY B 343 -9.85 -10.88 -1.43
N THR B 344 -11.04 -11.44 -1.67
CA THR B 344 -11.39 -12.10 -2.93
C THR B 344 -12.14 -11.12 -3.82
N GLU B 345 -12.60 -11.62 -4.97
CA GLU B 345 -13.32 -10.86 -6.00
C GLU B 345 -14.68 -11.51 -6.17
N ASP B 346 -15.64 -11.13 -5.33
CA ASP B 346 -17.02 -11.58 -5.38
C ASP B 346 -17.14 -13.10 -5.22
N ILE B 347 -16.33 -13.68 -4.33
CA ILE B 347 -16.45 -15.10 -3.94
C ILE B 347 -17.30 -15.05 -2.67
N THR B 348 -18.61 -15.20 -2.83
CA THR B 348 -19.53 -15.30 -1.71
C THR B 348 -19.52 -16.71 -1.13
N SER B 349 -19.58 -16.80 0.20
CA SER B 349 -19.58 -18.04 0.97
C SER B 349 -20.55 -17.87 2.14
N PRO B 350 -21.08 -18.97 2.71
CA PRO B 350 -21.95 -18.81 3.89
C PRO B 350 -21.22 -18.22 5.09
N HIS B 351 -21.99 -17.53 5.93
CA HIS B 351 -21.48 -16.70 7.02
C HIS B 351 -20.61 -15.62 6.37
N GLY B 352 -19.32 -15.55 6.63
CA GLY B 352 -18.41 -14.80 5.80
C GLY B 352 -17.10 -15.54 5.63
N ILE B 353 -17.17 -16.87 5.67
CA ILE B 353 -16.02 -17.75 5.89
C ILE B 353 -15.94 -18.66 4.65
N PRO B 354 -14.77 -18.99 4.09
CA PRO B 354 -14.76 -19.97 3.01
C PRO B 354 -15.17 -21.36 3.46
N LEU B 355 -15.63 -22.15 2.48
CA LEU B 355 -16.09 -23.50 2.75
C LEU B 355 -14.96 -24.42 3.22
N ASP B 356 -13.71 -24.11 2.87
CA ASP B 356 -12.58 -24.89 3.37
C ASP B 356 -12.47 -24.82 4.87
N LEU B 357 -12.58 -23.62 5.44
CA LEU B 357 -12.52 -23.48 6.90
C LEU B 357 -13.80 -23.97 7.56
N LEU B 358 -14.95 -23.80 6.90
CA LEU B 358 -16.20 -24.27 7.47
C LEU B 358 -16.25 -25.80 7.57
N ASP B 359 -15.54 -26.50 6.69
CA ASP B 359 -15.43 -27.95 6.83
C ASP B 359 -14.64 -28.35 8.07
N ARG B 360 -13.72 -27.50 8.53
CA ARG B 360 -12.85 -27.80 9.66
C ARG B 360 -13.43 -27.43 11.02
N VAL B 361 -14.66 -26.89 11.09
CA VAL B 361 -15.27 -26.39 12.33
C VAL B 361 -16.64 -27.03 12.52
N MET B 362 -17.08 -27.00 13.77
CA MET B 362 -18.39 -27.47 14.21
C MET B 362 -19.26 -26.25 14.52
N ILE B 363 -20.31 -26.03 13.73
CA ILE B 363 -21.15 -24.85 13.88
C ILE B 363 -22.12 -25.07 15.02
N ILE B 364 -22.24 -24.06 15.89
CA ILE B 364 -23.24 -23.99 16.95
C ILE B 364 -24.16 -22.83 16.59
N ARG B 365 -25.46 -23.12 16.49
CA ARG B 365 -26.46 -22.17 16.06
C ARG B 365 -27.15 -21.55 17.27
N THR B 366 -27.30 -20.22 17.25
CA THR B 366 -28.04 -19.46 18.25
C THR B 366 -29.32 -18.91 17.63
N MET B 367 -30.43 -19.04 18.35
CA MET B 367 -31.75 -18.62 17.90
C MET B 367 -32.07 -17.21 18.40
N LEU B 368 -33.16 -16.65 17.85
CA LEU B 368 -33.76 -15.45 18.40
C LEU B 368 -34.50 -15.77 19.70
N TYR B 369 -34.70 -14.73 20.51
CA TYR B 369 -35.37 -14.84 21.79
C TYR B 369 -36.83 -14.43 21.68
N THR B 370 -37.67 -15.11 22.46
CA THR B 370 -39.09 -14.80 22.54
C THR B 370 -39.29 -13.53 23.35
N PRO B 371 -40.49 -12.94 23.36
CA PRO B 371 -40.73 -11.79 24.24
C PRO B 371 -40.56 -12.09 25.72
N GLN B 372 -40.93 -13.29 26.18
CA GLN B 372 -40.73 -13.64 27.58
C GLN B 372 -39.26 -13.82 27.90
N GLU B 373 -38.50 -14.43 26.98
CA GLU B 373 -37.06 -14.54 27.17
C GLU B 373 -36.39 -13.18 27.16
N MET B 374 -36.86 -12.27 26.30
CA MET B 374 -36.32 -10.91 26.27
C MET B 374 -36.62 -10.17 27.57
N LYS B 375 -37.81 -10.38 28.12
CA LYS B 375 -38.19 -9.73 29.38
C LYS B 375 -37.32 -10.20 30.54
N GLN B 376 -37.02 -11.50 30.57
CA GLN B 376 -36.12 -12.04 31.59
C GLN B 376 -34.73 -11.45 31.46
N ILE B 377 -34.25 -11.28 30.23
CA ILE B 377 -32.92 -10.71 30.03
C ILE B 377 -32.89 -9.26 30.44
N ILE B 378 -33.97 -8.52 30.15
CA ILE B 378 -34.06 -7.12 30.55
C ILE B 378 -34.08 -7.01 32.07
N LYS B 379 -34.75 -7.95 32.73
CA LYS B 379 -34.81 -7.92 34.19
C LYS B 379 -33.44 -8.17 34.81
N ILE B 380 -32.67 -9.11 34.25
CA ILE B 380 -31.36 -9.45 34.79
C ILE B 380 -30.40 -8.27 34.65
N ARG B 381 -30.50 -7.55 33.53
CA ARG B 381 -29.65 -6.38 33.34
C ARG B 381 -30.02 -5.26 34.31
N ALA B 382 -31.29 -5.19 34.72
CA ALA B 382 -31.69 -4.18 35.70
C ALA B 382 -31.05 -4.43 37.05
N GLN B 383 -31.02 -5.69 37.49
CA GLN B 383 -30.37 -6.01 38.77
C GLN B 383 -28.85 -5.87 38.67
N THR B 384 -28.27 -6.16 37.50
CA THR B 384 -26.84 -5.97 37.31
C THR B 384 -26.45 -4.51 37.43
N GLU B 385 -27.24 -3.63 36.82
CA GLU B 385 -27.02 -2.19 36.91
C GLU B 385 -27.54 -1.56 38.19
N GLY B 386 -28.09 -2.35 39.12
CA GLY B 386 -28.57 -1.82 40.39
C GLY B 386 -29.75 -0.90 40.23
N ILE B 387 -30.71 -1.31 39.41
CA ILE B 387 -31.85 -0.49 39.00
C ILE B 387 -33.11 -1.22 39.40
N ASN B 388 -33.98 -0.52 40.14
CA ASN B 388 -35.33 -0.99 40.41
C ASN B 388 -36.24 -0.54 39.28
N ILE B 389 -37.07 -1.46 38.78
CA ILE B 389 -38.02 -1.20 37.70
C ILE B 389 -39.34 -1.86 38.07
N SER B 390 -40.43 -1.12 37.95
CA SER B 390 -41.74 -1.67 38.22
C SER B 390 -42.11 -2.69 37.16
N GLU B 391 -43.09 -3.54 37.49
CA GLU B 391 -43.53 -4.56 36.54
C GLU B 391 -44.20 -3.93 35.33
N GLU B 392 -44.92 -2.83 35.51
CA GLU B 392 -45.60 -2.19 34.38
C GLU B 392 -44.57 -1.55 33.45
N ALA B 393 -43.50 -0.98 34.01
CA ALA B 393 -42.40 -0.50 33.18
C ALA B 393 -41.67 -1.63 32.48
N LEU B 394 -41.46 -2.75 33.17
CA LEU B 394 -40.76 -3.90 32.59
C LEU B 394 -41.55 -4.50 31.44
N ASN B 395 -42.88 -4.56 31.55
CA ASN B 395 -43.69 -5.03 30.44
C ASN B 395 -43.59 -4.10 29.24
N HIS B 396 -43.58 -2.79 29.49
CA HIS B 396 -43.43 -1.82 28.41
C HIS B 396 -42.06 -1.91 27.75
N LEU B 397 -41.01 -2.14 28.53
CA LEU B 397 -39.69 -2.33 27.95
C LEU B 397 -39.63 -3.61 27.11
N GLY B 398 -40.30 -4.66 27.56
CA GLY B 398 -40.36 -5.87 26.76
C GLY B 398 -41.10 -5.66 25.45
N GLU B 399 -42.18 -4.88 25.49
CA GLU B 399 -42.88 -4.52 24.26
C GLU B 399 -42.01 -3.64 23.37
N ILE B 400 -41.25 -2.72 23.98
CA ILE B 400 -40.23 -2.00 23.22
C ILE B 400 -39.15 -2.96 22.74
N GLY B 401 -38.86 -4.01 23.49
CA GLY B 401 -37.91 -5.02 23.05
C GLY B 401 -38.40 -5.88 21.90
N THR B 402 -39.72 -6.09 21.78
CA THR B 402 -40.24 -6.87 20.67
C THR B 402 -40.02 -6.17 19.34
N LYS B 403 -40.33 -4.88 19.28
CA LYS B 403 -39.82 -4.01 18.22
C LYS B 403 -38.36 -3.70 18.53
N THR B 404 -37.69 -2.95 17.64
CA THR B 404 -36.32 -2.45 17.84
C THR B 404 -35.38 -3.65 17.99
N THR B 405 -34.62 -3.79 19.08
CA THR B 405 -33.77 -4.95 19.34
C THR B 405 -33.72 -5.19 20.84
N LEU B 406 -33.15 -6.32 21.24
CA LEU B 406 -32.88 -6.57 22.66
C LEU B 406 -31.88 -5.56 23.20
N ARG B 407 -30.88 -5.20 22.40
CA ARG B 407 -29.84 -4.27 22.85
C ARG B 407 -30.41 -2.89 23.11
N TYR B 408 -31.37 -2.45 22.28
CA TYR B 408 -31.94 -1.12 22.43
C TYR B 408 -32.74 -0.99 23.72
N SER B 409 -33.56 -2.00 24.04
CA SER B 409 -34.39 -1.93 25.23
C SER B 409 -33.54 -2.00 26.50
N VAL B 410 -32.48 -2.80 26.47
CA VAL B 410 -31.55 -2.86 27.60
C VAL B 410 -30.83 -1.53 27.78
N GLN B 411 -30.53 -0.83 26.68
CA GLN B 411 -29.80 0.42 26.79
C GLN B 411 -30.64 1.53 27.41
N LEU B 412 -31.97 1.42 27.37
CA LEU B 412 -32.85 2.43 27.96
C LEU B 412 -32.94 2.36 29.47
N LEU B 413 -32.35 1.34 30.12
CA LEU B 413 -32.54 1.18 31.56
C LEU B 413 -31.82 2.28 32.34
N THR B 414 -30.57 2.55 31.99
CA THR B 414 -29.77 3.54 32.73
C THR B 414 -30.27 4.97 32.51
N PRO B 415 -30.57 5.41 31.28
CA PRO B 415 -31.23 6.73 31.14
C PRO B 415 -32.58 6.83 31.85
N ALA B 416 -33.35 5.74 31.86
CA ALA B 416 -34.63 5.77 32.56
C ALA B 416 -34.44 5.88 34.07
N ASN B 417 -33.44 5.18 34.62
CA ASN B 417 -33.16 5.29 36.05
C ASN B 417 -32.67 6.68 36.42
N LEU B 418 -31.80 7.26 35.60
CA LEU B 418 -31.30 8.60 35.86
C LEU B 418 -32.43 9.63 35.78
N LEU B 419 -33.33 9.45 34.81
CA LEU B 419 -34.48 10.33 34.68
C LEU B 419 -35.41 10.19 35.89
N ALA B 420 -35.55 8.98 36.42
CA ALA B 420 -36.36 8.78 37.61
C ALA B 420 -35.74 9.46 38.84
N LYS B 421 -34.41 9.42 38.94
CA LYS B 421 -33.75 10.01 40.10
C LYS B 421 -33.84 11.54 40.08
N ILE B 422 -33.87 12.14 38.89
CA ILE B 422 -34.10 13.58 38.79
C ILE B 422 -35.51 13.91 39.29
N ASN B 423 -36.54 13.26 38.78
CA ASN B 423 -37.94 13.65 39.14
C ASN B 423 -38.13 13.66 40.67
N GLY B 424 -37.18 13.16 41.45
CA GLY B 424 -37.31 13.05 42.91
C GLY B 424 -37.85 11.68 43.23
N LYS B 425 -37.68 10.72 42.32
CA LYS B 425 -38.21 9.35 42.47
C LYS B 425 -37.02 8.38 42.54
N ASP B 426 -37.20 7.20 43.13
CA ASP B 426 -36.09 6.23 43.30
C ASP B 426 -36.33 5.01 42.42
N SER B 427 -37.46 4.98 41.69
CA SER B 427 -37.80 3.85 40.80
C SER B 427 -38.24 4.38 39.43
N ILE B 428 -37.97 3.62 38.38
CA ILE B 428 -38.40 4.00 37.00
C ILE B 428 -39.89 3.68 36.90
N GLU B 429 -40.67 4.49 36.18
CA GLU B 429 -42.14 4.33 36.04
C GLU B 429 -42.37 4.19 34.54
N LYS B 430 -43.52 3.70 34.08
CA LYS B 430 -43.73 3.62 32.64
C LYS B 430 -43.40 4.93 31.95
N GLU B 431 -43.75 6.07 32.57
CA GLU B 431 -43.53 7.36 31.93
C GLU B 431 -42.06 7.69 31.75
N HIS B 432 -41.20 7.17 32.64
CA HIS B 432 -39.76 7.35 32.45
C HIS B 432 -39.27 6.57 31.24
N VAL B 433 -39.82 5.37 31.02
CA VAL B 433 -39.46 4.60 29.83
C VAL B 433 -40.00 5.27 28.58
N GLU B 434 -41.23 5.82 28.65
CA GLU B 434 -41.82 6.48 27.50
C GLU B 434 -41.04 7.73 27.10
N GLU B 435 -40.62 8.52 28.09
CA GLU B 435 -39.90 9.75 27.79
C GLU B 435 -38.53 9.46 27.18
N ILE B 436 -37.84 8.44 27.67
CA ILE B 436 -36.54 8.07 27.12
C ILE B 436 -36.69 7.56 25.70
N SER B 437 -37.77 6.83 25.40
CA SER B 437 -38.00 6.35 24.05
C SER B 437 -38.22 7.51 23.09
N GLU B 438 -38.85 8.58 23.56
CA GLU B 438 -39.00 9.78 22.75
C GLU B 438 -37.66 10.45 22.50
N LEU B 439 -36.79 10.48 23.52
CA LEU B 439 -35.54 11.22 23.41
C LEU B 439 -34.50 10.47 22.57
N PHE B 440 -34.43 9.15 22.73
CA PHE B 440 -33.40 8.32 22.12
C PHE B 440 -34.02 7.39 21.10
N TYR B 441 -33.50 7.41 19.88
CA TYR B 441 -34.04 6.68 18.76
C TYR B 441 -33.28 5.36 18.57
N ASP B 442 -33.99 4.34 18.12
CA ASP B 442 -33.39 3.06 17.74
C ASP B 442 -32.94 3.14 16.28
N ALA B 443 -32.29 2.07 15.81
CA ALA B 443 -31.68 2.09 14.49
C ALA B 443 -32.72 2.15 13.37
N LYS B 444 -33.80 1.38 13.49
CA LYS B 444 -34.81 1.37 12.42
C LYS B 444 -35.59 2.67 12.38
N SER B 445 -35.88 3.26 13.55
CA SER B 445 -36.60 4.52 13.59
C SER B 445 -35.79 5.65 12.96
N SER B 446 -34.47 5.66 13.21
CA SER B 446 -33.63 6.69 12.61
C SER B 446 -33.49 6.50 11.12
N ALA B 447 -33.45 5.24 10.66
CA ALA B 447 -33.33 4.97 9.22
C ALA B 447 -34.54 5.46 8.44
N LYS B 448 -35.72 5.47 9.06
CA LYS B 448 -36.90 6.03 8.41
C LYS B 448 -36.75 7.52 8.20
N ILE B 449 -36.11 8.22 9.14
CA ILE B 449 -35.87 9.65 8.98
C ILE B 449 -34.89 9.91 7.85
N LEU B 450 -33.84 9.08 7.76
CA LEU B 450 -32.86 9.26 6.69
C LEU B 450 -33.46 8.97 5.31
N ALA B 451 -34.35 7.98 5.24
CA ALA B 451 -34.99 7.67 3.96
C ALA B 451 -35.93 8.78 3.52
N ASP B 452 -36.72 9.33 4.45
CA ASP B 452 -37.69 10.36 4.07
C ASP B 452 -37.01 11.67 3.73
N GLN B 453 -35.97 12.03 4.47
CA GLN B 453 -35.25 13.30 4.34
C GLN B 453 -33.93 13.12 3.60
N GLN B 454 -33.90 12.23 2.60
CA GLN B 454 -32.63 11.78 2.01
C GLN B 454 -31.92 12.91 1.28
N ASP B 455 -32.65 13.82 0.65
CA ASP B 455 -32.01 14.93 -0.04
C ASP B 455 -31.33 15.90 0.90
N LYS B 456 -31.79 15.99 2.16
CA LYS B 456 -31.15 16.88 3.14
C LYS B 456 -29.85 16.29 3.68
N TYR B 457 -29.81 14.96 3.85
CA TYR B 457 -28.63 14.30 4.38
C TYR B 457 -27.58 14.10 3.28
N MET B 458 -26.35 13.86 3.72
CA MET B 458 -25.20 13.76 2.83
C MET B 458 -25.02 12.34 2.30
N LYS B 459 -24.51 12.25 1.08
CA LYS B 459 -24.26 10.97 0.41
C LYS B 459 -22.91 10.41 0.83
N GLN C 16 27.85 -34.02 -8.05
CA GLN C 16 27.21 -32.67 -8.09
C GLN C 16 25.79 -32.78 -8.62
N ARG C 17 24.90 -31.95 -8.08
CA ARG C 17 23.49 -32.07 -8.39
C ARG C 17 23.20 -31.60 -9.81
N ILE C 18 22.19 -32.23 -10.42
CA ILE C 18 21.84 -32.02 -11.83
C ILE C 18 20.60 -31.14 -11.87
N ALA C 19 20.75 -29.94 -12.44
CA ALA C 19 19.64 -29.05 -12.71
C ALA C 19 19.06 -29.36 -14.09
N SER C 20 18.02 -28.61 -14.47
CA SER C 20 17.35 -28.85 -15.75
C SER C 20 18.13 -28.28 -16.94
N HIS C 21 19.08 -27.36 -16.72
CA HIS C 21 19.96 -26.82 -17.76
C HIS C 21 21.40 -27.28 -17.60
N SER C 22 21.65 -28.38 -16.87
CA SER C 22 23.02 -28.81 -16.60
C SER C 22 23.69 -29.32 -17.87
N HIS C 23 22.93 -29.98 -18.74
CA HIS C 23 23.48 -30.49 -20.00
C HIS C 23 23.95 -29.38 -20.93
N VAL C 24 23.41 -28.17 -20.80
CA VAL C 24 23.76 -27.09 -21.73
C VAL C 24 25.18 -26.63 -21.44
N LYS C 25 26.07 -26.84 -22.43
CA LYS C 25 27.48 -26.45 -22.36
C LYS C 25 27.84 -25.28 -23.28
N GLY C 26 27.03 -24.99 -24.29
CA GLY C 26 27.32 -23.90 -25.20
C GLY C 26 26.33 -23.88 -26.32
N LEU C 27 26.56 -22.95 -27.26
CA LEU C 27 25.67 -22.79 -28.40
C LEU C 27 25.90 -23.86 -29.48
N GLY C 28 27.06 -24.51 -29.50
CA GLY C 28 27.30 -25.58 -30.45
C GLY C 28 27.35 -25.15 -31.90
N LEU C 29 27.88 -23.97 -32.19
CA LEU C 29 27.89 -23.60 -33.63
C LEU C 29 29.20 -24.16 -34.22
N ASP C 30 29.56 -23.80 -35.46
CA ASP C 30 30.85 -24.22 -36.04
C ASP C 30 31.74 -22.99 -36.19
N GLU C 31 32.97 -23.10 -36.75
CA GLU C 31 33.87 -21.96 -36.82
C GLU C 31 33.29 -20.83 -37.66
N SER C 32 32.48 -21.15 -38.67
CA SER C 32 31.83 -20.13 -39.50
C SER C 32 30.61 -19.49 -38.84
N GLY C 33 30.20 -19.94 -37.64
CA GLY C 33 29.04 -19.41 -36.96
C GLY C 33 27.74 -20.16 -37.20
N LEU C 34 27.70 -21.06 -38.18
CA LEU C 34 26.51 -21.87 -38.40
C LEU C 34 26.33 -22.86 -37.26
N ALA C 35 25.07 -23.12 -36.92
CA ALA C 35 24.74 -24.01 -35.82
C ALA C 35 24.76 -25.47 -36.28
N LYS C 36 25.50 -26.29 -35.54
CA LYS C 36 25.43 -27.73 -35.74
C LYS C 36 24.08 -28.25 -35.26
N GLN C 37 23.66 -29.39 -35.81
CA GLN C 37 22.34 -29.92 -35.48
C GLN C 37 22.27 -30.36 -34.02
N ALA C 38 23.35 -30.94 -33.50
CA ALA C 38 23.41 -31.37 -32.11
C ALA C 38 24.85 -31.20 -31.63
N ALA C 39 25.06 -30.23 -30.74
CA ALA C 39 26.39 -29.97 -30.20
C ALA C 39 26.26 -29.19 -28.91
N SER C 40 27.13 -29.51 -27.94
CA SER C 40 27.22 -28.82 -26.66
C SER C 40 25.92 -28.91 -25.86
N GLY C 41 25.18 -30.01 -26.02
CA GLY C 41 23.96 -30.24 -25.29
C GLY C 41 22.69 -29.71 -25.94
N LEU C 42 22.81 -28.75 -26.87
CA LEU C 42 21.67 -28.19 -27.58
C LEU C 42 21.36 -28.99 -28.83
N VAL C 43 20.09 -28.98 -29.21
CA VAL C 43 19.56 -29.75 -30.34
C VAL C 43 18.57 -28.87 -31.08
N GLY C 44 18.71 -28.78 -32.41
CA GLY C 44 17.80 -28.00 -33.21
C GLY C 44 17.93 -26.52 -32.87
N GLN C 45 16.89 -25.77 -33.24
CA GLN C 45 16.79 -24.34 -32.91
C GLN C 45 17.94 -23.55 -33.52
N GLU C 46 18.27 -23.90 -34.77
CA GLU C 46 19.54 -23.48 -35.36
C GLU C 46 19.59 -21.97 -35.62
N ASN C 47 18.48 -21.39 -36.06
CA ASN C 47 18.43 -19.96 -36.36
C ASN C 47 18.63 -19.13 -35.09
N ALA C 48 17.96 -19.50 -34.00
CA ALA C 48 18.13 -18.79 -32.75
C ALA C 48 19.53 -18.99 -32.19
N ARG C 49 20.11 -20.17 -32.36
CA ARG C 49 21.48 -20.40 -31.90
C ARG C 49 22.48 -19.54 -32.67
N GLU C 50 22.28 -19.39 -33.98
CA GLU C 50 23.15 -18.54 -34.78
C GLU C 50 23.01 -17.07 -34.38
N ALA C 51 21.77 -16.62 -34.13
CA ALA C 51 21.57 -15.26 -33.65
C ALA C 51 22.20 -15.04 -32.28
N CYS C 52 22.09 -16.03 -31.39
CA CYS C 52 22.73 -15.94 -30.08
C CYS C 52 24.25 -15.92 -30.21
N GLY C 53 24.80 -16.62 -31.21
CA GLY C 53 26.22 -16.51 -31.48
C GLY C 53 26.64 -15.13 -31.92
N VAL C 54 25.80 -14.48 -32.74
CA VAL C 54 26.07 -13.10 -33.12
C VAL C 54 26.04 -12.19 -31.88
N ILE C 55 25.11 -12.46 -30.96
CA ILE C 55 25.06 -11.70 -29.71
C ILE C 55 26.30 -11.98 -28.86
N VAL C 56 26.81 -13.21 -28.91
CA VAL C 56 28.03 -13.55 -28.17
C VAL C 56 29.21 -12.76 -28.70
N GLU C 57 29.32 -12.67 -30.03
CA GLU C 57 30.40 -11.87 -30.60
C GLU C 57 30.20 -10.38 -30.35
N LEU C 58 28.94 -9.92 -30.24
CA LEU C 58 28.68 -8.54 -29.83
C LEU C 58 29.17 -8.29 -28.41
N ILE C 59 28.92 -9.23 -27.50
CA ILE C 59 29.33 -9.05 -26.11
C ILE C 59 30.86 -9.14 -26.00
N LYS C 60 31.48 -10.09 -26.68
CA LYS C 60 32.93 -10.28 -26.60
C LYS C 60 33.72 -9.12 -27.17
N SER C 61 33.19 -8.44 -28.19
CA SER C 61 33.88 -7.31 -28.80
C SER C 61 33.95 -6.08 -27.89
N LYS C 62 33.16 -6.02 -26.82
CA LYS C 62 32.95 -4.81 -26.02
C LYS C 62 32.38 -3.77 -27.00
N LYS C 63 32.81 -2.51 -26.95
CA LYS C 63 32.56 -1.47 -27.97
C LYS C 63 31.13 -0.96 -28.05
N MET C 64 30.17 -1.58 -27.36
CA MET C 64 28.75 -1.25 -27.46
C MET C 64 28.10 -1.41 -26.10
N ALA C 65 27.25 -0.45 -25.75
CA ALA C 65 26.61 -0.35 -24.45
C ALA C 65 25.10 -0.33 -24.60
N GLY C 66 24.42 -1.01 -23.68
CA GLY C 66 22.99 -0.89 -23.55
C GLY C 66 22.19 -1.40 -24.71
N ARG C 67 22.68 -2.44 -25.40
CA ARG C 67 21.95 -3.11 -26.47
C ARG C 67 21.21 -4.30 -25.91
N ALA C 68 19.93 -4.41 -26.27
CA ALA C 68 19.00 -5.37 -25.72
C ALA C 68 18.58 -6.36 -26.80
N VAL C 69 18.32 -7.60 -26.38
CA VAL C 69 17.77 -8.65 -27.25
C VAL C 69 16.70 -9.40 -26.47
N LEU C 70 15.61 -9.74 -27.17
CA LEU C 70 14.46 -10.42 -26.60
C LEU C 70 14.39 -11.81 -27.20
N LEU C 71 14.36 -12.82 -26.34
CA LEU C 71 14.06 -14.20 -26.73
C LEU C 71 12.57 -14.44 -26.57
N ALA C 72 11.88 -14.69 -27.69
CA ALA C 72 10.43 -14.84 -27.74
C ALA C 72 10.07 -16.17 -28.37
N GLY C 73 9.08 -16.84 -27.80
CA GLY C 73 8.59 -18.09 -28.32
C GLY C 73 7.70 -18.75 -27.29
N PRO C 74 7.09 -19.87 -27.63
CA PRO C 74 6.18 -20.53 -26.69
C PRO C 74 6.96 -21.20 -25.56
N PRO C 75 6.28 -21.73 -24.55
CA PRO C 75 7.01 -22.37 -23.44
C PRO C 75 7.76 -23.61 -23.86
N GLY C 76 8.88 -23.84 -23.19
CA GLY C 76 9.68 -25.03 -23.42
C GLY C 76 10.55 -25.04 -24.65
N THR C 77 10.75 -23.89 -25.30
CA THR C 77 11.52 -23.80 -26.56
C THR C 77 12.96 -23.34 -26.36
N GLY C 78 13.48 -23.39 -25.14
CA GLY C 78 14.90 -23.14 -24.93
C GLY C 78 15.33 -21.70 -24.84
N LYS C 79 14.43 -20.79 -24.42
CA LYS C 79 14.82 -19.40 -24.25
C LYS C 79 15.85 -19.26 -23.12
N THR C 80 15.53 -19.80 -21.95
CA THR C 80 16.50 -19.82 -20.86
C THR C 80 17.69 -20.71 -21.18
N ALA C 81 17.47 -21.78 -21.93
CA ALA C 81 18.57 -22.62 -22.37
C ALA C 81 19.53 -21.84 -23.27
N LEU C 82 19.00 -21.03 -24.19
CA LEU C 82 19.87 -20.25 -25.07
C LEU C 82 20.60 -19.14 -24.30
N ALA C 83 19.92 -18.51 -23.34
CA ALA C 83 20.58 -17.49 -22.53
C ALA C 83 21.71 -18.10 -21.70
N LEU C 84 21.49 -19.29 -21.12
CA LEU C 84 22.54 -19.95 -20.38
C LEU C 84 23.63 -20.49 -21.30
N ALA C 85 23.30 -20.85 -22.54
CA ALA C 85 24.32 -21.22 -23.51
C ALA C 85 25.21 -20.04 -23.85
N ILE C 86 24.62 -18.84 -23.97
CA ILE C 86 25.41 -17.62 -24.15
C ILE C 86 26.32 -17.40 -22.96
N ALA C 87 25.79 -17.62 -21.75
CA ALA C 87 26.58 -17.48 -20.52
C ALA C 87 27.75 -18.44 -20.51
N GLN C 88 27.53 -19.69 -20.93
CA GLN C 88 28.61 -20.68 -20.99
C GLN C 88 29.63 -20.31 -22.05
N GLU C 89 29.19 -19.78 -23.19
CA GLU C 89 30.12 -19.40 -24.25
C GLU C 89 30.99 -18.23 -23.84
N LEU C 90 30.45 -17.31 -23.04
CA LEU C 90 31.24 -16.16 -22.60
C LEU C 90 32.27 -16.54 -21.55
N GLY C 91 31.97 -17.53 -20.71
CA GLY C 91 32.88 -17.98 -19.67
C GLY C 91 32.69 -17.24 -18.34
N SER C 92 33.45 -17.70 -17.36
CA SER C 92 33.32 -17.18 -16.00
C SER C 92 33.95 -15.80 -15.85
N LYS C 93 34.90 -15.44 -16.72
CA LYS C 93 35.55 -14.13 -16.63
C LYS C 93 34.56 -13.00 -16.90
N VAL C 94 33.68 -13.18 -17.88
CA VAL C 94 32.71 -12.16 -18.26
C VAL C 94 31.58 -12.18 -17.23
N PRO C 95 31.12 -11.06 -16.65
CA PRO C 95 29.97 -11.16 -15.72
C PRO C 95 28.69 -11.53 -16.44
N PHE C 96 27.84 -12.29 -15.72
CA PHE C 96 26.53 -12.68 -16.21
C PHE C 96 25.58 -12.61 -15.01
N CYS C 97 24.71 -11.59 -15.01
CA CYS C 97 23.80 -11.33 -13.91
C CYS C 97 22.41 -11.85 -14.28
N PRO C 98 21.95 -12.99 -13.77
CA PRO C 98 20.56 -13.39 -13.97
C PRO C 98 19.62 -12.74 -12.96
N MET C 99 18.38 -12.51 -13.41
CA MET C 99 17.32 -12.06 -12.53
C MET C 99 15.99 -12.44 -13.16
N VAL C 100 14.94 -12.36 -12.34
CA VAL C 100 13.55 -12.46 -12.80
C VAL C 100 12.92 -11.08 -12.72
N GLY C 101 11.84 -10.91 -13.48
CA GLY C 101 11.11 -9.66 -13.46
C GLY C 101 10.46 -9.38 -12.12
N SER C 102 10.03 -10.42 -11.41
CA SER C 102 9.37 -10.22 -10.12
C SER C 102 10.32 -9.81 -8.99
N GLU C 103 11.64 -9.87 -9.20
CA GLU C 103 12.58 -9.43 -8.17
C GLU C 103 12.65 -7.91 -8.01
N VAL C 104 12.07 -7.13 -8.92
CA VAL C 104 12.09 -5.67 -8.76
C VAL C 104 11.19 -5.20 -7.60
N TYR C 105 10.22 -6.00 -7.18
CA TYR C 105 9.27 -5.61 -6.15
C TYR C 105 9.89 -5.83 -4.75
N SER C 106 10.76 -4.91 -4.38
CA SER C 106 11.45 -4.92 -3.09
C SER C 106 10.69 -4.08 -2.08
N THR C 107 10.69 -4.55 -0.82
CA THR C 107 10.15 -3.75 0.27
C THR C 107 11.10 -2.65 0.73
N GLU C 108 12.41 -2.81 0.54
CA GLU C 108 13.40 -1.88 1.08
C GLU C 108 13.69 -0.70 0.15
N ILE C 109 13.71 -0.94 -1.17
CA ILE C 109 14.10 0.05 -2.16
C ILE C 109 13.13 0.02 -3.33
N LYS C 110 13.07 1.13 -4.04
CA LYS C 110 12.17 1.25 -5.18
C LYS C 110 12.60 0.34 -6.32
N LYS C 111 11.68 0.13 -7.27
CA LYS C 111 11.88 -0.85 -8.32
C LYS C 111 13.01 -0.44 -9.27
N THR C 112 13.07 0.84 -9.61
CA THR C 112 14.12 1.32 -10.50
C THR C 112 15.49 1.23 -9.85
N GLU C 113 15.55 1.33 -8.51
CA GLU C 113 16.83 1.07 -7.82
C GLU C 113 17.25 -0.38 -7.97
N VAL C 114 16.30 -1.32 -7.88
CA VAL C 114 16.63 -2.73 -8.02
C VAL C 114 17.16 -3.01 -9.42
N LEU C 115 16.48 -2.43 -10.43
CA LEU C 115 16.95 -2.56 -11.81
C LEU C 115 18.32 -1.94 -12.00
N MET C 116 18.54 -0.76 -11.40
CA MET C 116 19.80 -0.07 -11.56
C MET C 116 20.95 -0.83 -10.91
N GLU C 117 20.69 -1.41 -9.73
CA GLU C 117 21.69 -2.23 -9.06
C GLU C 117 22.03 -3.49 -9.86
N ASN C 118 21.03 -4.13 -10.46
CA ASN C 118 21.34 -5.29 -11.32
C ASN C 118 22.11 -4.90 -12.57
N PHE C 119 21.75 -3.75 -13.18
CA PHE C 119 22.49 -3.24 -14.34
C PHE C 119 23.95 -2.96 -13.99
N ARG C 120 24.19 -2.37 -12.80
CA ARG C 120 25.55 -2.11 -12.36
C ARG C 120 26.28 -3.39 -11.95
N ARG C 121 25.55 -4.40 -11.46
CA ARG C 121 26.14 -5.70 -11.20
C ARG C 121 26.67 -6.33 -12.48
N ALA C 122 25.97 -6.11 -13.59
CA ALA C 122 26.40 -6.75 -14.83
C ALA C 122 27.71 -6.20 -15.41
N ILE C 123 28.19 -5.02 -14.98
CA ILE C 123 29.47 -4.46 -15.44
C ILE C 123 30.56 -4.83 -14.44
N GLY C 124 31.62 -5.46 -14.96
CA GLY C 124 32.72 -5.97 -14.16
C GLY C 124 33.99 -5.13 -14.26
N LEU C 125 34.94 -5.46 -13.38
CA LEU C 125 36.20 -4.72 -13.32
C LEU C 125 37.25 -5.64 -12.67
N ARG C 126 38.37 -5.83 -13.38
CA ARG C 126 39.51 -6.64 -12.92
C ARG C 126 40.64 -5.71 -12.53
N ILE C 127 40.78 -5.49 -11.21
CA ILE C 127 41.77 -4.58 -10.65
C ILE C 127 42.95 -5.40 -10.17
N LYS C 128 44.11 -5.21 -10.81
CA LYS C 128 45.36 -5.89 -10.47
C LYS C 128 46.31 -4.96 -9.74
N ILE C 238 44.70 -9.66 -8.21
CA ILE C 238 43.61 -10.07 -9.15
C ILE C 238 42.27 -9.94 -8.43
N GLN C 239 41.69 -8.75 -8.47
CA GLN C 239 40.42 -8.51 -7.73
C GLN C 239 39.26 -8.42 -8.73
N ASP C 240 38.30 -9.34 -8.63
CA ASP C 240 37.10 -9.28 -9.52
C ASP C 240 35.96 -8.58 -8.77
N VAL C 241 35.64 -7.34 -9.15
CA VAL C 241 34.54 -6.58 -8.48
C VAL C 241 33.63 -5.96 -9.55
N THR C 242 32.38 -5.66 -9.20
CA THR C 242 31.45 -5.02 -10.15
C THR C 242 31.24 -3.58 -9.73
N LEU C 243 30.72 -2.74 -10.63
CA LEU C 243 30.42 -1.36 -10.23
C LEU C 243 29.45 -1.31 -9.06
N HIS C 244 28.55 -2.29 -8.95
CA HIS C 244 27.66 -2.35 -7.80
C HIS C 244 28.41 -2.59 -6.51
N ASP C 245 29.48 -3.40 -6.56
CA ASP C 245 30.30 -3.64 -5.37
C ASP C 245 30.94 -2.35 -4.88
N LEU C 246 31.50 -1.56 -5.80
CA LEU C 246 32.09 -0.28 -5.45
C LEU C 246 31.03 0.69 -4.92
N ASP C 247 29.83 0.67 -5.53
CA ASP C 247 28.75 1.54 -5.10
C ASP C 247 28.32 1.24 -3.66
N VAL C 248 28.07 -0.04 -3.35
CA VAL C 248 27.66 -0.39 -1.99
C VAL C 248 28.83 -0.24 -1.01
N ALA C 249 30.07 -0.41 -1.47
CA ALA C 249 31.21 -0.21 -0.58
C ALA C 249 31.34 1.24 -0.17
N ASN C 250 31.20 2.17 -1.13
CA ASN C 250 31.33 3.59 -0.85
C ASN C 250 30.06 4.21 -0.26
N ALA C 251 28.90 3.55 -0.40
CA ALA C 251 27.67 4.02 0.24
C ALA C 251 27.58 3.63 1.71
N ARG C 252 28.36 2.65 2.17
CA ARG C 252 28.40 2.22 3.58
C ARG C 252 29.85 2.17 4.05
N PRO C 253 30.41 3.31 4.47
CA PRO C 253 31.67 3.25 5.25
C PRO C 253 31.42 2.67 6.64
N MET C 263 28.14 0.37 12.99
CA MET C 263 27.20 -0.06 11.92
C MET C 263 26.30 -1.20 12.44
N GLY C 264 26.82 -2.03 13.34
CA GLY C 264 26.03 -3.17 13.88
C GLY C 264 25.24 -2.77 15.11
N GLN C 265 25.75 -3.02 16.32
CA GLN C 265 25.11 -2.67 17.58
C GLN C 265 23.62 -2.36 17.38
N LEU C 266 22.88 -3.40 16.99
CA LEU C 266 21.43 -3.33 16.80
C LEU C 266 21.03 -2.34 15.71
N MET C 267 21.83 -2.26 14.64
CA MET C 267 21.52 -1.47 13.44
C MET C 267 21.65 -2.41 12.25
N LYS C 268 20.53 -2.82 11.72
CA LYS C 268 20.50 -3.79 10.63
C LYS C 268 20.94 -3.11 9.33
N PRO C 269 21.78 -3.74 8.48
CA PRO C 269 22.03 -3.13 7.17
C PRO C 269 20.80 -3.22 6.28
N LYS C 270 20.62 -2.19 5.46
CA LYS C 270 19.45 -2.04 4.61
C LYS C 270 19.91 -1.62 3.23
N LYS C 271 19.21 -2.12 2.22
CA LYS C 271 19.38 -1.57 0.87
C LYS C 271 18.83 -0.15 0.86
N THR C 272 19.54 0.74 0.17
CA THR C 272 19.22 2.16 0.10
C THR C 272 19.24 2.59 -1.36
N GLU C 273 18.57 3.72 -1.61
CA GLU C 273 18.39 4.25 -2.95
C GLU C 273 19.61 5.09 -3.30
N ILE C 274 20.64 4.41 -3.80
CA ILE C 274 21.93 5.04 -4.09
C ILE C 274 21.76 6.04 -5.22
N THR C 275 22.32 7.23 -5.03
CA THR C 275 22.06 8.35 -5.92
C THR C 275 22.92 8.28 -7.17
N ASP C 276 22.53 9.06 -8.17
CA ASP C 276 23.34 9.20 -9.38
C ASP C 276 24.67 9.89 -9.11
N LYS C 277 24.77 10.70 -8.05
CA LYS C 277 26.02 11.39 -7.76
C LYS C 277 27.12 10.42 -7.39
N LEU C 278 26.83 9.46 -6.50
CA LEU C 278 27.83 8.47 -6.09
C LEU C 278 28.26 7.61 -7.26
N ARG C 279 27.32 7.18 -8.10
CA ARG C 279 27.68 6.39 -9.25
C ARG C 279 28.50 7.20 -10.25
N GLY C 280 28.25 8.52 -10.33
CA GLY C 280 29.12 9.37 -11.13
C GLY C 280 30.55 9.43 -10.62
N GLU C 281 30.72 9.61 -9.30
CA GLU C 281 32.08 9.62 -8.74
C GLU C 281 32.75 8.25 -8.89
N ILE C 282 32.00 7.17 -8.76
CA ILE C 282 32.57 5.84 -8.94
C ILE C 282 33.00 5.63 -10.39
N ASN C 283 32.22 6.15 -11.34
CA ASN C 283 32.61 6.08 -12.74
C ASN C 283 33.89 6.87 -13.00
N LYS C 284 34.01 8.05 -12.38
CA LYS C 284 35.23 8.85 -12.55
C LYS C 284 36.45 8.14 -11.96
N VAL C 285 36.29 7.55 -10.78
CA VAL C 285 37.41 6.84 -10.14
C VAL C 285 37.78 5.61 -10.95
N VAL C 286 36.80 4.92 -11.54
CA VAL C 286 37.08 3.75 -12.36
C VAL C 286 37.83 4.17 -13.63
N ASN C 287 37.43 5.29 -14.25
CA ASN C 287 38.14 5.77 -15.42
C ASN C 287 39.57 6.20 -15.06
N LYS C 288 39.75 6.77 -13.88
CA LYS C 288 41.10 7.13 -13.44
C LYS C 288 41.96 5.88 -13.24
N TYR C 289 41.38 4.83 -12.67
CA TYR C 289 42.14 3.59 -12.46
C TYR C 289 42.42 2.89 -13.79
N ILE C 290 41.52 2.99 -14.76
CA ILE C 290 41.77 2.41 -16.07
C ILE C 290 42.86 3.19 -16.79
N ASP C 291 42.86 4.52 -16.65
CA ASP C 291 43.89 5.35 -17.29
C ASP C 291 45.29 5.05 -16.75
N GLN C 292 45.40 4.66 -15.49
CA GLN C 292 46.67 4.30 -14.89
C GLN C 292 47.09 2.86 -15.18
N GLY C 293 46.31 2.09 -15.94
CA GLY C 293 46.66 0.70 -16.21
C GLY C 293 46.50 -0.23 -15.03
N ILE C 294 45.77 0.18 -13.99
CA ILE C 294 45.60 -0.63 -12.78
C ILE C 294 44.32 -1.49 -12.85
N ALA C 295 43.32 -1.08 -13.62
CA ALA C 295 42.03 -1.76 -13.73
C ALA C 295 41.71 -2.01 -15.19
N GLU C 296 40.94 -3.08 -15.43
CA GLU C 296 40.48 -3.50 -16.74
C GLU C 296 38.98 -3.68 -16.68
N LEU C 297 38.25 -2.99 -17.55
CA LEU C 297 36.80 -3.09 -17.60
C LEU C 297 36.38 -4.37 -18.31
N VAL C 298 35.37 -5.03 -17.76
CA VAL C 298 34.80 -6.27 -18.28
C VAL C 298 33.28 -6.06 -18.40
N PRO C 299 32.77 -5.48 -19.47
CA PRO C 299 31.31 -5.38 -19.63
C PRO C 299 30.67 -6.75 -19.78
N GLY C 300 29.76 -7.07 -18.89
CA GLY C 300 29.07 -8.34 -18.83
C GLY C 300 27.66 -8.26 -19.39
N VAL C 301 26.82 -9.15 -18.90
CA VAL C 301 25.47 -9.37 -19.41
C VAL C 301 24.49 -9.38 -18.25
N LEU C 302 23.36 -8.71 -18.44
CA LEU C 302 22.18 -8.84 -17.59
C LEU C 302 21.16 -9.68 -18.35
N PHE C 303 20.66 -10.74 -17.69
CA PHE C 303 19.63 -11.62 -18.23
C PHE C 303 18.38 -11.46 -17.36
N VAL C 304 17.38 -10.77 -17.90
CA VAL C 304 16.09 -10.53 -17.23
C VAL C 304 15.11 -11.53 -17.82
N ASP C 305 15.02 -12.71 -17.20
CA ASP C 305 13.97 -13.66 -17.53
C ASP C 305 12.64 -13.18 -16.97
N GLU C 306 11.55 -13.65 -17.59
CA GLU C 306 10.19 -13.36 -17.13
C GLU C 306 9.91 -11.86 -17.14
N VAL C 307 10.35 -11.20 -18.21
CA VAL C 307 10.31 -9.73 -18.32
C VAL C 307 8.89 -9.19 -18.31
N HIS C 308 7.91 -10.01 -18.73
CA HIS C 308 6.48 -9.68 -18.60
C HIS C 308 6.07 -9.33 -17.16
N MET C 309 6.73 -9.88 -16.15
CA MET C 309 6.39 -9.56 -14.77
C MET C 309 6.75 -8.13 -14.38
N LEU C 310 7.63 -7.45 -15.12
CA LEU C 310 7.85 -6.04 -14.89
C LEU C 310 6.58 -5.25 -15.23
N ASP C 311 6.40 -4.13 -14.52
CA ASP C 311 5.28 -3.23 -14.73
C ASP C 311 5.71 -2.05 -15.61
N ILE C 312 4.75 -1.17 -15.88
CA ILE C 312 4.93 -0.10 -16.87
C ILE C 312 6.01 0.89 -16.43
N GLU C 313 6.10 1.17 -15.12
CA GLU C 313 7.14 2.07 -14.63
C GLU C 313 8.54 1.48 -14.84
N CYS C 314 8.69 0.17 -14.62
CA CYS C 314 9.97 -0.48 -14.86
C CYS C 314 10.34 -0.45 -16.34
N PHE C 315 9.37 -0.71 -17.21
CA PHE C 315 9.63 -0.69 -18.65
C PHE C 315 10.00 0.71 -19.12
N THR C 316 9.38 1.75 -18.54
CA THR C 316 9.75 3.10 -18.89
C THR C 316 11.15 3.45 -18.38
N TYR C 317 11.52 2.96 -17.20
CA TYR C 317 12.87 3.19 -16.70
C TYR C 317 13.92 2.49 -17.56
N LEU C 318 13.57 1.34 -18.15
CA LEU C 318 14.50 0.63 -19.02
C LEU C 318 14.86 1.43 -20.27
N HIS C 319 14.01 2.36 -20.70
CA HIS C 319 14.35 3.22 -21.83
C HIS C 319 15.57 4.08 -21.51
N ARG C 320 15.58 4.67 -20.32
CA ARG C 320 16.74 5.45 -19.90
C ARG C 320 17.93 4.56 -19.64
N ALA C 321 17.71 3.38 -19.04
CA ALA C 321 18.82 2.50 -18.70
C ALA C 321 19.53 1.96 -19.93
N LEU C 322 18.78 1.58 -20.96
CA LEU C 322 19.37 1.01 -22.17
C LEU C 322 20.04 2.07 -23.05
N GLU C 323 19.61 3.32 -22.96
CA GLU C 323 20.21 4.39 -23.77
C GLU C 323 21.57 4.85 -23.27
N SER C 324 22.05 4.37 -22.12
CA SER C 324 23.30 4.84 -21.57
C SER C 324 24.50 4.28 -22.33
N SER C 325 25.60 5.04 -22.29
CA SER C 325 26.89 4.60 -22.81
C SER C 325 27.63 3.64 -21.87
N ILE C 326 27.17 3.47 -20.63
CA ILE C 326 27.82 2.60 -19.64
C ILE C 326 27.11 1.24 -19.54
N ALA C 327 25.87 1.11 -20.04
CA ALA C 327 25.03 -0.03 -19.71
C ALA C 327 25.55 -1.31 -20.38
N PRO C 328 25.25 -2.48 -19.82
CA PRO C 328 25.71 -3.74 -20.41
C PRO C 328 24.80 -4.17 -21.57
N ILE C 329 25.11 -5.33 -22.12
CA ILE C 329 24.20 -6.00 -23.05
C ILE C 329 23.12 -6.70 -22.23
N VAL C 330 21.87 -6.50 -22.61
CA VAL C 330 20.70 -7.02 -21.89
C VAL C 330 20.07 -8.12 -22.73
N ILE C 331 19.61 -9.17 -22.06
CA ILE C 331 18.88 -10.28 -22.68
C ILE C 331 17.55 -10.43 -21.95
N PHE C 332 16.46 -10.20 -22.65
CA PHE C 332 15.10 -10.42 -22.16
C PHE C 332 14.59 -11.76 -22.67
N ALA C 333 13.67 -12.35 -21.90
CA ALA C 333 12.98 -13.58 -22.27
C ALA C 333 11.53 -13.44 -21.89
N SER C 334 10.64 -13.85 -22.80
CA SER C 334 9.20 -13.75 -22.59
C SER C 334 8.50 -14.88 -23.35
N ASN C 335 7.46 -15.43 -22.71
CA ASN C 335 6.61 -16.46 -23.30
C ASN C 335 5.17 -15.99 -23.52
N ARG C 336 4.87 -14.71 -23.30
CA ARG C 336 3.50 -14.23 -23.32
C ARG C 336 3.06 -13.87 -24.74
N GLY C 337 1.80 -14.14 -25.04
CA GLY C 337 1.16 -13.65 -26.24
C GLY C 337 0.66 -12.24 -26.01
N ASN C 338 -0.34 -11.85 -26.79
CA ASN C 338 -0.92 -10.52 -26.66
C ASN C 338 -1.67 -10.45 -25.33
N CYS C 339 -1.14 -9.66 -24.39
CA CYS C 339 -1.66 -9.62 -23.03
C CYS C 339 -1.41 -8.24 -22.43
N VAL C 340 -2.10 -7.98 -21.32
CA VAL C 340 -2.11 -6.66 -20.71
C VAL C 340 -0.76 -6.40 -20.03
N ILE C 341 -0.21 -5.21 -20.24
CA ILE C 341 0.98 -4.80 -19.53
C ILE C 341 0.63 -4.63 -18.05
N ARG C 342 1.47 -5.16 -17.18
CA ARG C 342 1.25 -5.00 -15.74
C ARG C 342 1.40 -3.54 -15.35
N GLY C 343 0.54 -3.09 -14.44
CA GLY C 343 0.53 -1.72 -13.99
C GLY C 343 -0.32 -0.77 -14.79
N THR C 344 -0.71 -1.14 -16.02
CA THR C 344 -1.65 -0.39 -16.84
C THR C 344 -3.06 -0.91 -16.62
N GLU C 345 -4.03 -0.08 -16.99
CA GLU C 345 -5.42 -0.46 -16.78
C GLU C 345 -5.83 -1.59 -17.73
N ASP C 346 -5.77 -1.32 -19.05
CA ASP C 346 -6.19 -2.26 -20.08
C ASP C 346 -5.33 -2.20 -21.33
N ILE C 347 -4.11 -1.67 -21.27
CA ILE C 347 -3.28 -1.51 -22.45
C ILE C 347 -2.69 -2.87 -22.80
N THR C 348 -3.20 -3.48 -23.87
CA THR C 348 -2.65 -4.72 -24.39
C THR C 348 -1.42 -4.42 -25.25
N SER C 349 -0.54 -5.41 -25.35
CA SER C 349 0.73 -5.25 -26.06
C SER C 349 1.20 -6.62 -26.52
N PRO C 350 2.14 -6.69 -27.49
CA PRO C 350 2.41 -7.99 -28.16
C PRO C 350 2.97 -9.09 -27.27
N HIS C 351 4.07 -8.86 -26.54
CA HIS C 351 4.71 -9.86 -25.70
C HIS C 351 4.45 -9.62 -24.21
N GLY C 352 3.44 -8.82 -23.87
CA GLY C 352 3.34 -8.25 -22.55
C GLY C 352 4.32 -7.14 -22.26
N ILE C 353 5.04 -6.65 -23.28
CA ILE C 353 6.08 -5.61 -23.16
C ILE C 353 5.50 -4.40 -23.88
N PRO C 354 5.74 -3.15 -23.47
CA PRO C 354 5.27 -2.02 -24.27
C PRO C 354 5.98 -1.94 -25.62
N LEU C 355 5.29 -1.31 -26.57
CA LEU C 355 5.82 -1.16 -27.93
C LEU C 355 7.07 -0.29 -27.95
N ASP C 356 7.17 0.68 -27.03
CA ASP C 356 8.34 1.54 -26.99
C ASP C 356 9.60 0.77 -26.63
N LEU C 357 9.52 -0.15 -25.66
CA LEU C 357 10.66 -0.99 -25.34
C LEU C 357 10.92 -2.01 -26.44
N LEU C 358 9.86 -2.53 -27.06
CA LEU C 358 10.03 -3.50 -28.16
C LEU C 358 10.70 -2.87 -29.36
N ASP C 359 10.53 -1.56 -29.56
CA ASP C 359 11.27 -0.87 -30.61
C ASP C 359 12.77 -0.82 -30.33
N ARG C 360 13.16 -0.89 -29.05
CA ARG C 360 14.56 -0.77 -28.64
C ARG C 360 15.32 -2.10 -28.62
N VAL C 361 14.68 -3.23 -28.91
CA VAL C 361 15.28 -4.56 -28.79
C VAL C 361 15.21 -5.26 -30.15
N MET C 362 16.15 -6.17 -30.37
CA MET C 362 16.10 -7.14 -31.45
C MET C 362 15.47 -8.42 -30.92
N ILE C 363 14.67 -9.09 -31.76
CA ILE C 363 13.85 -10.22 -31.36
C ILE C 363 14.42 -11.48 -32.01
N ILE C 364 14.71 -12.48 -31.18
CA ILE C 364 15.12 -13.81 -31.61
C ILE C 364 13.94 -14.74 -31.36
N ARG C 365 13.49 -15.43 -32.41
CA ARG C 365 12.37 -16.36 -32.32
C ARG C 365 12.89 -17.77 -32.04
N THR C 366 12.26 -18.44 -31.08
CA THR C 366 12.45 -19.86 -30.81
C THR C 366 11.19 -20.60 -31.23
N MET C 367 11.36 -21.70 -31.96
CA MET C 367 10.27 -22.47 -32.54
C MET C 367 10.10 -23.79 -31.81
N LEU C 368 8.93 -24.39 -31.99
CA LEU C 368 8.62 -25.66 -31.37
C LEU C 368 9.44 -26.78 -32.00
N TYR C 369 9.73 -27.81 -31.19
CA TYR C 369 10.56 -28.93 -31.62
C TYR C 369 9.72 -30.03 -32.24
N THR C 370 10.30 -30.68 -33.25
CA THR C 370 9.70 -31.84 -33.88
C THR C 370 9.83 -33.03 -32.93
N PRO C 371 9.13 -34.15 -33.21
CA PRO C 371 9.32 -35.35 -32.37
C PRO C 371 10.73 -35.90 -32.35
N GLN C 372 11.46 -35.81 -33.47
CA GLN C 372 12.84 -36.32 -33.49
C GLN C 372 13.75 -35.45 -32.62
N GLU C 373 13.57 -34.13 -32.68
CA GLU C 373 14.34 -33.24 -31.82
C GLU C 373 14.00 -33.47 -30.36
N MET C 374 12.72 -33.72 -30.05
CA MET C 374 12.31 -34.03 -28.69
C MET C 374 12.96 -35.33 -28.20
N LYS C 375 13.02 -36.33 -29.08
CA LYS C 375 13.67 -37.59 -28.74
C LYS C 375 15.16 -37.40 -28.46
N GLN C 376 15.82 -36.57 -29.28
CA GLN C 376 17.23 -36.25 -29.04
C GLN C 376 17.43 -35.53 -27.71
N ILE C 377 16.53 -34.60 -27.38
CA ILE C 377 16.66 -33.87 -26.12
C ILE C 377 16.44 -34.81 -24.94
N ILE C 378 15.48 -35.73 -25.07
CA ILE C 378 15.23 -36.71 -24.01
C ILE C 378 16.44 -37.62 -23.84
N LYS C 379 17.09 -37.99 -24.95
CA LYS C 379 18.29 -38.81 -24.86
C LYS C 379 19.43 -38.07 -24.18
N ILE C 380 19.61 -36.78 -24.48
CA ILE C 380 20.66 -36.00 -23.82
C ILE C 380 20.36 -35.84 -22.34
N ARG C 381 19.10 -35.66 -21.98
CA ARG C 381 18.74 -35.55 -20.57
C ARG C 381 18.93 -36.88 -19.84
N ALA C 382 18.67 -38.01 -20.51
CA ALA C 382 18.93 -39.31 -19.91
C ALA C 382 20.42 -39.53 -19.70
N GLN C 383 21.24 -39.10 -20.66
CA GLN C 383 22.70 -39.22 -20.51
C GLN C 383 23.21 -38.33 -19.39
N THR C 384 22.68 -37.11 -19.29
CA THR C 384 23.14 -36.17 -18.26
C THR C 384 22.76 -36.63 -16.87
N GLU C 385 21.58 -37.23 -16.72
CA GLU C 385 21.13 -37.76 -15.44
C GLU C 385 21.70 -39.15 -15.12
N GLY C 386 22.56 -39.71 -15.96
CA GLY C 386 23.13 -41.02 -15.69
C GLY C 386 22.12 -42.13 -15.73
N ILE C 387 21.21 -42.09 -16.70
CA ILE C 387 20.07 -43.01 -16.79
C ILE C 387 20.21 -43.78 -18.10
N ASN C 388 20.28 -45.11 -17.98
CA ASN C 388 20.15 -45.97 -19.16
C ASN C 388 18.68 -46.09 -19.53
N ILE C 389 18.42 -46.18 -20.83
CA ILE C 389 17.06 -46.24 -21.35
C ILE C 389 17.09 -47.01 -22.68
N SER C 390 16.20 -47.99 -22.80
CA SER C 390 16.11 -48.76 -24.03
C SER C 390 15.46 -47.92 -25.13
N GLU C 391 15.74 -48.30 -26.37
CA GLU C 391 15.23 -47.54 -27.51
C GLU C 391 13.72 -47.61 -27.61
N GLU C 392 13.11 -48.73 -27.20
CA GLU C 392 11.66 -48.80 -27.14
C GLU C 392 11.10 -47.82 -26.13
N ALA C 393 11.71 -47.75 -24.95
CA ALA C 393 11.28 -46.79 -23.93
C ALA C 393 11.55 -45.36 -24.38
N LEU C 394 12.66 -45.14 -25.10
CA LEU C 394 12.95 -43.81 -25.63
C LEU C 394 11.91 -43.38 -26.65
N ASN C 395 11.50 -44.31 -27.53
CA ASN C 395 10.43 -44.01 -28.48
C ASN C 395 9.12 -43.72 -27.77
N HIS C 396 8.80 -44.50 -26.72
CA HIS C 396 7.57 -44.27 -25.96
C HIS C 396 7.59 -42.90 -25.27
N LEU C 397 8.72 -42.52 -24.69
CA LEU C 397 8.84 -41.18 -24.12
C LEU C 397 8.73 -40.11 -25.20
N GLY C 398 9.21 -40.41 -26.41
CA GLY C 398 9.05 -39.48 -27.52
C GLY C 398 7.59 -39.25 -27.88
N GLU C 399 6.80 -40.33 -27.96
CA GLU C 399 5.36 -40.15 -28.21
C GLU C 399 4.67 -39.44 -27.06
N ILE C 400 5.08 -39.72 -25.82
CA ILE C 400 4.49 -39.02 -24.67
C ILE C 400 4.80 -37.52 -24.73
N GLY C 401 6.04 -37.17 -25.07
CA GLY C 401 6.40 -35.78 -25.18
C GLY C 401 5.70 -35.07 -26.32
N THR C 402 5.54 -35.75 -27.45
CA THR C 402 4.75 -35.20 -28.55
C THR C 402 3.29 -35.04 -28.15
N LYS C 403 2.77 -35.97 -27.36
CA LYS C 403 1.39 -35.91 -26.92
C LYS C 403 1.14 -34.82 -25.87
N THR C 404 2.07 -34.60 -24.94
CA THR C 404 1.88 -33.63 -23.85
C THR C 404 2.82 -32.42 -23.92
N THR C 405 4.11 -32.63 -23.65
CA THR C 405 5.12 -31.58 -23.53
C THR C 405 6.50 -32.21 -23.38
N LEU C 406 7.52 -31.46 -23.80
CA LEU C 406 8.90 -31.91 -23.62
C LEU C 406 9.27 -31.98 -22.14
N ARG C 407 8.84 -30.99 -21.36
CA ARG C 407 9.22 -30.91 -19.94
C ARG C 407 8.64 -32.08 -19.16
N TYR C 408 7.40 -32.48 -19.45
CA TYR C 408 6.78 -33.60 -18.76
C TYR C 408 7.51 -34.92 -19.06
N SER C 409 7.84 -35.15 -20.34
CA SER C 409 8.53 -36.38 -20.71
C SER C 409 9.94 -36.41 -20.15
N VAL C 410 10.61 -35.27 -20.08
CA VAL C 410 11.92 -35.21 -19.44
C VAL C 410 11.78 -35.46 -17.95
N GLN C 411 10.72 -34.95 -17.32
CA GLN C 411 10.51 -35.17 -15.89
C GLN C 411 10.22 -36.62 -15.57
N LEU C 412 9.66 -37.38 -16.52
CA LEU C 412 9.37 -38.79 -16.28
C LEU C 412 10.62 -39.69 -16.22
N LEU C 413 11.81 -39.19 -16.55
CA LEU C 413 12.97 -40.08 -16.68
C LEU C 413 13.43 -40.63 -15.32
N THR C 414 13.66 -39.74 -14.35
CA THR C 414 14.18 -40.14 -13.04
C THR C 414 13.21 -41.04 -12.26
N PRO C 415 11.89 -40.76 -12.19
CA PRO C 415 10.97 -41.73 -11.59
C PRO C 415 10.98 -43.10 -12.26
N ALA C 416 11.07 -43.14 -13.59
CA ALA C 416 11.13 -44.41 -14.29
C ALA C 416 12.41 -45.16 -13.94
N ASN C 417 13.53 -44.44 -13.81
CA ASN C 417 14.77 -45.07 -13.39
C ASN C 417 14.67 -45.59 -11.97
N LEU C 418 14.03 -44.84 -11.07
CA LEU C 418 13.87 -45.30 -9.69
C LEU C 418 12.99 -46.54 -9.62
N LEU C 419 11.91 -46.57 -10.41
CA LEU C 419 11.05 -47.75 -10.47
C LEU C 419 11.80 -48.96 -11.04
N ALA C 420 12.61 -48.74 -12.08
CA ALA C 420 13.40 -49.81 -12.65
C ALA C 420 14.42 -50.35 -11.67
N LYS C 421 15.06 -49.45 -10.91
CA LYS C 421 16.03 -49.87 -9.91
C LYS C 421 15.38 -50.64 -8.77
N ILE C 422 14.18 -50.20 -8.36
CA ILE C 422 13.45 -50.90 -7.31
C ILE C 422 13.04 -52.29 -7.81
N ASN C 423 12.69 -52.41 -9.09
CA ASN C 423 12.39 -53.70 -9.69
C ASN C 423 13.63 -54.53 -10.04
N GLY C 424 14.84 -54.05 -9.74
CA GLY C 424 16.06 -54.80 -9.99
C GLY C 424 16.65 -54.65 -11.38
N LYS C 425 16.19 -53.68 -12.18
CA LYS C 425 16.64 -53.46 -13.55
C LYS C 425 17.60 -52.28 -13.59
N ASP C 426 18.62 -52.39 -14.46
CA ASP C 426 19.62 -51.34 -14.64
C ASP C 426 19.30 -50.41 -15.82
N SER C 427 18.12 -50.50 -16.42
CA SER C 427 17.74 -49.64 -17.53
C SER C 427 16.23 -49.53 -17.56
N ILE C 428 15.73 -48.43 -18.10
CA ILE C 428 14.29 -48.20 -18.22
C ILE C 428 13.78 -48.98 -19.42
N GLU C 429 12.73 -49.77 -19.21
CA GLU C 429 11.92 -50.40 -20.23
C GLU C 429 10.62 -49.63 -20.37
N LYS C 430 9.81 -50.04 -21.37
CA LYS C 430 8.57 -49.32 -21.68
C LYS C 430 7.55 -49.44 -20.55
N GLU C 431 7.52 -50.58 -19.84
CA GLU C 431 6.55 -50.76 -18.77
C GLU C 431 6.77 -49.79 -17.62
N HIS C 432 8.03 -49.45 -17.33
CA HIS C 432 8.31 -48.47 -16.28
C HIS C 432 7.80 -47.09 -16.67
N VAL C 433 7.98 -46.70 -17.94
CA VAL C 433 7.48 -45.41 -18.40
C VAL C 433 5.96 -45.39 -18.37
N GLU C 434 5.32 -46.51 -18.73
CA GLU C 434 3.86 -46.59 -18.69
C GLU C 434 3.33 -46.48 -17.27
N GLU C 435 3.97 -47.16 -16.31
CA GLU C 435 3.54 -47.07 -14.92
C GLU C 435 3.75 -45.65 -14.37
N ILE C 436 4.85 -45.00 -14.72
CA ILE C 436 5.10 -43.65 -14.25
C ILE C 436 4.11 -42.67 -14.87
N SER C 437 3.75 -42.87 -16.14
CA SER C 437 2.75 -42.01 -16.77
C SER C 437 1.39 -42.20 -16.13
N GLU C 438 1.08 -43.42 -15.70
CA GLU C 438 -0.16 -43.65 -14.97
C GLU C 438 -0.12 -42.97 -13.60
N LEU C 439 1.02 -43.01 -12.92
CA LEU C 439 1.09 -42.49 -11.55
C LEU C 439 1.06 -40.96 -11.52
N PHE C 440 1.70 -40.31 -12.49
CA PHE C 440 1.87 -38.86 -12.54
C PHE C 440 1.13 -38.29 -13.73
N TYR C 441 0.39 -37.21 -13.50
CA TYR C 441 -0.43 -36.56 -14.52
C TYR C 441 0.28 -35.33 -15.08
N ASP C 442 0.19 -35.16 -16.39
CA ASP C 442 0.52 -33.89 -17.03
C ASP C 442 -0.59 -32.87 -16.79
N ALA C 443 -0.31 -31.61 -17.15
CA ALA C 443 -1.21 -30.51 -16.81
C ALA C 443 -2.53 -30.60 -17.57
N LYS C 444 -2.50 -31.05 -18.82
CA LYS C 444 -3.72 -31.10 -19.61
C LYS C 444 -4.66 -32.22 -19.17
N SER C 445 -4.11 -33.39 -18.80
CA SER C 445 -4.96 -34.45 -18.26
C SER C 445 -5.59 -34.04 -16.92
N SER C 446 -4.81 -33.39 -16.07
CA SER C 446 -5.32 -32.89 -14.80
C SER C 446 -6.40 -31.83 -15.03
N ALA C 447 -6.22 -30.99 -16.05
CA ALA C 447 -7.24 -30.01 -16.40
C ALA C 447 -8.52 -30.69 -16.88
N LYS C 448 -8.39 -31.80 -17.62
CA LYS C 448 -9.57 -32.57 -18.03
C LYS C 448 -10.31 -33.12 -16.83
N ILE C 449 -9.58 -33.70 -15.87
CA ILE C 449 -10.20 -34.26 -14.66
C ILE C 449 -10.89 -33.16 -13.87
N LEU C 450 -10.28 -31.98 -13.79
CA LEU C 450 -10.87 -30.91 -12.99
C LEU C 450 -12.05 -30.26 -13.69
N ALA C 451 -12.03 -30.20 -15.02
CA ALA C 451 -13.19 -29.72 -15.75
C ALA C 451 -14.37 -30.67 -15.63
N ASP C 452 -14.10 -31.98 -15.60
CA ASP C 452 -15.18 -32.95 -15.44
C ASP C 452 -15.86 -32.85 -14.08
N GLN C 453 -15.09 -32.51 -13.04
CA GLN C 453 -15.55 -32.48 -11.65
C GLN C 453 -15.50 -31.07 -11.08
N GLN C 454 -16.00 -30.09 -11.84
CA GLN C 454 -15.86 -28.67 -11.46
C GLN C 454 -16.61 -28.35 -10.17
N ASP C 455 -17.79 -28.93 -9.96
CA ASP C 455 -18.57 -28.60 -8.76
C ASP C 455 -17.90 -29.09 -7.48
N LYS C 456 -17.22 -30.24 -7.53
CA LYS C 456 -16.60 -30.83 -6.36
C LYS C 456 -15.27 -30.19 -5.98
N TYR C 457 -14.66 -29.37 -6.86
CA TYR C 457 -13.43 -28.63 -6.57
C TYR C 457 -13.76 -27.19 -6.19
N MET C 458 -12.85 -26.57 -5.45
CA MET C 458 -13.05 -25.21 -4.96
C MET C 458 -12.84 -24.17 -6.05
N LYS C 459 -13.60 -23.09 -5.95
CA LYS C 459 -13.63 -22.01 -6.94
C LYS C 459 -12.83 -20.80 -6.47
N VAL D 34 -4.96 42.06 24.87
CA VAL D 34 -3.91 41.34 24.10
C VAL D 34 -4.53 40.15 23.36
N THR D 35 -3.77 39.60 22.41
CA THR D 35 -4.20 38.46 21.61
C THR D 35 -3.67 37.17 22.24
N ARG D 36 -4.58 36.30 22.65
CA ARG D 36 -4.27 35.03 23.28
C ARG D 36 -4.33 33.90 22.26
N ILE D 37 -3.91 32.71 22.70
CA ILE D 37 -3.94 31.52 21.83
C ILE D 37 -5.37 31.20 21.43
N GLU D 38 -6.30 31.22 22.38
CA GLU D 38 -7.71 31.04 22.09
C GLU D 38 -8.30 32.35 21.58
N ARG D 39 -8.97 32.28 20.43
CA ARG D 39 -9.60 33.49 19.83
C ARG D 39 -11.11 33.24 19.66
N ILE D 40 -11.72 33.84 18.63
CA ILE D 40 -13.17 33.61 18.37
C ILE D 40 -13.33 32.47 17.36
N GLY D 41 -13.66 31.27 17.84
CA GLY D 41 -13.86 30.13 16.97
C GLY D 41 -15.31 29.92 16.58
N ALA D 42 -15.57 28.77 15.98
CA ALA D 42 -16.92 28.47 15.48
C ALA D 42 -17.88 28.19 16.63
N HIS D 43 -17.41 27.58 17.72
CA HIS D 43 -18.21 27.20 18.88
C HIS D 43 -17.77 27.90 20.16
N SER D 44 -17.07 29.03 20.06
CA SER D 44 -16.56 29.68 21.27
C SER D 44 -17.68 30.32 22.08
N HIS D 45 -18.79 30.70 21.45
CA HIS D 45 -19.97 31.14 22.18
C HIS D 45 -20.59 30.05 23.05
N ILE D 46 -20.35 28.77 22.74
CA ILE D 46 -20.97 27.68 23.48
C ILE D 46 -20.29 27.55 24.83
N ARG D 47 -21.08 27.69 25.91
CA ARG D 47 -20.62 27.62 27.29
C ARG D 47 -21.10 26.38 28.04
N GLY D 48 -22.14 25.70 27.54
CA GLY D 48 -22.66 24.50 28.16
C GLY D 48 -23.82 23.99 27.34
N LEU D 49 -24.76 23.29 27.98
CA LEU D 49 -26.01 22.85 27.36
C LEU D 49 -27.20 23.75 27.69
N GLY D 50 -27.09 24.64 28.67
CA GLY D 50 -28.18 25.55 29.00
C GLY D 50 -29.41 24.88 29.58
N LEU D 51 -29.21 23.85 30.39
CA LEU D 51 -30.28 23.12 31.06
C LEU D 51 -30.43 23.58 32.51
N ASP D 52 -31.65 23.46 33.02
CA ASP D 52 -31.90 23.66 34.44
C ASP D 52 -31.53 22.39 35.21
N ASP D 53 -31.78 22.38 36.52
CA ASP D 53 -31.42 21.23 37.34
C ASP D 53 -32.24 19.98 37.01
N ALA D 54 -33.42 20.13 36.41
CA ALA D 54 -34.22 19.01 35.92
C ALA D 54 -33.80 18.53 34.54
N LEU D 55 -32.66 18.97 34.00
CA LEU D 55 -32.19 18.66 32.65
C LEU D 55 -33.15 19.13 31.57
N GLU D 56 -33.96 20.17 31.85
CA GLU D 56 -34.88 20.73 30.88
C GLU D 56 -34.20 21.90 30.17
N PRO D 57 -34.07 21.92 28.84
CA PRO D 57 -33.35 23.04 28.22
C PRO D 57 -34.16 24.32 28.26
N ARG D 58 -33.47 25.41 28.60
CA ARG D 58 -34.01 26.73 28.38
C ARG D 58 -33.94 27.05 26.88
N GLN D 59 -34.80 27.98 26.45
CA GLN D 59 -34.86 28.33 25.04
C GLN D 59 -33.56 28.98 24.57
N ALA D 60 -32.93 29.78 25.43
CA ALA D 60 -31.66 30.43 25.14
C ALA D 60 -30.86 30.50 26.43
N SER D 61 -29.77 29.74 26.50
CA SER D 61 -28.95 29.69 27.71
C SER D 61 -27.59 29.10 27.39
N GLN D 62 -26.54 29.73 27.91
CA GLN D 62 -25.16 29.28 27.76
C GLN D 62 -24.73 29.18 26.30
N GLY D 63 -25.25 30.08 25.45
CA GLY D 63 -24.92 30.10 24.04
C GLY D 63 -25.67 29.11 23.16
N MET D 64 -26.60 28.33 23.71
CA MET D 64 -27.34 27.29 22.99
C MET D 64 -28.78 27.72 22.80
N VAL D 65 -29.32 27.45 21.61
CA VAL D 65 -30.65 27.86 21.18
C VAL D 65 -31.31 26.69 20.47
N GLY D 66 -32.57 26.44 20.80
CA GLY D 66 -33.33 25.38 20.16
C GLY D 66 -32.73 24.03 20.47
N GLN D 67 -33.08 23.03 19.64
CA GLN D 67 -32.62 21.65 19.79
C GLN D 67 -32.94 21.10 21.18
N LEU D 68 -34.19 21.27 21.59
CA LEU D 68 -34.57 20.98 22.96
C LEU D 68 -34.49 19.49 23.25
N ALA D 69 -34.97 18.66 22.32
CA ALA D 69 -34.88 17.21 22.51
C ALA D 69 -33.43 16.73 22.52
N ALA D 70 -32.61 17.24 21.60
CA ALA D 70 -31.21 16.81 21.54
C ALA D 70 -30.43 17.30 22.75
N ARG D 71 -30.72 18.51 23.23
CA ARG D 71 -30.02 19.01 24.41
C ARG D 71 -30.46 18.27 25.67
N ARG D 72 -31.74 17.92 25.77
CA ARG D 72 -32.21 17.11 26.89
C ARG D 72 -31.57 15.73 26.89
N ALA D 73 -31.47 15.10 25.72
CA ALA D 73 -30.80 13.81 25.62
C ALA D 73 -29.32 13.93 25.95
N ALA D 74 -28.67 15.02 25.53
CA ALA D 74 -27.27 15.24 25.86
C ALA D 74 -27.09 15.45 27.35
N GLY D 75 -28.06 16.08 28.01
CA GLY D 75 -28.00 16.21 29.46
C GLY D 75 -28.12 14.88 30.17
N VAL D 76 -28.99 14.01 29.67
CA VAL D 76 -29.12 12.66 30.23
C VAL D 76 -27.81 11.89 30.04
N VAL D 77 -27.19 12.02 28.87
CA VAL D 77 -25.89 11.39 28.62
C VAL D 77 -24.82 11.97 29.54
N LEU D 78 -24.90 13.28 29.81
CA LEU D 78 -23.94 13.91 30.74
C LEU D 78 -24.07 13.37 32.14
N GLU D 79 -25.30 13.19 32.62
CA GLU D 79 -25.51 12.59 33.93
C GLU D 79 -25.03 11.14 33.97
N MET D 80 -25.20 10.41 32.87
CA MET D 80 -24.66 9.05 32.79
C MET D 80 -23.13 9.07 32.85
N ILE D 81 -22.50 10.03 32.17
CA ILE D 81 -21.04 10.15 32.20
C ILE D 81 -20.56 10.49 33.60
N ARG D 82 -21.23 11.44 34.26
CA ARG D 82 -20.84 11.84 35.61
C ARG D 82 -21.05 10.69 36.61
N GLU D 83 -22.04 9.84 36.36
CA GLU D 83 -22.26 8.67 37.21
C GLU D 83 -21.05 7.73 37.15
N GLY D 84 -20.55 7.46 35.94
CA GLY D 84 -19.38 6.63 35.79
C GLY D 84 -19.54 5.18 36.18
N LYS D 85 -20.77 4.67 36.25
CA LYS D 85 -21.01 3.29 36.67
C LYS D 85 -20.99 2.32 35.50
N ILE D 86 -21.61 2.70 34.38
CA ILE D 86 -21.84 1.80 33.24
C ILE D 86 -20.75 2.05 32.21
N ALA D 87 -20.09 0.97 31.78
CA ALA D 87 -18.95 1.04 30.90
C ALA D 87 -19.37 0.91 29.44
N GLY D 88 -18.62 1.58 28.57
CA GLY D 88 -18.73 1.37 27.14
C GLY D 88 -20.05 1.75 26.52
N ARG D 89 -20.62 2.87 26.94
CA ARG D 89 -21.87 3.36 26.39
C ARG D 89 -21.59 4.17 25.13
N ALA D 90 -22.41 3.93 24.11
CA ALA D 90 -22.25 4.52 22.78
C ALA D 90 -23.49 5.34 22.46
N VAL D 91 -23.27 6.55 21.93
CA VAL D 91 -24.33 7.47 21.52
C VAL D 91 -23.95 8.06 20.18
N LEU D 92 -24.92 8.15 19.28
CA LEU D 92 -24.78 8.77 17.96
C LEU D 92 -25.64 10.02 17.90
N ILE D 93 -25.03 11.13 17.49
CA ILE D 93 -25.72 12.38 17.21
C ILE D 93 -25.87 12.44 15.69
N ALA D 94 -27.10 12.24 15.22
CA ALA D 94 -27.44 12.26 13.80
C ALA D 94 -28.23 13.53 13.50
N GLY D 95 -28.10 14.00 12.26
CA GLY D 95 -28.86 15.15 11.81
C GLY D 95 -28.21 15.80 10.63
N GLN D 96 -28.93 16.75 10.05
CA GLN D 96 -28.48 17.42 8.85
C GLN D 96 -27.27 18.31 9.19
N PRO D 97 -26.47 18.71 8.19
CA PRO D 97 -25.36 19.62 8.51
C PRO D 97 -25.83 20.98 8.96
N GLY D 98 -25.04 21.58 9.86
CA GLY D 98 -25.36 22.87 10.44
C GLY D 98 -26.44 22.85 11.50
N THR D 99 -26.83 21.68 12.02
CA THR D 99 -27.88 21.54 13.03
C THR D 99 -27.32 21.35 14.44
N GLY D 100 -26.06 21.71 14.69
CA GLY D 100 -25.56 21.77 16.05
C GLY D 100 -25.11 20.46 16.66
N LYS D 101 -24.70 19.48 15.85
CA LYS D 101 -24.17 18.24 16.42
C LYS D 101 -22.84 18.50 17.13
N THR D 102 -21.90 19.16 16.44
CA THR D 102 -20.65 19.53 17.08
C THR D 102 -20.86 20.58 18.15
N ALA D 103 -21.87 21.44 17.99
CA ALA D 103 -22.21 22.39 19.05
C ALA D 103 -22.69 21.67 20.30
N ILE D 104 -23.49 20.62 20.15
CA ILE D 104 -23.93 19.85 21.31
C ILE D 104 -22.75 19.14 21.95
N ALA D 105 -21.82 18.61 21.14
CA ALA D 105 -20.64 17.97 21.70
C ALA D 105 -19.77 18.97 22.46
N MET D 106 -19.61 20.18 21.92
CA MET D 106 -18.87 21.22 22.62
C MET D 106 -19.56 21.64 23.91
N GLY D 107 -20.90 21.72 23.89
CA GLY D 107 -21.63 22.05 25.09
C GLY D 107 -21.50 20.98 26.16
N MET D 108 -21.54 19.70 25.75
CA MET D 108 -21.31 18.62 26.70
C MET D 108 -19.90 18.67 27.28
N ALA D 109 -18.90 18.96 26.45
CA ALA D 109 -17.53 19.07 26.93
C ALA D 109 -17.37 20.24 27.89
N GLN D 110 -18.02 21.36 27.61
CA GLN D 110 -17.94 22.53 28.48
C GLN D 110 -18.62 22.26 29.82
N ALA D 111 -19.82 21.67 29.80
CA ALA D 111 -20.52 21.39 31.04
C ALA D 111 -19.85 20.29 31.85
N LEU D 112 -19.14 19.37 31.18
CA LEU D 112 -18.47 18.30 31.90
C LEU D 112 -17.31 18.83 32.74
N GLY D 113 -16.52 19.75 32.19
CA GLY D 113 -15.45 20.40 32.90
C GLY D 113 -14.09 19.76 32.69
N PRO D 114 -13.00 20.44 33.10
CA PRO D 114 -11.66 19.92 32.77
C PRO D 114 -11.26 18.67 33.53
N ASP D 115 -11.91 18.34 34.64
CA ASP D 115 -11.43 17.25 35.49
C ASP D 115 -11.61 15.89 34.82
N THR D 116 -12.80 15.64 34.26
CA THR D 116 -13.09 14.39 33.59
C THR D 116 -12.43 14.37 32.20
N PRO D 117 -11.87 13.27 31.69
CA PRO D 117 -11.28 13.32 30.34
C PRO D 117 -12.34 13.45 29.25
N PHE D 118 -11.97 14.16 28.19
CA PHE D 118 -12.80 14.32 26.99
C PHE D 118 -11.86 14.27 25.79
N THR D 119 -11.74 13.09 25.19
CA THR D 119 -10.93 12.89 23.99
C THR D 119 -11.79 13.21 22.78
N ALA D 120 -11.31 14.12 21.94
CA ALA D 120 -11.97 14.53 20.71
C ALA D 120 -11.06 14.23 19.53
N ILE D 121 -11.60 13.55 18.52
CA ILE D 121 -10.86 13.19 17.32
C ILE D 121 -11.81 13.22 16.13
N ALA D 122 -11.26 13.54 14.96
CA ALA D 122 -11.95 13.28 13.72
C ALA D 122 -11.79 11.82 13.33
N GLY D 123 -12.74 11.32 12.53
CA GLY D 123 -12.70 9.93 12.13
C GLY D 123 -11.51 9.56 11.28
N SER D 124 -11.00 10.52 10.49
CA SER D 124 -9.85 10.28 9.64
C SER D 124 -8.52 10.26 10.39
N GLU D 125 -8.49 10.57 11.69
CA GLU D 125 -7.23 10.63 12.42
C GLU D 125 -6.62 9.26 12.70
N ILE D 126 -7.43 8.18 12.72
CA ILE D 126 -6.89 6.86 13.01
C ILE D 126 -6.11 6.24 11.86
N PHE D 127 -6.19 6.78 10.65
CA PHE D 127 -5.45 6.25 9.50
C PHE D 127 -4.00 6.70 9.59
N SER D 128 -3.25 6.00 10.45
CA SER D 128 -1.89 6.34 10.84
C SER D 128 -0.88 5.43 10.15
N LEU D 129 0.25 6.02 9.78
CA LEU D 129 1.41 5.27 9.32
C LEU D 129 2.25 4.69 10.45
N GLU D 130 2.13 5.23 11.66
CA GLU D 130 2.83 4.71 12.84
C GLU D 130 2.24 3.42 13.38
N MET D 131 0.93 3.22 13.22
CA MET D 131 0.22 2.16 13.95
C MET D 131 -1.02 1.75 13.18
N SER D 132 -1.55 0.60 13.55
CA SER D 132 -2.77 0.08 12.95
C SER D 132 -3.98 0.87 13.43
N LYS D 133 -5.10 0.69 12.73
CA LYS D 133 -6.33 1.39 13.07
C LYS D 133 -6.86 0.94 14.43
N THR D 134 -6.81 -0.37 14.71
CA THR D 134 -7.26 -0.85 16.00
C THR D 134 -6.38 -0.34 17.13
N GLU D 135 -5.07 -0.19 16.87
CA GLU D 135 -4.18 0.40 17.85
C GLU D 135 -4.53 1.87 18.10
N ALA D 136 -4.85 2.61 17.05
CA ALA D 136 -5.21 4.02 17.22
C ALA D 136 -6.52 4.16 18.00
N LEU D 137 -7.50 3.30 17.71
CA LEU D 137 -8.73 3.32 18.48
C LEU D 137 -8.51 2.89 19.93
N THR D 138 -7.61 1.94 20.15
CA THR D 138 -7.26 1.55 21.51
C THR D 138 -6.63 2.70 22.28
N GLN D 139 -5.72 3.44 21.64
CA GLN D 139 -5.09 4.58 22.29
C GLN D 139 -6.11 5.68 22.58
N ALA D 140 -7.06 5.89 21.66
CA ALA D 140 -8.11 6.87 21.89
C ALA D 140 -9.02 6.45 23.05
N PHE D 141 -9.33 5.15 23.15
CA PHE D 141 -10.11 4.65 24.28
C PHE D 141 -9.36 4.84 25.60
N ARG D 142 -8.05 4.56 25.59
CA ARG D 142 -7.27 4.59 26.82
C ARG D 142 -6.99 6.02 27.27
N ARG D 143 -6.92 6.97 26.34
CA ARG D 143 -6.76 8.37 26.73
C ARG D 143 -7.98 8.91 27.48
N SER D 144 -9.17 8.34 27.24
CA SER D 144 -10.40 8.83 27.83
C SER D 144 -10.69 8.31 29.24
N ILE D 145 -9.82 7.44 29.80
CA ILE D 145 -10.00 6.87 31.13
C ILE D 145 -8.92 7.46 32.02
N GLY D 146 -9.31 8.37 32.90
CA GLY D 146 -8.38 8.97 33.84
C GLY D 146 -8.12 8.08 35.05
N VAL D 147 -6.91 8.19 35.59
CA VAL D 147 -6.50 7.49 36.81
C VAL D 147 -5.90 8.55 37.73
N ARG D 148 -6.64 8.91 38.78
CA ARG D 148 -6.18 9.86 39.79
C ARG D 148 -5.47 9.10 40.89
N ILE D 149 -4.16 9.34 41.03
CA ILE D 149 -3.28 8.61 41.94
C ILE D 149 -2.83 9.57 43.03
N LYS D 150 -3.11 9.22 44.28
CA LYS D 150 -2.74 10.01 45.45
C LYS D 150 -1.46 9.45 46.06
N GLU D 151 -0.65 10.36 46.61
CA GLU D 151 0.61 10.00 47.26
C GLU D 151 0.88 10.91 48.45
N VAL D 256 0.10 14.84 47.87
CA VAL D 256 0.11 15.24 46.47
C VAL D 256 -0.71 14.25 45.63
N VAL D 257 -1.34 14.76 44.57
CA VAL D 257 -2.25 14.00 43.72
C VAL D 257 -1.76 14.08 42.29
N HIS D 258 -1.53 12.93 41.68
CA HIS D 258 -1.22 12.80 40.26
C HIS D 258 -2.49 12.41 39.51
N THR D 259 -2.50 12.69 38.20
CA THR D 259 -3.58 12.26 37.33
C THR D 259 -3.01 11.95 35.96
N VAL D 260 -3.33 10.76 35.46
CA VAL D 260 -2.79 10.25 34.20
C VAL D 260 -3.84 9.35 33.57
N SER D 261 -3.87 9.35 32.24
CA SER D 261 -4.72 8.42 31.51
C SER D 261 -4.09 7.02 31.52
N LEU D 262 -4.90 6.03 31.13
CA LEU D 262 -4.38 4.68 30.96
C LEU D 262 -3.35 4.64 29.84
N HIS D 263 -3.56 5.44 28.79
CA HIS D 263 -2.60 5.52 27.70
C HIS D 263 -1.25 6.05 28.17
N GLU D 264 -1.26 7.02 29.11
CA GLU D 264 -0.02 7.54 29.65
C GLU D 264 0.78 6.46 30.36
N ILE D 265 0.10 5.63 31.14
CA ILE D 265 0.78 4.55 31.87
C ILE D 265 1.27 3.49 30.89
N ASP D 266 0.48 3.21 29.84
CA ASP D 266 0.89 2.26 28.80
C ASP D 266 2.16 2.72 28.11
N VAL D 267 2.21 3.98 27.70
CA VAL D 267 3.37 4.48 26.97
C VAL D 267 4.58 4.56 27.89
N ILE D 268 4.37 4.93 29.17
CA ILE D 268 5.49 5.00 30.10
C ILE D 268 6.08 3.61 30.37
N ASN D 269 5.25 2.57 30.52
CA ASN D 269 5.72 1.23 30.82
C ASN D 269 6.11 0.41 29.59
N SER D 270 5.82 0.88 28.38
CA SER D 270 6.18 0.13 27.18
C SER D 270 7.66 0.18 26.84
N ARG D 271 8.43 1.11 27.41
CA ARG D 271 9.79 1.38 26.94
C ARG D 271 10.54 2.07 28.07
N THR D 272 11.88 1.95 28.04
CA THR D 272 12.71 2.50 29.10
C THR D 272 12.64 4.03 29.15
N GLN D 273 12.52 4.68 27.99
CA GLN D 273 12.27 6.12 27.89
C GLN D 273 11.05 6.33 27.00
N GLY D 274 9.98 5.58 27.29
CA GLY D 274 8.75 5.72 26.54
C GLY D 274 8.02 7.03 26.74
N PHE D 275 8.32 7.77 27.83
CA PHE D 275 7.60 9.01 28.14
C PHE D 275 7.76 10.08 27.06
N LEU D 276 8.86 10.05 26.30
CA LEU D 276 8.98 10.94 25.15
C LEU D 276 7.96 10.60 24.06
N ALA D 277 7.60 9.32 23.93
CA ALA D 277 6.63 8.92 22.93
C ALA D 277 5.22 9.44 23.21
N LEU D 278 4.93 9.84 24.46
CA LEU D 278 3.63 10.48 24.74
C LEU D 278 3.50 11.79 23.98
N PHE D 279 4.58 12.56 23.89
CA PHE D 279 4.58 13.85 23.23
C PHE D 279 4.88 13.72 21.74
N SER D 280 5.91 12.94 21.38
CA SER D 280 6.22 12.74 19.97
C SER D 280 5.25 11.79 19.28
N GLY D 281 4.55 10.93 20.03
CA GLY D 281 3.67 9.96 19.41
C GLY D 281 4.36 8.83 18.68
N ASP D 282 5.63 8.56 18.99
CA ASP D 282 6.40 7.47 18.42
C ASP D 282 6.24 6.19 19.26
N THR D 283 4.98 5.83 19.52
CA THR D 283 4.67 4.72 20.40
C THR D 283 4.81 3.37 19.69
N GLY D 284 4.50 3.32 18.40
CA GLY D 284 4.35 2.04 17.76
C GLY D 284 3.11 1.35 18.30
N GLU D 285 3.07 0.03 18.10
CA GLU D 285 1.96 -0.81 18.57
C GLU D 285 2.35 -1.39 19.92
N ILE D 286 1.71 -0.87 20.98
CA ILE D 286 2.00 -1.32 22.34
C ILE D 286 1.51 -2.75 22.50
N LYS D 287 2.29 -3.57 23.19
CA LYS D 287 1.94 -4.98 23.36
C LYS D 287 0.74 -5.13 24.29
N SER D 288 -0.10 -6.12 23.98
CA SER D 288 -1.28 -6.37 24.81
C SER D 288 -0.91 -6.86 26.21
N GLU D 289 0.26 -7.47 26.37
CA GLU D 289 0.71 -7.91 27.69
C GLU D 289 0.87 -6.74 28.64
N VAL D 290 1.43 -5.63 28.12
CA VAL D 290 1.61 -4.42 28.92
C VAL D 290 0.25 -3.86 29.34
N ARG D 291 -0.72 -3.85 28.42
CA ARG D 291 -2.02 -3.27 28.72
C ARG D 291 -2.78 -4.10 29.74
N GLU D 292 -2.76 -5.44 29.61
CA GLU D 292 -3.47 -6.25 30.60
C GLU D 292 -2.77 -6.23 31.95
N GLN D 293 -1.43 -6.18 31.96
CA GLN D 293 -0.70 -6.01 33.22
C GLN D 293 -1.04 -4.69 33.89
N ILE D 294 -1.17 -3.62 33.10
CA ILE D 294 -1.55 -2.33 33.66
C ILE D 294 -2.99 -2.34 34.14
N ASN D 295 -3.89 -3.06 33.47
CA ASN D 295 -5.24 -3.25 33.97
C ASN D 295 -5.27 -3.93 35.32
N ALA D 296 -4.49 -5.01 35.47
CA ALA D 296 -4.39 -5.70 36.75
C ALA D 296 -3.80 -4.80 37.84
N LYS D 297 -2.74 -4.06 37.51
CA LYS D 297 -2.10 -3.19 38.49
C LYS D 297 -3.03 -2.04 38.89
N VAL D 298 -3.76 -1.47 37.94
CA VAL D 298 -4.67 -0.37 38.24
C VAL D 298 -5.84 -0.87 39.07
N ALA D 299 -6.32 -2.09 38.79
CA ALA D 299 -7.37 -2.69 39.62
C ALA D 299 -6.88 -2.93 41.04
N GLU D 300 -5.62 -3.37 41.18
CA GLU D 300 -5.06 -3.57 42.52
C GLU D 300 -4.95 -2.24 43.27
N TRP D 301 -4.52 -1.18 42.57
CA TRP D 301 -4.48 0.15 43.17
C TRP D 301 -5.87 0.62 43.57
N ARG D 302 -6.86 0.33 42.74
CA ARG D 302 -8.23 0.71 43.05
C ARG D 302 -8.74 -0.01 44.29
N GLU D 303 -8.46 -1.30 44.41
CA GLU D 303 -8.91 -2.06 45.58
C GLU D 303 -8.19 -1.60 46.84
N GLU D 304 -6.86 -1.37 46.74
CA GLU D 304 -6.11 -0.90 47.90
C GLU D 304 -6.34 0.58 48.21
N GLY D 305 -7.03 1.32 47.34
CA GLY D 305 -7.28 2.73 47.57
C GLY D 305 -6.18 3.68 47.14
N LYS D 306 -5.17 3.19 46.41
CA LYS D 306 -4.07 4.03 45.95
C LYS D 306 -4.43 4.84 44.70
N ALA D 307 -5.49 4.48 43.97
CA ALA D 307 -5.88 5.15 42.75
C ALA D 307 -7.41 5.19 42.64
N GLU D 308 -7.89 6.17 41.87
CA GLU D 308 -9.30 6.36 41.57
C GLU D 308 -9.46 6.46 40.07
N ILE D 309 -10.50 5.79 39.55
CA ILE D 309 -10.77 5.72 38.11
C ILE D 309 -11.76 6.82 37.78
N ILE D 310 -11.43 7.62 36.75
CA ILE D 310 -12.25 8.73 36.28
C ILE D 310 -12.60 8.41 34.83
N PRO D 311 -13.68 7.66 34.54
CA PRO D 311 -14.01 7.39 33.14
C PRO D 311 -14.53 8.65 32.44
N GLY D 312 -13.97 8.92 31.27
CA GLY D 312 -14.29 10.09 30.47
C GLY D 312 -15.08 9.76 29.22
N VAL D 313 -14.85 10.56 28.18
CA VAL D 313 -15.60 10.53 26.94
C VAL D 313 -14.61 10.51 25.79
N LEU D 314 -14.87 9.64 24.81
CA LEU D 314 -14.26 9.70 23.48
C LEU D 314 -15.33 10.21 22.51
N PHE D 315 -15.04 11.34 21.88
CA PHE D 315 -15.93 11.97 20.89
C PHE D 315 -15.29 11.83 19.52
N ILE D 316 -15.88 10.98 18.68
CA ILE D 316 -15.45 10.78 17.29
C ILE D 316 -16.41 11.58 16.42
N ASP D 317 -16.00 12.78 16.03
CA ASP D 317 -16.75 13.55 15.05
C ASP D 317 -16.50 12.98 13.66
N GLU D 318 -17.55 12.97 12.84
CA GLU D 318 -17.48 12.51 11.45
C GLU D 318 -17.09 11.04 11.39
N VAL D 319 -17.81 10.22 12.17
CA VAL D 319 -17.46 8.81 12.31
C VAL D 319 -17.72 7.98 11.05
N HIS D 320 -18.43 8.52 10.06
CA HIS D 320 -18.58 7.83 8.76
C HIS D 320 -17.25 7.63 8.03
N MET D 321 -16.21 8.40 8.35
CA MET D 321 -14.89 8.17 7.77
C MET D 321 -14.25 6.87 8.26
N LEU D 322 -14.69 6.30 9.38
CA LEU D 322 -14.18 5.01 9.78
C LEU D 322 -14.64 3.92 8.81
N ASP D 323 -13.80 2.91 8.64
CA ASP D 323 -14.04 1.79 7.73
C ASP D 323 -14.61 0.60 8.53
N ILE D 324 -14.91 -0.48 7.80
CA ILE D 324 -15.59 -1.64 8.39
C ILE D 324 -14.74 -2.33 9.45
N GLU D 325 -13.42 -2.36 9.27
CA GLU D 325 -12.55 -2.96 10.29
C GLU D 325 -12.59 -2.15 11.59
N SER D 326 -12.63 -0.82 11.47
CA SER D 326 -12.71 0.05 12.65
C SER D 326 -14.02 -0.15 13.40
N PHE D 327 -15.14 -0.22 12.67
CA PHE D 327 -16.43 -0.46 13.31
C PHE D 327 -16.47 -1.83 13.99
N SER D 328 -15.90 -2.84 13.34
CA SER D 328 -15.87 -4.18 13.92
C SER D 328 -15.03 -4.21 15.19
N PHE D 329 -13.91 -3.48 15.21
CA PHE D 329 -13.14 -3.36 16.45
C PHE D 329 -13.93 -2.63 17.52
N LEU D 330 -14.66 -1.57 17.14
CA LEU D 330 -15.45 -0.82 18.11
C LEU D 330 -16.59 -1.64 18.70
N ASN D 331 -17.07 -2.67 17.99
CA ASN D 331 -18.14 -3.51 18.51
C ASN D 331 -17.72 -4.23 19.79
N ARG D 332 -16.52 -4.80 19.81
CA ARG D 332 -15.99 -5.49 21.00
C ARG D 332 -15.25 -4.57 21.95
N ALA D 333 -14.76 -3.41 21.47
CA ALA D 333 -14.10 -2.47 22.37
C ALA D 333 -15.09 -1.90 23.39
N LEU D 334 -16.34 -1.68 22.98
CA LEU D 334 -17.36 -1.17 23.88
C LEU D 334 -17.84 -2.19 24.90
N GLU D 335 -17.53 -3.48 24.74
CA GLU D 335 -17.98 -4.51 25.66
C GLU D 335 -17.07 -4.66 26.89
N SER D 336 -15.89 -4.05 26.91
CA SER D 336 -15.02 -4.14 28.08
C SER D 336 -15.50 -3.21 29.18
N ASP D 337 -15.21 -3.61 30.42
CA ASP D 337 -15.57 -2.79 31.58
C ASP D 337 -14.74 -1.53 31.72
N MET D 338 -13.61 -1.42 31.00
CA MET D 338 -12.76 -0.24 31.04
C MET D 338 -13.08 0.79 29.97
N ALA D 339 -14.06 0.55 29.11
CA ALA D 339 -14.29 1.46 27.99
C ALA D 339 -14.93 2.77 28.47
N PRO D 340 -14.70 3.89 27.76
CA PRO D 340 -15.35 5.16 28.14
C PRO D 340 -16.74 5.23 27.53
N VAL D 341 -17.40 6.37 27.74
CA VAL D 341 -18.65 6.68 27.06
C VAL D 341 -18.30 7.20 25.67
N LEU D 342 -18.63 6.42 24.64
CA LEU D 342 -18.38 6.82 23.27
C LEU D 342 -19.51 7.73 22.79
N ILE D 343 -19.14 8.82 22.11
CA ILE D 343 -20.08 9.73 21.48
C ILE D 343 -19.63 9.91 20.03
N MET D 344 -20.60 9.92 19.12
CA MET D 344 -20.35 9.85 17.68
C MET D 344 -21.26 10.86 16.99
N ALA D 345 -20.74 11.46 15.91
CA ALA D 345 -21.47 12.45 15.13
C ALA D 345 -21.31 12.15 13.64
N THR D 346 -22.40 12.30 12.90
CA THR D 346 -22.38 12.10 11.45
C THR D 346 -23.63 12.74 10.86
N ASN D 347 -23.50 13.17 9.60
CA ASN D 347 -24.58 13.81 8.84
C ASN D 347 -24.97 13.00 7.61
N ARG D 348 -24.70 11.70 7.60
CA ARG D 348 -24.91 10.85 6.44
C ARG D 348 -26.27 10.18 6.52
N GLY D 349 -26.85 9.92 5.36
CA GLY D 349 -28.07 9.14 5.23
C GLY D 349 -27.78 7.68 4.97
N ILE D 350 -28.64 7.05 4.16
CA ILE D 350 -28.34 5.72 3.67
C ILE D 350 -27.19 5.85 2.67
N THR D 351 -26.06 5.22 2.98
CA THR D 351 -24.85 5.43 2.19
C THR D 351 -23.90 4.26 2.39
N ARG D 352 -22.94 4.16 1.46
CA ARG D 352 -21.95 3.09 1.49
C ARG D 352 -21.06 3.19 2.71
N ILE D 353 -20.82 2.05 3.35
CA ILE D 353 -19.82 1.95 4.42
C ILE D 353 -18.45 1.91 3.76
N ARG D 354 -17.51 2.68 4.32
CA ARG D 354 -16.16 2.69 3.78
C ARG D 354 -15.49 1.34 3.99
N GLY D 355 -14.76 0.89 2.98
CA GLY D 355 -14.17 -0.45 2.96
C GLY D 355 -15.11 -1.56 2.53
N THR D 356 -16.36 -1.26 2.17
CA THR D 356 -17.33 -2.24 1.68
C THR D 356 -18.06 -1.65 0.49
N SER D 357 -18.93 -2.47 -0.10
CA SER D 357 -19.91 -2.05 -1.09
C SER D 357 -21.34 -1.99 -0.54
N TYR D 358 -21.55 -2.25 0.75
CA TYR D 358 -22.89 -2.31 1.33
C TYR D 358 -23.31 -0.92 1.78
N GLN D 359 -24.58 -0.60 1.55
CA GLN D 359 -25.19 0.62 2.07
C GLN D 359 -25.79 0.37 3.45
N SER D 360 -25.84 1.42 4.26
CA SER D 360 -26.36 1.35 5.62
C SER D 360 -26.74 2.76 6.05
N PRO D 361 -27.67 2.91 7.01
CA PRO D 361 -27.93 4.26 7.54
C PRO D 361 -26.73 4.83 8.27
N HIS D 362 -26.50 6.12 8.06
CA HIS D 362 -25.44 6.92 8.67
C HIS D 362 -24.03 6.54 8.21
N GLY D 363 -23.88 5.65 7.24
CA GLY D 363 -22.59 5.10 6.90
C GLY D 363 -22.02 4.11 7.89
N ILE D 364 -22.82 3.65 8.85
CA ILE D 364 -22.38 2.80 9.96
C ILE D 364 -23.03 1.44 9.77
N PRO D 365 -22.35 0.31 10.01
CA PRO D 365 -23.05 -0.98 9.90
C PRO D 365 -24.09 -1.16 10.99
N ILE D 366 -25.08 -2.01 10.71
CA ILE D 366 -26.23 -2.21 11.57
C ILE D 366 -25.81 -2.82 12.91
N ASP D 367 -24.78 -3.67 12.91
CA ASP D 367 -24.34 -4.31 14.16
C ASP D 367 -23.85 -3.29 15.18
N LEU D 368 -23.07 -2.29 14.73
CA LEU D 368 -22.66 -1.23 15.65
C LEU D 368 -23.82 -0.30 16.00
N LEU D 369 -24.73 -0.05 15.04
CA LEU D 369 -25.87 0.82 15.32
C LEU D 369 -26.80 0.21 16.36
N ASP D 370 -26.86 -1.12 16.44
CA ASP D 370 -27.67 -1.76 17.48
C ASP D 370 -27.11 -1.51 18.88
N ARG D 371 -25.81 -1.26 19.01
CA ARG D 371 -25.16 -1.10 20.31
C ARG D 371 -25.26 0.31 20.90
N LEU D 372 -25.91 1.26 20.21
CA LEU D 372 -25.89 2.66 20.57
C LEU D 372 -27.31 3.22 20.56
N LEU D 373 -27.45 4.41 21.17
CA LEU D 373 -28.66 5.21 21.13
C LEU D 373 -28.44 6.40 20.21
N ILE D 374 -29.46 6.73 19.43
CA ILE D 374 -29.38 7.76 18.40
C ILE D 374 -30.10 9.00 18.91
N VAL D 375 -29.42 10.15 18.80
CA VAL D 375 -29.96 11.46 19.14
C VAL D 375 -30.09 12.22 17.83
N SER D 376 -31.30 12.71 17.55
CA SER D 376 -31.62 13.41 16.31
C SER D 376 -31.70 14.91 16.58
N THR D 377 -30.97 15.68 15.77
CA THR D 377 -31.06 17.14 15.73
C THR D 377 -31.87 17.56 14.52
N THR D 378 -32.80 18.50 14.73
CA THR D 378 -33.73 18.98 13.72
C THR D 378 -33.19 20.24 13.06
N PRO D 379 -33.67 20.62 11.86
CA PRO D 379 -33.31 21.94 11.32
C PRO D 379 -33.99 23.06 12.08
N TYR D 380 -33.39 24.25 11.98
CA TYR D 380 -33.80 25.39 12.77
C TYR D 380 -34.89 26.20 12.10
N SER D 381 -35.77 26.77 12.92
CA SER D 381 -36.82 27.66 12.47
C SER D 381 -36.24 29.06 12.26
N GLU D 382 -37.13 29.99 11.88
CA GLU D 382 -36.71 31.37 11.63
C GLU D 382 -36.22 32.06 12.90
N LYS D 383 -37.01 31.97 13.97
CA LYS D 383 -36.65 32.66 15.21
C LYS D 383 -35.44 32.02 15.89
N ASP D 384 -35.28 30.69 15.77
CA ASP D 384 -34.08 30.05 16.29
C ASP D 384 -32.84 30.51 15.52
N THR D 385 -32.96 30.65 14.20
CA THR D 385 -31.85 31.15 13.40
C THR D 385 -31.50 32.57 13.77
N LYS D 386 -32.52 33.41 14.01
CA LYS D 386 -32.27 34.79 14.41
C LYS D 386 -31.59 34.86 15.77
N GLN D 387 -32.01 34.01 16.71
CA GLN D 387 -31.38 33.98 18.04
C GLN D 387 -29.94 33.49 17.95
N ILE D 388 -29.66 32.51 17.08
CA ILE D 388 -28.28 32.05 16.91
C ILE D 388 -27.42 33.15 16.32
N LEU D 389 -27.95 33.89 15.34
CA LEU D 389 -27.19 35.01 14.79
C LEU D 389 -26.99 36.11 15.81
N ARG D 390 -27.97 36.34 16.70
CA ARG D 390 -27.81 37.31 17.77
C ARG D 390 -26.68 36.91 18.72
N ILE D 391 -26.64 35.63 19.10
CA ILE D 391 -25.60 35.15 20.02
C ILE D 391 -24.23 35.23 19.36
N ARG D 392 -24.15 34.92 18.06
CA ARG D 392 -22.87 35.04 17.36
C ARG D 392 -22.44 36.49 17.20
N CYS D 393 -23.39 37.42 17.02
CA CYS D 393 -23.03 38.83 16.99
C CYS D 393 -22.53 39.30 18.35
N GLU D 394 -23.15 38.82 19.42
CA GLU D 394 -22.66 39.14 20.77
C GLU D 394 -21.27 38.56 21.02
N GLU D 395 -21.02 37.34 20.50
CA GLU D 395 -19.72 36.70 20.69
C GLU D 395 -18.62 37.47 19.98
N GLU D 396 -18.90 38.00 18.80
CA GLU D 396 -17.92 38.69 17.97
C GLU D 396 -17.84 40.20 18.23
N ASP D 397 -18.62 40.74 19.18
CA ASP D 397 -18.64 42.17 19.48
C ASP D 397 -19.06 43.00 18.27
N VAL D 398 -20.09 42.51 17.57
CA VAL D 398 -20.64 43.13 16.37
C VAL D 398 -22.03 43.66 16.71
N GLU D 399 -22.24 44.94 16.42
CA GLU D 399 -23.54 45.60 16.57
C GLU D 399 -24.20 45.68 15.20
N MET D 400 -25.49 45.31 15.16
CA MET D 400 -26.28 45.33 13.93
C MET D 400 -27.63 45.97 14.21
N SER D 401 -28.22 46.55 13.17
CA SER D 401 -29.59 47.02 13.22
C SER D 401 -30.55 45.85 13.11
N GLU D 402 -31.80 46.09 13.50
CA GLU D 402 -32.80 45.03 13.44
C GLU D 402 -33.16 44.68 12.00
N ASP D 403 -33.08 45.64 11.07
CA ASP D 403 -33.32 45.32 9.67
C ASP D 403 -32.21 44.45 9.11
N ALA D 404 -30.97 44.72 9.51
CA ALA D 404 -29.85 43.86 9.13
C ALA D 404 -30.03 42.46 9.70
N TYR D 405 -30.55 42.36 10.92
CA TYR D 405 -30.84 41.06 11.52
C TYR D 405 -31.90 40.29 10.72
N THR D 406 -32.95 40.99 10.29
CA THR D 406 -33.99 40.35 9.49
C THR D 406 -33.45 39.88 8.14
N VAL D 407 -32.68 40.73 7.47
CA VAL D 407 -32.12 40.38 6.16
C VAL D 407 -31.15 39.22 6.29
N LEU D 408 -30.33 39.22 7.34
CA LEU D 408 -29.37 38.14 7.53
C LEU D 408 -30.07 36.84 7.92
N THR D 409 -31.16 36.91 8.69
CA THR D 409 -31.92 35.70 8.98
C THR D 409 -32.55 35.12 7.72
N ARG D 410 -33.05 35.99 6.84
CA ARG D 410 -33.59 35.53 5.56
C ARG D 410 -32.50 34.88 4.71
N ILE D 411 -31.31 35.49 4.69
CA ILE D 411 -30.19 34.92 3.94
C ILE D 411 -29.78 33.58 4.54
N GLY D 412 -29.80 33.47 5.87
CA GLY D 412 -29.43 32.21 6.51
C GLY D 412 -30.41 31.10 6.22
N LEU D 413 -31.70 31.41 6.20
CA LEU D 413 -32.69 30.42 5.79
C LEU D 413 -32.58 30.08 4.30
N GLU D 414 -32.19 31.05 3.47
CA GLU D 414 -32.11 30.80 2.04
C GLU D 414 -30.97 29.84 1.69
N THR D 415 -29.78 30.06 2.28
CA THR D 415 -28.57 29.35 1.91
C THR D 415 -28.09 28.38 2.99
N SER D 416 -27.72 28.86 4.17
CA SER D 416 -27.22 28.04 5.27
C SER D 416 -26.95 28.95 6.46
N LEU D 417 -26.89 28.34 7.65
CA LEU D 417 -26.62 29.08 8.87
C LEU D 417 -25.16 29.56 8.92
N ARG D 418 -24.23 28.70 8.50
CA ARG D 418 -22.81 29.03 8.56
C ARG D 418 -22.45 30.16 7.62
N TYR D 419 -23.11 30.24 6.46
CA TYR D 419 -22.85 31.33 5.52
C TYR D 419 -23.26 32.67 6.13
N ALA D 420 -24.42 32.72 6.80
CA ALA D 420 -24.84 33.94 7.47
C ALA D 420 -23.89 34.30 8.61
N ILE D 421 -23.41 33.29 9.34
CA ILE D 421 -22.47 33.55 10.44
C ILE D 421 -21.15 34.12 9.91
N GLN D 422 -20.70 33.66 8.74
CA GLN D 422 -19.51 34.24 8.13
C GLN D 422 -19.77 35.67 7.65
N LEU D 423 -20.97 35.92 7.13
CA LEU D 423 -21.30 37.26 6.67
C LEU D 423 -21.41 38.26 7.82
N ILE D 424 -21.61 37.79 9.07
CA ILE D 424 -21.55 38.70 10.23
C ILE D 424 -20.19 39.39 10.30
N THR D 425 -19.11 38.59 10.29
CA THR D 425 -17.77 39.15 10.38
C THR D 425 -17.42 39.97 9.15
N ALA D 426 -17.84 39.49 7.97
CA ALA D 426 -17.57 40.23 6.74
C ALA D 426 -18.26 41.60 6.74
N ALA D 427 -19.53 41.65 7.14
CA ALA D 427 -20.25 42.92 7.18
C ALA D 427 -19.72 43.83 8.27
N SER D 428 -19.26 43.26 9.39
CA SER D 428 -18.65 44.08 10.44
C SER D 428 -17.37 44.75 9.94
N LEU D 429 -16.55 44.01 9.20
CA LEU D 429 -15.34 44.61 8.63
C LEU D 429 -15.67 45.68 7.60
N VAL D 430 -16.68 45.43 6.76
CA VAL D 430 -17.05 46.43 5.75
C VAL D 430 -17.65 47.67 6.41
N CYS D 431 -18.40 47.50 7.51
CA CYS D 431 -18.90 48.64 8.27
C CYS D 431 -17.76 49.42 8.91
N ARG D 432 -16.73 48.72 9.39
CA ARG D 432 -15.56 49.40 9.95
C ARG D 432 -14.79 50.14 8.88
N LYS D 433 -14.79 49.64 7.64
CA LYS D 433 -14.06 50.30 6.55
C LYS D 433 -14.62 51.69 6.25
N ARG D 434 -15.94 51.83 6.29
CA ARG D 434 -16.62 53.11 6.06
C ARG D 434 -16.76 53.95 7.33
N LYS D 435 -15.97 53.67 8.37
CA LYS D 435 -16.00 54.40 9.64
C LYS D 435 -17.37 54.31 10.33
N GLY D 436 -18.08 53.19 10.14
CA GLY D 436 -19.34 52.95 10.81
C GLY D 436 -19.15 52.29 12.17
N THR D 437 -20.29 52.13 12.86
CA THR D 437 -20.34 51.50 14.18
C THR D 437 -21.47 50.49 14.34
N GLU D 438 -22.47 50.47 13.47
CA GLU D 438 -23.56 49.50 13.46
C GLU D 438 -23.69 48.93 12.06
N VAL D 439 -23.75 47.61 11.96
CA VAL D 439 -23.92 46.96 10.66
C VAL D 439 -25.31 47.25 10.14
N GLN D 440 -25.39 47.76 8.91
CA GLN D 440 -26.62 48.11 8.23
C GLN D 440 -26.93 47.07 7.16
N VAL D 441 -28.09 47.22 6.51
CA VAL D 441 -28.48 46.31 5.45
C VAL D 441 -27.55 46.45 4.24
N ASP D 442 -27.03 47.65 4.00
CA ASP D 442 -26.14 47.86 2.85
C ASP D 442 -24.84 47.08 3.01
N ASP D 443 -24.31 46.97 4.23
CA ASP D 443 -23.13 46.16 4.47
C ASP D 443 -23.41 44.68 4.19
N ILE D 444 -24.58 44.21 4.62
CA ILE D 444 -24.95 42.82 4.39
C ILE D 444 -25.09 42.54 2.90
N LYS D 445 -25.73 43.46 2.17
CA LYS D 445 -25.86 43.31 0.71
C LYS D 445 -24.49 43.35 0.03
N ARG D 446 -23.60 44.21 0.52
CA ARG D 446 -22.26 44.33 -0.06
C ARG D 446 -21.47 43.03 0.08
N VAL D 447 -21.46 42.45 1.29
CA VAL D 447 -20.73 41.21 1.48
C VAL D 447 -21.45 40.02 0.88
N TYR D 448 -22.77 40.09 0.72
CA TYR D 448 -23.49 39.08 -0.06
C TYR D 448 -23.03 39.12 -1.52
N SER D 449 -22.81 40.32 -2.06
CA SER D 449 -22.27 40.43 -3.41
C SER D 449 -20.84 39.93 -3.49
N LEU D 450 -20.01 40.24 -2.49
CA LEU D 450 -18.60 39.90 -2.57
C LEU D 450 -18.37 38.40 -2.43
N PHE D 451 -19.01 37.77 -1.45
CA PHE D 451 -18.76 36.40 -1.04
C PHE D 451 -19.97 35.55 -1.38
N LEU D 452 -19.75 34.46 -2.11
CA LEU D 452 -20.81 33.59 -2.61
C LEU D 452 -20.98 32.38 -1.71
N ASP D 453 -22.23 31.95 -1.54
CA ASP D 453 -22.53 30.66 -0.96
C ASP D 453 -22.32 29.57 -2.02
N GLU D 454 -22.56 28.33 -1.63
CA GLU D 454 -22.25 27.20 -2.52
C GLU D 454 -23.19 27.16 -3.72
N SER D 455 -24.47 27.49 -3.52
CA SER D 455 -25.45 27.35 -4.60
C SER D 455 -25.19 28.37 -5.71
N ARG D 456 -24.95 29.63 -5.34
CA ARG D 456 -24.65 30.65 -6.34
C ARG D 456 -23.33 30.36 -7.04
N SER D 457 -22.34 29.86 -6.28
CA SER D 457 -21.06 29.51 -6.89
C SER D 457 -21.22 28.36 -7.89
N THR D 458 -22.04 27.36 -7.54
CA THR D 458 -22.26 26.23 -8.44
C THR D 458 -23.02 26.66 -9.69
N GLN D 459 -24.01 27.55 -9.55
CA GLN D 459 -24.75 28.03 -10.72
C GLN D 459 -23.85 28.83 -11.63
N TYR D 460 -23.05 29.73 -11.07
CA TYR D 460 -22.15 30.55 -11.87
C TYR D 460 -21.05 29.70 -12.50
N MET D 461 -20.63 28.63 -11.82
CA MET D 461 -19.73 27.65 -12.43
C MET D 461 -20.38 26.95 -13.61
N LYS D 462 -21.63 26.50 -13.44
CA LYS D 462 -22.33 25.77 -14.49
C LYS D 462 -22.58 26.65 -15.71
N GLU D 463 -22.71 27.96 -15.52
CA GLU D 463 -22.80 28.86 -16.66
C GLU D 463 -21.51 28.95 -17.47
N TYR D 464 -20.36 28.56 -16.89
CA TYR D 464 -19.06 28.53 -17.56
C TYR D 464 -18.38 27.18 -17.35
N GLN D 465 -19.12 26.08 -17.49
CA GLN D 465 -18.56 24.76 -17.24
C GLN D 465 -17.49 24.38 -18.26
N ASP D 466 -17.55 24.96 -19.47
CA ASP D 466 -16.51 24.70 -20.47
C ASP D 466 -15.15 25.22 -20.00
N ALA D 467 -15.12 26.37 -19.33
CA ALA D 467 -13.85 26.94 -18.89
C ALA D 467 -13.24 26.13 -17.75
N PHE D 468 -14.07 25.65 -16.83
CA PHE D 468 -13.57 24.86 -15.71
C PHE D 468 -13.07 23.51 -16.17
N LEU D 469 -12.08 22.97 -15.46
CA LEU D 469 -11.49 21.67 -15.78
C LEU D 469 -12.30 20.54 -15.16
N VAL E 34 1.71 -37.43 30.87
CA VAL E 34 1.32 -36.03 31.22
C VAL E 34 1.05 -35.25 29.95
N THR E 35 0.37 -34.11 30.08
CA THR E 35 0.09 -33.28 28.93
C THR E 35 1.36 -32.64 28.42
N ARG E 36 1.84 -33.11 27.27
CA ARG E 36 3.00 -32.57 26.58
C ARG E 36 2.54 -31.55 25.54
N ILE E 37 3.50 -30.86 24.92
CA ILE E 37 3.16 -29.76 24.03
C ILE E 37 2.51 -30.29 22.75
N GLU E 38 2.90 -31.48 22.31
CA GLU E 38 2.23 -32.17 21.21
C GLU E 38 1.10 -33.03 21.76
N ARG E 39 -0.09 -32.86 21.19
CA ARG E 39 -1.31 -33.54 21.61
C ARG E 39 -1.94 -34.18 20.38
N ILE E 40 -3.18 -34.64 20.47
CA ILE E 40 -3.83 -35.35 19.37
C ILE E 40 -4.33 -34.30 18.37
N GLY E 41 -3.59 -34.09 17.29
CA GLY E 41 -3.98 -33.19 16.24
C GLY E 41 -4.73 -33.90 15.11
N ALA E 42 -4.86 -33.19 13.99
CA ALA E 42 -5.62 -33.70 12.86
C ALA E 42 -4.93 -34.86 12.16
N HIS E 43 -3.58 -34.80 12.06
CA HIS E 43 -2.76 -35.78 11.37
C HIS E 43 -1.82 -36.54 12.30
N SER E 44 -2.12 -36.60 13.61
CA SER E 44 -1.20 -37.22 14.55
C SER E 44 -1.12 -38.72 14.38
N HIS E 45 -2.19 -39.37 13.91
CA HIS E 45 -2.17 -40.80 13.63
C HIS E 45 -1.29 -41.18 12.44
N ILE E 46 -0.98 -40.24 11.55
CA ILE E 46 -0.19 -40.52 10.35
C ILE E 46 1.27 -40.70 10.77
N ARG E 47 1.75 -41.94 10.59
CA ARG E 47 3.12 -42.32 10.97
C ARG E 47 3.90 -42.83 9.74
N GLY E 48 3.64 -42.34 8.52
CA GLY E 48 4.37 -42.72 7.34
C GLY E 48 3.42 -42.88 6.19
N LEU E 49 3.93 -43.42 5.08
CA LEU E 49 3.16 -43.71 3.88
C LEU E 49 2.62 -45.13 3.83
N GLY E 50 3.12 -46.04 4.66
CA GLY E 50 2.57 -47.39 4.69
C GLY E 50 2.82 -48.21 3.44
N LEU E 51 4.03 -48.16 2.89
CA LEU E 51 4.44 -48.89 1.70
C LEU E 51 5.46 -49.96 2.06
N ASP E 52 5.53 -50.99 1.22
CA ASP E 52 6.51 -52.06 1.36
C ASP E 52 7.82 -51.61 0.70
N ASP E 53 8.76 -52.54 0.53
CA ASP E 53 10.04 -52.19 -0.10
C ASP E 53 9.87 -51.83 -1.57
N ALA E 54 8.89 -52.44 -2.25
CA ALA E 54 8.59 -52.13 -3.65
C ALA E 54 7.70 -50.90 -3.82
N LEU E 55 7.47 -50.09 -2.78
CA LEU E 55 6.61 -48.91 -2.82
C LEU E 55 5.15 -49.24 -3.13
N GLU E 56 4.71 -50.49 -2.92
CA GLU E 56 3.31 -50.85 -3.10
C GLU E 56 2.54 -50.48 -1.82
N PRO E 57 1.52 -49.63 -1.86
CA PRO E 57 0.84 -49.27 -0.61
C PRO E 57 0.01 -50.42 -0.07
N ARG E 58 0.10 -50.61 1.24
CA ARG E 58 -0.84 -51.48 1.94
C ARG E 58 -2.17 -50.75 2.09
N GLN E 59 -3.24 -51.53 2.24
CA GLN E 59 -4.57 -50.95 2.36
C GLN E 59 -4.70 -50.14 3.66
N ALA E 60 -4.09 -50.62 4.74
CA ALA E 60 -4.10 -49.95 6.04
C ALA E 60 -2.74 -50.13 6.68
N SER E 61 -1.96 -49.06 6.77
CA SER E 61 -0.62 -49.14 7.32
C SER E 61 -0.12 -47.76 7.72
N GLN E 62 0.40 -47.66 8.95
CA GLN E 62 1.01 -46.44 9.47
C GLN E 62 0.01 -45.27 9.49
N GLY E 63 -1.25 -45.58 9.77
CA GLY E 63 -2.30 -44.58 9.86
C GLY E 63 -2.97 -44.21 8.55
N MET E 64 -2.40 -44.59 7.41
CA MET E 64 -2.94 -44.26 6.09
C MET E 64 -3.91 -45.34 5.65
N VAL E 65 -4.91 -44.92 4.86
CA VAL E 65 -6.01 -45.76 4.41
C VAL E 65 -6.30 -45.40 2.96
N GLY E 66 -6.38 -46.41 2.09
CA GLY E 66 -6.77 -46.24 0.71
C GLY E 66 -5.82 -45.32 -0.02
N GLN E 67 -6.34 -44.68 -1.07
CA GLN E 67 -5.62 -43.62 -1.79
C GLN E 67 -4.32 -44.16 -2.39
N LEU E 68 -4.43 -45.35 -3.00
CA LEU E 68 -3.26 -46.16 -3.30
C LEU E 68 -2.38 -45.52 -4.38
N ALA E 69 -3.00 -44.89 -5.38
CA ALA E 69 -2.23 -44.29 -6.46
C ALA E 69 -1.41 -43.11 -5.97
N ALA E 70 -1.98 -42.27 -5.10
CA ALA E 70 -1.26 -41.09 -4.63
C ALA E 70 -0.17 -41.46 -3.63
N ARG E 71 -0.40 -42.48 -2.80
CA ARG E 71 0.62 -42.92 -1.87
C ARG E 71 1.78 -43.59 -2.59
N ARG E 72 1.48 -44.35 -3.65
CA ARG E 72 2.53 -44.94 -4.47
C ARG E 72 3.36 -43.85 -5.15
N ALA E 73 2.69 -42.83 -5.68
CA ALA E 73 3.42 -41.73 -6.30
C ALA E 73 4.24 -40.96 -5.27
N ALA E 74 3.71 -40.81 -4.05
CA ALA E 74 4.46 -40.16 -2.99
C ALA E 74 5.69 -40.97 -2.60
N GLY E 75 5.59 -42.30 -2.66
CA GLY E 75 6.75 -43.14 -2.39
C GLY E 75 7.85 -42.95 -3.43
N VAL E 76 7.46 -42.80 -4.69
CA VAL E 76 8.44 -42.59 -5.75
C VAL E 76 9.14 -41.25 -5.57
N VAL E 77 8.37 -40.21 -5.22
CA VAL E 77 8.96 -38.90 -4.97
C VAL E 77 9.84 -38.94 -3.72
N LEU E 78 9.43 -39.73 -2.72
CA LEU E 78 10.21 -39.88 -1.50
C LEU E 78 11.56 -40.53 -1.77
N GLU E 79 11.58 -41.55 -2.64
CA GLU E 79 12.86 -42.16 -3.01
C GLU E 79 13.71 -41.21 -3.83
N MET E 80 13.08 -40.32 -4.60
CA MET E 80 13.83 -39.29 -5.31
C MET E 80 14.49 -38.31 -4.35
N ILE E 81 13.83 -37.99 -3.24
CA ILE E 81 14.38 -37.01 -2.30
C ILE E 81 15.58 -37.61 -1.59
N ARG E 82 15.48 -38.88 -1.17
CA ARG E 82 16.61 -39.53 -0.51
C ARG E 82 17.80 -39.69 -1.45
N GLU E 83 17.53 -39.87 -2.74
CA GLU E 83 18.59 -39.90 -3.74
C GLU E 83 19.30 -38.55 -3.79
N GLY E 84 18.54 -37.46 -3.84
CA GLY E 84 19.11 -36.13 -3.72
C GLY E 84 20.02 -35.70 -4.84
N LYS E 85 19.98 -36.36 -5.99
CA LYS E 85 20.86 -36.05 -7.12
C LYS E 85 20.26 -34.98 -8.05
N ILE E 86 18.95 -35.01 -8.25
CA ILE E 86 18.28 -34.11 -9.19
C ILE E 86 17.72 -32.93 -8.41
N ALA E 87 18.09 -31.72 -8.83
CA ALA E 87 17.73 -30.50 -8.15
C ALA E 87 16.43 -29.91 -8.68
N GLY E 88 15.67 -29.31 -7.78
CA GLY E 88 14.51 -28.52 -8.16
C GLY E 88 13.37 -29.29 -8.79
N ARG E 89 13.09 -30.48 -8.28
CA ARG E 89 11.98 -31.28 -8.77
C ARG E 89 10.70 -30.84 -8.09
N ALA E 90 9.65 -30.60 -8.89
CA ALA E 90 8.40 -30.01 -8.43
C ALA E 90 7.27 -31.03 -8.58
N VAL E 91 6.44 -31.14 -7.53
CA VAL E 91 5.29 -32.05 -7.51
C VAL E 91 4.10 -31.32 -6.90
N LEU E 92 2.93 -31.45 -7.55
CA LEU E 92 1.66 -30.93 -7.07
C LEU E 92 0.76 -32.10 -6.66
N ILE E 93 0.17 -31.99 -5.47
CA ILE E 93 -0.85 -32.91 -4.97
C ILE E 93 -2.19 -32.20 -5.15
N ALA E 94 -2.88 -32.50 -6.25
CA ALA E 94 -4.22 -31.98 -6.53
C ALA E 94 -5.26 -33.00 -6.08
N GLY E 95 -6.45 -32.50 -5.75
CA GLY E 95 -7.53 -33.36 -5.33
C GLY E 95 -8.61 -32.57 -4.64
N GLN E 96 -9.74 -33.24 -4.41
CA GLN E 96 -10.85 -32.59 -3.74
C GLN E 96 -10.51 -32.35 -2.27
N PRO E 97 -11.23 -31.45 -1.59
CA PRO E 97 -10.96 -31.24 -0.16
C PRO E 97 -11.27 -32.48 0.67
N GLY E 98 -10.45 -32.69 1.70
CA GLY E 98 -10.62 -33.83 2.57
C GLY E 98 -10.24 -35.17 1.97
N THR E 99 -9.40 -35.18 0.93
CA THR E 99 -8.93 -36.39 0.28
C THR E 99 -7.48 -36.76 0.65
N GLY E 100 -6.96 -36.21 1.74
CA GLY E 100 -5.65 -36.63 2.24
C GLY E 100 -4.46 -36.02 1.55
N LYS E 101 -4.58 -34.82 0.98
CA LYS E 101 -3.42 -34.16 0.40
C LYS E 101 -2.40 -33.79 1.48
N THR E 102 -2.88 -33.19 2.57
CA THR E 102 -1.99 -32.86 3.69
C THR E 102 -1.61 -34.11 4.47
N ALA E 103 -2.50 -35.12 4.51
CA ALA E 103 -2.16 -36.38 5.17
C ALA E 103 -1.01 -37.08 4.46
N ILE E 104 -0.99 -37.04 3.13
CA ILE E 104 0.11 -37.63 2.37
C ILE E 104 1.40 -36.88 2.67
N ALA E 105 1.35 -35.55 2.69
CA ALA E 105 2.55 -34.73 2.91
C ALA E 105 3.14 -34.96 4.30
N MET E 106 2.28 -35.13 5.31
CA MET E 106 2.77 -35.55 6.61
C MET E 106 3.29 -36.99 6.55
N GLY E 107 2.71 -37.83 5.69
CA GLY E 107 3.24 -39.17 5.51
C GLY E 107 4.65 -39.18 4.96
N MET E 108 4.93 -38.29 4.00
CA MET E 108 6.30 -38.21 3.48
C MET E 108 7.25 -37.65 4.53
N ALA E 109 6.82 -36.64 5.28
CA ALA E 109 7.65 -36.04 6.30
C ALA E 109 7.99 -37.04 7.41
N GLN E 110 7.02 -37.87 7.78
CA GLN E 110 7.26 -38.90 8.79
C GLN E 110 8.23 -39.95 8.27
N ALA E 111 8.07 -40.39 7.03
CA ALA E 111 8.92 -41.43 6.48
C ALA E 111 10.34 -40.95 6.23
N LEU E 112 10.51 -39.66 5.92
CA LEU E 112 11.84 -39.14 5.60
C LEU E 112 12.71 -38.96 6.85
N GLY E 113 12.10 -38.65 7.99
CA GLY E 113 12.79 -38.54 9.24
C GLY E 113 13.32 -37.14 9.53
N PRO E 114 13.89 -36.92 10.72
CA PRO E 114 14.34 -35.56 11.07
C PRO E 114 15.63 -35.13 10.38
N ASP E 115 16.44 -36.05 9.87
CA ASP E 115 17.77 -35.69 9.38
C ASP E 115 17.68 -34.85 8.11
N THR E 116 16.80 -35.21 7.20
CA THR E 116 16.60 -34.46 5.97
C THR E 116 15.68 -33.25 6.25
N PRO E 117 15.98 -32.04 5.75
CA PRO E 117 15.07 -30.92 6.02
C PRO E 117 13.72 -31.08 5.33
N PHE E 118 12.67 -30.64 6.02
CA PHE E 118 11.30 -30.63 5.50
C PHE E 118 10.69 -29.30 5.94
N THR E 119 10.84 -28.28 5.10
CA THR E 119 10.23 -26.98 5.34
C THR E 119 8.77 -27.03 4.91
N ALA E 120 7.87 -26.70 5.84
CA ALA E 120 6.44 -26.66 5.61
C ALA E 120 5.94 -25.25 5.86
N ILE E 121 5.26 -24.67 4.86
CA ILE E 121 4.71 -23.32 4.95
C ILE E 121 3.33 -23.32 4.30
N ALA E 122 2.48 -22.41 4.76
CA ALA E 122 1.27 -22.05 4.03
C ALA E 122 1.60 -21.05 2.93
N GLY E 123 0.75 -21.03 1.91
CA GLY E 123 0.96 -20.12 0.79
C GLY E 123 0.87 -18.66 1.18
N SER E 124 0.04 -18.33 2.17
CA SER E 124 -0.14 -16.94 2.59
C SER E 124 0.99 -16.40 3.47
N GLU E 125 1.94 -17.25 3.90
CA GLU E 125 3.01 -16.78 4.77
C GLU E 125 4.08 -15.97 4.03
N ILE E 126 4.16 -16.08 2.70
CA ILE E 126 5.15 -15.29 1.98
C ILE E 126 4.82 -13.79 1.98
N PHE E 127 3.57 -13.40 2.20
CA PHE E 127 3.16 -12.00 2.19
C PHE E 127 3.62 -11.34 3.49
N SER E 128 4.89 -10.93 3.50
CA SER E 128 5.58 -10.41 4.67
C SER E 128 5.70 -8.89 4.59
N LEU E 129 5.77 -8.26 5.76
CA LEU E 129 5.99 -6.82 5.85
C LEU E 129 7.47 -6.44 5.85
N GLU E 130 8.34 -7.31 6.41
CA GLU E 130 9.76 -7.02 6.48
C GLU E 130 10.54 -7.38 5.21
N MET E 131 9.97 -8.16 4.30
CA MET E 131 10.69 -8.67 3.15
C MET E 131 9.71 -8.93 2.01
N SER E 132 10.24 -8.94 0.79
CA SER E 132 9.43 -9.13 -0.39
C SER E 132 9.06 -10.61 -0.55
N LYS E 133 8.17 -10.87 -1.50
CA LYS E 133 7.70 -12.24 -1.73
C LYS E 133 8.82 -13.14 -2.23
N THR E 134 9.65 -12.64 -3.14
CA THR E 134 10.75 -13.44 -3.67
C THR E 134 11.79 -13.73 -2.60
N GLU E 135 12.04 -12.76 -1.72
CA GLU E 135 12.95 -12.98 -0.60
C GLU E 135 12.39 -14.03 0.36
N ALA E 136 11.09 -13.98 0.63
CA ALA E 136 10.47 -14.97 1.50
C ALA E 136 10.53 -16.37 0.90
N LEU E 137 10.36 -16.48 -0.41
CA LEU E 137 10.49 -17.77 -1.09
C LEU E 137 11.95 -18.21 -1.16
N THR E 138 12.88 -17.27 -1.31
CA THR E 138 14.30 -17.60 -1.30
C THR E 138 14.72 -18.17 0.04
N GLN E 139 14.27 -17.57 1.13
CA GLN E 139 14.60 -18.07 2.46
C GLN E 139 13.99 -19.45 2.71
N ALA E 140 12.78 -19.69 2.19
CA ALA E 140 12.17 -21.00 2.33
C ALA E 140 12.92 -22.04 1.51
N PHE E 141 13.40 -21.66 0.33
CA PHE E 141 14.24 -22.57 -0.47
C PHE E 141 15.55 -22.88 0.26
N ARG E 142 16.18 -21.86 0.83
CA ARG E 142 17.48 -22.05 1.46
C ARG E 142 17.37 -22.81 2.78
N ARG E 143 16.24 -22.67 3.48
CA ARG E 143 16.04 -23.45 4.71
C ARG E 143 15.93 -24.95 4.43
N SER E 144 15.51 -25.35 3.23
CA SER E 144 15.29 -26.74 2.88
C SER E 144 16.55 -27.45 2.35
N ILE E 145 17.74 -26.88 2.55
CA ILE E 145 19.01 -27.46 2.08
C ILE E 145 19.95 -27.50 3.27
N GLY E 146 20.13 -28.69 3.85
CA GLY E 146 21.03 -28.86 4.97
C GLY E 146 22.49 -28.96 4.55
N VAL E 147 23.37 -28.56 5.47
CA VAL E 147 24.82 -28.65 5.31
C VAL E 147 25.38 -29.26 6.58
N ARG E 148 25.98 -30.45 6.47
CA ARG E 148 26.68 -31.11 7.58
C ARG E 148 28.15 -30.73 7.49
N ILE E 149 28.61 -29.98 8.49
CA ILE E 149 29.95 -29.39 8.50
C ILE E 149 30.75 -30.07 9.62
N LYS E 150 31.94 -30.58 9.28
CA LYS E 150 32.80 -31.29 10.22
C LYS E 150 33.91 -30.38 10.72
N GLU E 151 33.99 -30.21 12.03
CA GLU E 151 35.10 -29.50 12.67
C GLU E 151 36.29 -30.44 12.77
N VAL E 256 33.79 -32.30 14.89
CA VAL E 256 32.46 -32.82 15.18
C VAL E 256 31.43 -32.20 14.25
N VAL E 257 30.38 -32.97 13.94
CA VAL E 257 29.39 -32.55 12.95
C VAL E 257 28.53 -31.43 13.50
N HIS E 258 28.23 -30.45 12.64
CA HIS E 258 27.22 -29.43 12.85
C HIS E 258 26.29 -29.40 11.65
N THR E 259 24.98 -29.43 11.92
CA THR E 259 23.94 -29.35 10.89
C THR E 259 23.39 -27.93 10.86
N VAL E 260 23.52 -27.26 9.73
CA VAL E 260 22.99 -25.92 9.53
C VAL E 260 22.52 -25.80 8.09
N SER E 261 21.35 -25.18 7.90
CA SER E 261 20.84 -24.98 6.56
C SER E 261 21.59 -23.84 5.87
N LEU E 262 21.37 -23.72 4.56
CA LEU E 262 21.95 -22.61 3.82
C LEU E 262 21.39 -21.28 4.28
N HIS E 263 20.13 -21.24 4.72
CA HIS E 263 19.55 -20.01 5.22
C HIS E 263 20.23 -19.55 6.50
N GLU E 264 20.59 -20.50 7.37
CA GLU E 264 21.29 -20.16 8.61
C GLU E 264 22.64 -19.54 8.33
N ILE E 265 23.36 -20.09 7.35
CA ILE E 265 24.68 -19.55 7.01
C ILE E 265 24.54 -18.19 6.35
N ASP E 266 23.47 -17.98 5.58
CA ASP E 266 23.21 -16.67 4.97
C ASP E 266 22.97 -15.61 6.02
N VAL E 267 22.17 -15.92 7.04
CA VAL E 267 21.79 -14.92 8.03
C VAL E 267 22.99 -14.58 8.91
N ILE E 268 23.81 -15.58 9.26
CA ILE E 268 24.96 -15.36 10.13
C ILE E 268 25.98 -14.46 9.44
N ASN E 269 26.18 -14.65 8.14
CA ASN E 269 27.08 -13.82 7.36
C ASN E 269 26.46 -12.50 6.88
N SER E 270 25.15 -12.29 7.08
CA SER E 270 24.52 -11.08 6.56
C SER E 270 24.97 -9.85 7.34
N ARG E 271 25.19 -9.99 8.65
CA ARG E 271 25.63 -8.87 9.47
C ARG E 271 26.28 -9.41 10.74
N THR E 272 26.91 -8.50 11.48
CA THR E 272 27.48 -8.85 12.78
C THR E 272 26.37 -9.21 13.75
N GLN E 273 26.60 -10.30 14.50
CA GLN E 273 25.63 -11.03 15.31
C GLN E 273 24.28 -11.19 14.61
N GLY E 274 24.32 -11.60 13.34
CA GLY E 274 23.11 -11.90 12.59
C GLY E 274 22.34 -13.11 13.08
N PHE E 275 22.97 -13.98 13.88
CA PHE E 275 22.31 -15.15 14.44
C PHE E 275 21.11 -14.80 15.34
N LEU E 276 21.04 -13.57 15.87
CA LEU E 276 19.81 -13.11 16.50
C LEU E 276 18.63 -13.13 15.52
N ALA E 277 18.89 -12.81 14.25
CA ALA E 277 17.82 -12.70 13.27
C ALA E 277 17.21 -14.04 12.89
N LEU E 278 17.90 -15.15 13.14
CA LEU E 278 17.31 -16.45 12.85
C LEU E 278 16.11 -16.74 13.73
N PHE E 279 16.13 -16.24 14.97
CA PHE E 279 15.05 -16.43 15.93
C PHE E 279 14.03 -15.30 15.85
N SER E 280 14.48 -14.06 15.86
CA SER E 280 13.57 -12.92 15.87
C SER E 280 12.91 -12.65 14.51
N GLY E 281 13.37 -13.27 13.44
CA GLY E 281 13.07 -12.74 12.12
C GLY E 281 13.93 -11.51 11.91
N ASP E 282 13.29 -10.40 11.49
CA ASP E 282 13.87 -9.12 11.06
C ASP E 282 15.21 -9.27 10.34
N THR E 283 15.26 -10.20 9.38
CA THR E 283 16.45 -10.40 8.58
C THR E 283 16.64 -9.30 7.55
N GLY E 284 15.55 -8.69 7.09
CA GLY E 284 15.64 -7.81 5.95
C GLY E 284 15.83 -8.64 4.69
N GLU E 285 16.11 -7.93 3.61
CA GLU E 285 16.38 -8.54 2.31
C GLU E 285 17.88 -8.77 2.20
N ILE E 286 18.29 -10.04 2.34
CA ILE E 286 19.70 -10.39 2.33
C ILE E 286 20.26 -10.14 0.93
N LYS E 287 21.45 -9.56 0.87
CA LYS E 287 22.02 -9.13 -0.40
C LYS E 287 22.37 -10.34 -1.25
N SER E 288 22.32 -10.15 -2.58
CA SER E 288 22.65 -11.22 -3.52
C SER E 288 24.11 -11.65 -3.39
N GLU E 289 25.01 -10.72 -3.06
CA GLU E 289 26.42 -11.05 -2.97
C GLU E 289 26.71 -12.00 -1.80
N VAL E 290 25.92 -11.92 -0.74
CA VAL E 290 26.10 -12.83 0.40
C VAL E 290 25.79 -14.26 -0.01
N ARG E 291 24.68 -14.45 -0.73
CA ARG E 291 24.26 -15.81 -1.08
C ARG E 291 25.14 -16.40 -2.19
N GLU E 292 25.63 -15.57 -3.12
CA GLU E 292 26.55 -16.07 -4.14
C GLU E 292 27.88 -16.50 -3.54
N GLN E 293 28.38 -15.74 -2.56
CA GLN E 293 29.63 -16.09 -1.91
C GLN E 293 29.50 -17.38 -1.12
N ILE E 294 28.37 -17.58 -0.45
CA ILE E 294 28.15 -18.81 0.31
C ILE E 294 27.95 -19.99 -0.62
N ASN E 295 27.37 -19.76 -1.81
CA ASN E 295 27.21 -20.84 -2.79
C ASN E 295 28.57 -21.36 -3.24
N ALA E 296 29.51 -20.46 -3.54
CA ALA E 296 30.86 -20.85 -3.89
C ALA E 296 31.64 -21.39 -2.70
N LYS E 297 31.39 -20.89 -1.49
CA LYS E 297 32.12 -21.37 -0.33
C LYS E 297 31.68 -22.79 0.01
N VAL E 298 30.38 -23.05 -0.05
CA VAL E 298 29.87 -24.38 0.24
C VAL E 298 30.31 -25.36 -0.85
N ALA E 299 30.34 -24.90 -2.10
CA ALA E 299 30.83 -25.76 -3.19
C ALA E 299 32.31 -26.06 -3.03
N GLU E 300 33.09 -25.10 -2.51
CA GLU E 300 34.48 -25.35 -2.18
C GLU E 300 34.60 -26.40 -1.09
N TRP E 301 33.76 -26.31 -0.06
CA TRP E 301 33.85 -27.24 1.06
C TRP E 301 33.37 -28.63 0.67
N ARG E 302 32.40 -28.72 -0.24
CA ARG E 302 31.97 -30.02 -0.74
C ARG E 302 33.08 -30.70 -1.53
N GLU E 303 33.78 -29.94 -2.37
CA GLU E 303 34.89 -30.51 -3.14
C GLU E 303 36.03 -30.90 -2.21
N GLU E 304 36.29 -30.11 -1.18
CA GLU E 304 37.27 -30.45 -0.15
C GLU E 304 36.87 -31.66 0.67
N GLY E 305 35.58 -32.01 0.73
CA GLY E 305 35.09 -33.04 1.61
C GLY E 305 34.82 -32.61 3.03
N LYS E 306 35.00 -31.32 3.37
CA LYS E 306 34.70 -30.85 4.72
C LYS E 306 33.19 -30.82 4.96
N ALA E 307 32.42 -30.41 3.96
CA ALA E 307 30.97 -30.25 4.04
C ALA E 307 30.27 -31.27 3.14
N GLU E 308 29.06 -31.63 3.54
CA GLU E 308 28.15 -32.48 2.78
C GLU E 308 26.77 -31.86 2.77
N ILE E 309 26.13 -31.85 1.60
CA ILE E 309 24.87 -31.14 1.36
C ILE E 309 23.77 -32.20 1.36
N ILE E 310 22.77 -32.00 2.23
CA ILE E 310 21.59 -32.85 2.32
C ILE E 310 20.41 -32.05 1.76
N PRO E 311 20.05 -32.16 0.49
CA PRO E 311 18.88 -31.41 0.01
C PRO E 311 17.59 -31.98 0.58
N GLY E 312 16.72 -31.07 1.02
CA GLY E 312 15.48 -31.41 1.69
C GLY E 312 14.25 -31.19 0.84
N VAL E 313 13.15 -30.82 1.51
CA VAL E 313 11.85 -30.62 0.90
C VAL E 313 11.31 -29.28 1.37
N LEU E 314 10.74 -28.52 0.43
CA LEU E 314 9.86 -27.40 0.71
C LEU E 314 8.45 -27.82 0.32
N PHE E 315 7.54 -27.83 1.29
CA PHE E 315 6.13 -28.17 1.09
C PHE E 315 5.30 -26.90 1.30
N ILE E 316 4.77 -26.35 0.21
CA ILE E 316 3.87 -25.19 0.25
C ILE E 316 2.46 -25.75 0.17
N ASP E 317 1.81 -25.88 1.32
CA ASP E 317 0.40 -26.21 1.34
C ASP E 317 -0.42 -25.01 0.92
N GLU E 318 -1.51 -25.26 0.18
CA GLU E 318 -2.44 -24.21 -0.28
C GLU E 318 -1.72 -23.23 -1.19
N VAL E 319 -1.03 -23.76 -2.20
CA VAL E 319 -0.18 -22.94 -3.07
C VAL E 319 -0.97 -21.97 -3.96
N HIS E 320 -2.29 -22.15 -4.10
CA HIS E 320 -3.10 -21.20 -4.86
C HIS E 320 -3.11 -19.79 -4.25
N MET E 321 -2.78 -19.63 -2.97
CA MET E 321 -2.68 -18.30 -2.37
C MET E 321 -1.51 -17.49 -2.92
N LEU E 322 -0.51 -18.11 -3.53
CA LEU E 322 0.54 -17.37 -4.19
C LEU E 322 -0.01 -16.59 -5.38
N ASP E 323 0.59 -15.44 -5.65
CA ASP E 323 0.23 -14.57 -6.77
C ASP E 323 1.14 -14.86 -7.96
N ILE E 324 0.89 -14.16 -9.07
CA ILE E 324 1.59 -14.43 -10.33
C ILE E 324 3.07 -14.09 -10.22
N GLU E 325 3.43 -13.06 -9.44
CA GLU E 325 4.83 -12.74 -9.26
C GLU E 325 5.56 -13.84 -8.49
N SER E 326 4.88 -14.44 -7.51
CA SER E 326 5.48 -15.52 -6.75
C SER E 326 5.68 -16.76 -7.60
N PHE E 327 4.70 -17.10 -8.44
CA PHE E 327 4.82 -18.27 -9.31
C PHE E 327 5.91 -18.07 -10.35
N SER E 328 6.06 -16.84 -10.86
CA SER E 328 7.11 -16.58 -11.84
C SER E 328 8.49 -16.70 -11.23
N PHE E 329 8.64 -16.33 -9.96
CA PHE E 329 9.92 -16.54 -9.27
C PHE E 329 10.21 -18.02 -9.12
N LEU E 330 9.17 -18.83 -8.88
CA LEU E 330 9.36 -20.27 -8.73
C LEU E 330 9.81 -20.94 -10.02
N ASN E 331 9.50 -20.34 -11.19
CA ASN E 331 9.90 -20.92 -12.47
C ASN E 331 11.42 -20.99 -12.59
N ARG E 332 12.12 -19.90 -12.23
CA ARG E 332 13.57 -19.85 -12.28
C ARG E 332 14.24 -20.32 -11.00
N ALA E 333 13.55 -20.26 -9.86
CA ALA E 333 14.12 -20.80 -8.63
C ALA E 333 14.28 -22.32 -8.72
N LEU E 334 13.36 -23.00 -9.39
CA LEU E 334 13.48 -24.45 -9.57
C LEU E 334 14.61 -24.84 -10.52
N GLU E 335 15.04 -23.96 -11.41
CA GLU E 335 16.10 -24.27 -12.36
C GLU E 335 17.51 -24.23 -11.76
N SER E 336 17.66 -23.81 -10.50
CA SER E 336 18.97 -23.78 -9.85
C SER E 336 19.37 -25.17 -9.35
N ASP E 337 20.66 -25.45 -9.38
CA ASP E 337 21.16 -26.73 -8.89
C ASP E 337 21.09 -26.88 -7.38
N MET E 338 20.97 -25.77 -6.63
CA MET E 338 20.81 -25.80 -5.19
C MET E 338 19.36 -25.94 -4.73
N ALA E 339 18.39 -26.00 -5.65
CA ALA E 339 17.00 -25.96 -5.25
C ALA E 339 16.57 -27.28 -4.60
N PRO E 340 15.60 -27.24 -3.65
CA PRO E 340 15.13 -28.49 -3.03
C PRO E 340 14.04 -29.14 -3.86
N VAL E 341 13.48 -30.25 -3.40
CA VAL E 341 12.27 -30.82 -3.99
C VAL E 341 11.07 -30.03 -3.48
N LEU E 342 10.24 -29.54 -4.40
CA LEU E 342 9.11 -28.67 -4.09
C LEU E 342 7.80 -29.48 -4.19
N ILE E 343 7.24 -29.85 -3.04
CA ILE E 343 5.89 -30.41 -2.96
C ILE E 343 4.93 -29.24 -2.82
N MET E 344 3.75 -29.37 -3.43
CA MET E 344 2.68 -28.39 -3.30
C MET E 344 1.35 -29.11 -3.24
N ALA E 345 0.34 -28.42 -2.68
CA ALA E 345 -0.99 -28.94 -2.51
C ALA E 345 -2.02 -27.85 -2.77
N THR E 346 -3.11 -28.23 -3.46
CA THR E 346 -4.20 -27.31 -3.73
C THR E 346 -5.45 -28.13 -4.02
N ASN E 347 -6.62 -27.54 -3.70
CA ASN E 347 -7.92 -28.11 -3.97
C ASN E 347 -8.74 -27.27 -4.94
N ARG E 348 -8.09 -26.39 -5.71
CA ARG E 348 -8.80 -25.47 -6.59
C ARG E 348 -9.06 -26.13 -7.94
N GLY E 349 -10.21 -25.81 -8.52
CA GLY E 349 -10.54 -26.20 -9.87
C GLY E 349 -9.86 -25.28 -10.87
N ILE E 350 -10.53 -25.07 -12.01
CA ILE E 350 -10.10 -24.08 -12.99
C ILE E 350 -10.53 -22.71 -12.44
N THR E 351 -9.60 -21.99 -11.82
CA THR E 351 -9.89 -20.79 -11.04
C THR E 351 -8.97 -19.65 -11.45
N ARG E 352 -9.30 -18.46 -10.97
CA ARG E 352 -8.50 -17.27 -11.22
C ARG E 352 -7.16 -17.37 -10.53
N ILE E 353 -6.09 -17.03 -11.26
CA ILE E 353 -4.79 -16.85 -10.64
C ILE E 353 -4.82 -15.54 -9.84
N ARG E 354 -4.31 -15.59 -8.61
CA ARG E 354 -4.26 -14.38 -7.80
C ARG E 354 -3.30 -13.38 -8.39
N GLY E 355 -3.67 -12.10 -8.33
CA GLY E 355 -2.91 -11.04 -8.95
C GLY E 355 -3.15 -10.83 -10.43
N THR E 356 -3.99 -11.66 -11.07
CA THR E 356 -4.36 -11.52 -12.48
C THR E 356 -5.87 -11.65 -12.62
N SER E 357 -6.34 -11.75 -13.87
CA SER E 357 -7.73 -12.03 -14.20
C SER E 357 -7.81 -13.13 -15.27
N TYR E 358 -6.95 -14.14 -15.16
CA TYR E 358 -6.91 -15.29 -16.06
C TYR E 358 -7.28 -16.55 -15.30
N GLN E 359 -8.15 -17.37 -15.89
CA GLN E 359 -8.44 -18.68 -15.37
C GLN E 359 -7.31 -19.65 -15.72
N SER E 360 -7.04 -20.58 -14.80
CA SER E 360 -5.95 -21.53 -14.94
C SER E 360 -6.29 -22.76 -14.12
N PRO E 361 -5.76 -23.95 -14.48
CA PRO E 361 -6.36 -25.21 -13.99
C PRO E 361 -6.28 -25.47 -12.49
N HIS E 362 -5.42 -24.79 -11.73
CA HIS E 362 -5.41 -24.91 -10.27
C HIS E 362 -5.25 -23.56 -9.59
N GLY E 363 -5.51 -22.45 -10.28
CA GLY E 363 -5.00 -21.17 -9.86
C GLY E 363 -3.51 -20.98 -10.05
N ILE E 364 -2.86 -21.87 -10.80
CA ILE E 364 -1.42 -21.87 -11.01
C ILE E 364 -1.21 -21.59 -12.50
N PRO E 365 -0.26 -20.74 -12.91
CA PRO E 365 -0.07 -20.55 -14.35
C PRO E 365 0.45 -21.80 -15.05
N ILE E 366 0.14 -21.87 -16.34
CA ILE E 366 0.46 -23.06 -17.15
C ILE E 366 1.98 -23.22 -17.27
N ASP E 367 2.74 -22.13 -17.26
CA ASP E 367 4.19 -22.22 -17.37
C ASP E 367 4.81 -22.95 -16.18
N LEU E 368 4.31 -22.69 -14.97
CA LEU E 368 4.80 -23.43 -13.81
C LEU E 368 4.29 -24.88 -13.83
N LEU E 369 3.03 -25.08 -14.25
CA LEU E 369 2.46 -26.43 -14.29
C LEU E 369 3.18 -27.33 -15.28
N ASP E 370 3.77 -26.76 -16.34
CA ASP E 370 4.58 -27.55 -17.25
C ASP E 370 5.82 -28.11 -16.56
N ARG E 371 6.36 -27.39 -15.57
CA ARG E 371 7.50 -27.84 -14.79
C ARG E 371 7.14 -28.85 -13.70
N LEU E 372 5.88 -29.26 -13.57
CA LEU E 372 5.38 -30.11 -12.49
C LEU E 372 4.93 -31.48 -12.98
N LEU E 373 4.96 -32.43 -12.06
CA LEU E 373 4.24 -33.70 -12.14
C LEU E 373 3.11 -33.67 -11.12
N ILE E 374 1.90 -34.00 -11.56
CA ILE E 374 0.70 -33.85 -10.75
C ILE E 374 0.28 -35.21 -10.24
N VAL E 375 -0.02 -35.27 -8.93
CA VAL E 375 -0.51 -36.47 -8.25
C VAL E 375 -1.95 -36.18 -7.83
N SER E 376 -2.88 -37.02 -8.28
CA SER E 376 -4.31 -36.84 -8.05
C SER E 376 -4.77 -37.79 -6.94
N THR E 377 -5.34 -37.22 -5.87
CA THR E 377 -6.01 -37.98 -4.81
C THR E 377 -7.49 -38.05 -5.13
N THR E 378 -8.06 -39.25 -5.02
CA THR E 378 -9.46 -39.54 -5.32
C THR E 378 -10.30 -39.42 -4.05
N PRO E 379 -11.63 -39.21 -4.15
CA PRO E 379 -12.45 -39.28 -2.95
C PRO E 379 -12.60 -40.71 -2.45
N TYR E 380 -12.97 -40.82 -1.17
CA TYR E 380 -12.98 -42.10 -0.48
C TYR E 380 -14.34 -42.78 -0.58
N SER E 381 -14.29 -44.11 -0.63
CA SER E 381 -15.49 -44.94 -0.70
C SER E 381 -16.08 -45.11 0.70
N GLU E 382 -17.08 -45.98 0.80
CA GLU E 382 -17.70 -46.24 2.10
C GLU E 382 -16.73 -46.96 3.03
N LYS E 383 -16.02 -47.98 2.53
CA LYS E 383 -15.16 -48.77 3.39
C LYS E 383 -13.92 -47.97 3.82
N ASP E 384 -13.40 -47.13 2.92
CA ASP E 384 -12.24 -46.31 3.28
C ASP E 384 -12.60 -45.28 4.34
N THR E 385 -13.83 -44.75 4.28
CA THR E 385 -14.27 -43.80 5.29
C THR E 385 -14.37 -44.46 6.66
N LYS E 386 -14.88 -45.68 6.71
CA LYS E 386 -14.99 -46.40 7.98
C LYS E 386 -13.62 -46.71 8.57
N GLN E 387 -12.68 -47.13 7.72
CA GLN E 387 -11.33 -47.45 8.19
C GLN E 387 -10.62 -46.21 8.70
N ILE E 388 -10.85 -45.06 8.06
CA ILE E 388 -10.26 -43.82 8.54
C ILE E 388 -10.84 -43.45 9.91
N LEU E 389 -12.15 -43.65 10.08
CA LEU E 389 -12.78 -43.35 11.36
C LEU E 389 -12.33 -44.31 12.45
N ARG E 390 -12.01 -45.57 12.08
CA ARG E 390 -11.50 -46.52 13.07
C ARG E 390 -10.15 -46.09 13.61
N ILE E 391 -9.26 -45.62 12.73
CA ILE E 391 -7.93 -45.22 13.16
C ILE E 391 -8.00 -43.97 14.02
N ARG E 392 -8.89 -43.04 13.66
CA ARG E 392 -9.03 -41.81 14.46
C ARG E 392 -9.63 -42.11 15.82
N CYS E 393 -10.54 -43.08 15.90
CA CYS E 393 -11.04 -43.52 17.20
C CYS E 393 -9.93 -44.15 18.02
N GLU E 394 -9.08 -44.94 17.38
CA GLU E 394 -7.95 -45.55 18.08
C GLU E 394 -6.92 -44.49 18.47
N GLU E 395 -6.72 -43.48 17.63
CA GLU E 395 -5.79 -42.40 17.95
C GLU E 395 -6.29 -41.60 19.15
N GLU E 396 -7.58 -41.30 19.18
CA GLU E 396 -8.21 -40.53 20.26
C GLU E 396 -8.62 -41.39 21.45
N ASP E 397 -8.44 -42.72 21.40
CA ASP E 397 -8.77 -43.62 22.50
C ASP E 397 -10.26 -43.58 22.82
N VAL E 398 -11.07 -43.77 21.77
CA VAL E 398 -12.53 -43.78 21.84
C VAL E 398 -13.01 -45.16 21.41
N GLU E 399 -13.85 -45.77 22.25
CA GLU E 399 -14.52 -47.03 21.95
C GLU E 399 -15.92 -46.71 21.44
N MET E 400 -16.27 -47.29 20.29
CA MET E 400 -17.59 -47.15 19.69
C MET E 400 -18.12 -48.53 19.32
N SER E 401 -19.43 -48.69 19.44
CA SER E 401 -20.09 -49.89 18.98
C SER E 401 -20.03 -49.98 17.46
N GLU E 402 -20.31 -51.17 16.94
CA GLU E 402 -20.30 -51.37 15.49
C GLU E 402 -21.41 -50.58 14.82
N ASP E 403 -22.56 -50.45 15.47
CA ASP E 403 -23.66 -49.66 14.92
C ASP E 403 -23.29 -48.18 14.86
N ALA E 404 -22.53 -47.70 15.84
CA ALA E 404 -22.11 -46.30 15.83
C ALA E 404 -21.17 -46.02 14.66
N TYR E 405 -20.30 -46.98 14.32
CA TYR E 405 -19.43 -46.81 13.15
C TYR E 405 -20.25 -46.75 11.87
N THR E 406 -21.31 -47.56 11.78
CA THR E 406 -22.16 -47.54 10.59
C THR E 406 -22.88 -46.21 10.44
N VAL E 407 -23.56 -45.74 11.50
CA VAL E 407 -24.44 -44.51 11.46
C VAL E 407 -23.65 -43.19 11.35
N LEU E 408 -22.57 -43.03 12.11
CA LEU E 408 -21.70 -41.83 12.00
C LEU E 408 -21.14 -41.81 10.57
N THR E 409 -20.95 -42.99 9.96
CA THR E 409 -20.42 -43.12 8.58
C THR E 409 -21.47 -42.61 7.62
N ARG E 410 -22.76 -43.01 7.90
CA ARG E 410 -23.81 -42.46 7.04
C ARG E 410 -23.82 -40.93 7.11
N ILE E 411 -23.72 -40.38 8.35
CA ILE E 411 -23.66 -38.90 8.56
C ILE E 411 -22.49 -38.36 7.74
N GLY E 412 -21.33 -39.01 7.71
CA GLY E 412 -20.12 -38.55 6.99
C GLY E 412 -20.20 -38.65 5.48
N LEU E 413 -20.56 -39.81 4.90
CA LEU E 413 -20.60 -40.00 3.43
C LEU E 413 -21.58 -38.96 2.91
N GLU E 414 -22.42 -38.49 3.81
CA GLU E 414 -23.43 -37.47 3.54
C GLU E 414 -22.83 -36.07 3.61
N THR E 415 -22.17 -35.75 4.73
CA THR E 415 -21.72 -34.37 4.99
C THR E 415 -20.28 -34.15 4.53
N SER E 416 -19.33 -34.81 5.18
CA SER E 416 -17.90 -34.72 4.89
C SER E 416 -17.17 -35.63 5.86
N LEU E 417 -15.94 -36.01 5.46
CA LEU E 417 -15.11 -36.83 6.34
C LEU E 417 -14.70 -36.06 7.59
N ARG E 418 -14.37 -34.77 7.44
CA ARG E 418 -13.90 -33.97 8.56
C ARG E 418 -14.98 -33.79 9.61
N TYR E 419 -16.23 -33.61 9.18
CA TYR E 419 -17.32 -33.48 10.13
C TYR E 419 -17.52 -34.76 10.93
N ALA E 420 -17.42 -35.91 10.27
CA ALA E 420 -17.55 -37.19 10.98
C ALA E 420 -16.42 -37.40 11.96
N ILE E 421 -15.20 -36.95 11.62
CA ILE E 421 -14.08 -37.08 12.55
C ILE E 421 -14.30 -36.19 13.76
N GLN E 422 -14.83 -34.98 13.54
CA GLN E 422 -15.06 -34.06 14.65
C GLN E 422 -16.10 -34.57 15.64
N LEU E 423 -17.05 -35.39 15.18
CA LEU E 423 -18.05 -35.97 16.08
C LEU E 423 -17.52 -37.12 16.93
N ILE E 424 -16.31 -37.63 16.66
CA ILE E 424 -15.78 -38.73 17.46
C ILE E 424 -15.50 -38.25 18.89
N THR E 425 -14.76 -37.16 19.03
CA THR E 425 -14.40 -36.69 20.37
C THR E 425 -15.61 -36.11 21.09
N ALA E 426 -16.52 -35.46 20.35
CA ALA E 426 -17.71 -34.91 20.98
C ALA E 426 -18.62 -36.02 21.50
N ALA E 427 -18.83 -37.06 20.70
CA ALA E 427 -19.64 -38.20 21.14
C ALA E 427 -19.00 -38.92 22.31
N SER E 428 -17.67 -38.97 22.35
CA SER E 428 -16.98 -39.55 23.49
C SER E 428 -17.23 -38.75 24.76
N LEU E 429 -17.28 -37.43 24.64
CA LEU E 429 -17.52 -36.58 25.81
C LEU E 429 -18.95 -36.70 26.30
N VAL E 430 -19.91 -36.75 25.36
CA VAL E 430 -21.31 -36.90 25.73
C VAL E 430 -21.54 -38.27 26.35
N CYS E 431 -20.92 -39.32 25.78
CA CYS E 431 -21.01 -40.65 26.37
C CYS E 431 -20.38 -40.68 27.75
N ARG E 432 -19.30 -39.92 27.94
CA ARG E 432 -18.65 -39.85 29.24
C ARG E 432 -19.52 -39.12 30.27
N LYS E 433 -20.30 -38.13 29.82
CA LYS E 433 -21.16 -37.38 30.74
C LYS E 433 -22.25 -38.26 31.34
N ARG E 434 -22.79 -39.18 30.55
CA ARG E 434 -23.80 -40.14 31.03
C ARG E 434 -23.18 -41.38 31.69
N LYS E 435 -21.90 -41.35 32.07
CA LYS E 435 -21.19 -42.44 32.73
C LYS E 435 -21.13 -43.71 31.89
N GLY E 436 -21.26 -43.61 30.56
CA GLY E 436 -21.02 -44.74 29.68
C GLY E 436 -19.54 -44.93 29.40
N THR E 437 -19.24 -46.01 28.68
CA THR E 437 -17.88 -46.40 28.32
C THR E 437 -17.68 -46.58 26.82
N GLU E 438 -18.73 -46.98 26.09
CA GLU E 438 -18.70 -47.20 24.65
C GLU E 438 -19.65 -46.20 24.01
N VAL E 439 -19.17 -45.50 22.98
CA VAL E 439 -20.01 -44.55 22.26
C VAL E 439 -21.07 -45.34 21.48
N GLN E 440 -22.33 -44.98 21.71
CA GLN E 440 -23.49 -45.65 21.11
C GLN E 440 -24.05 -44.79 19.98
N VAL E 441 -25.10 -45.29 19.34
CA VAL E 441 -25.75 -44.56 18.27
C VAL E 441 -26.43 -43.30 18.81
N ASP E 442 -26.97 -43.38 20.03
CA ASP E 442 -27.67 -42.23 20.61
C ASP E 442 -26.72 -41.08 20.90
N ASP E 443 -25.47 -41.39 21.27
CA ASP E 443 -24.48 -40.34 21.45
C ASP E 443 -24.14 -39.67 20.13
N ILE E 444 -24.10 -40.44 19.04
CA ILE E 444 -23.83 -39.88 17.73
C ILE E 444 -24.98 -38.98 17.30
N LYS E 445 -26.21 -39.41 17.54
CA LYS E 445 -27.37 -38.60 17.17
C LYS E 445 -27.46 -37.35 18.01
N ARG E 446 -27.04 -37.42 19.28
CA ARG E 446 -27.09 -36.25 20.15
C ARG E 446 -26.14 -35.17 19.67
N VAL E 447 -24.89 -35.52 19.41
CA VAL E 447 -23.91 -34.54 18.94
C VAL E 447 -24.20 -34.12 17.52
N TYR E 448 -24.84 -34.98 16.73
CA TYR E 448 -25.34 -34.57 15.41
C TYR E 448 -26.35 -33.44 15.53
N SER E 449 -27.24 -33.54 16.52
CA SER E 449 -28.22 -32.47 16.75
C SER E 449 -27.56 -31.22 17.30
N LEU E 450 -26.57 -31.38 18.19
CA LEU E 450 -25.98 -30.22 18.87
C LEU E 450 -25.12 -29.41 17.91
N PHE E 451 -24.30 -30.08 17.10
CA PHE E 451 -23.31 -29.46 16.23
C PHE E 451 -23.72 -29.67 14.77
N LEU E 452 -23.77 -28.58 14.02
CA LEU E 452 -24.19 -28.60 12.62
C LEU E 452 -22.97 -28.63 11.71
N ASP E 453 -23.08 -29.40 10.63
CA ASP E 453 -22.16 -29.27 9.51
C ASP E 453 -22.53 -28.04 8.69
N GLU E 454 -21.74 -27.77 7.66
CA GLU E 454 -21.93 -26.56 6.86
C GLU E 454 -23.25 -26.59 6.09
N SER E 455 -23.63 -27.75 5.56
CA SER E 455 -24.82 -27.83 4.72
C SER E 455 -26.09 -27.55 5.52
N ARG E 456 -26.20 -28.14 6.71
CA ARG E 456 -27.38 -27.88 7.53
C ARG E 456 -27.38 -26.46 8.06
N SER E 457 -26.23 -25.93 8.47
CA SER E 457 -26.19 -24.58 9.00
C SER E 457 -26.47 -23.54 7.93
N THR E 458 -26.12 -23.84 6.68
CA THR E 458 -26.51 -22.96 5.58
C THR E 458 -28.02 -22.95 5.39
N GLN E 459 -28.70 -24.06 5.69
CA GLN E 459 -30.14 -24.13 5.50
C GLN E 459 -30.87 -23.27 6.54
N TYR E 460 -30.48 -23.36 7.81
CA TYR E 460 -31.16 -22.56 8.82
C TYR E 460 -30.90 -21.07 8.64
N MET E 461 -29.74 -20.70 8.11
CA MET E 461 -29.46 -19.30 7.81
C MET E 461 -30.37 -18.80 6.69
N LYS E 462 -30.65 -19.65 5.69
CA LYS E 462 -31.46 -19.23 4.56
C LYS E 462 -32.92 -19.05 4.94
N GLU E 463 -33.45 -19.86 5.86
CA GLU E 463 -34.78 -19.65 6.40
C GLU E 463 -34.87 -18.45 7.35
N TYR E 464 -33.73 -17.90 7.79
CA TYR E 464 -33.69 -16.64 8.54
C TYR E 464 -32.96 -15.60 7.69
N GLN E 465 -33.28 -15.56 6.40
CA GLN E 465 -32.79 -14.50 5.53
C GLN E 465 -33.31 -13.15 6.01
N ASP E 466 -32.45 -12.14 5.92
CA ASP E 466 -32.61 -10.75 6.35
C ASP E 466 -32.44 -10.58 7.87
N ALA E 467 -32.28 -11.66 8.64
CA ALA E 467 -31.79 -11.56 10.02
C ALA E 467 -30.27 -11.47 10.05
N PHE E 468 -29.59 -12.20 9.16
CA PHE E 468 -28.14 -12.20 9.09
C PHE E 468 -27.64 -11.04 8.24
N LEU E 469 -26.50 -10.48 8.63
CA LEU E 469 -25.92 -9.33 7.95
C LEU E 469 -25.04 -9.76 6.78
N VAL F 34 42.22 0.66 -24.99
CA VAL F 34 41.65 0.05 -23.76
C VAL F 34 40.20 0.50 -23.58
N THR F 35 39.40 -0.39 -23.02
CA THR F 35 37.98 -0.13 -22.82
C THR F 35 37.78 0.75 -21.60
N ARG F 36 37.25 1.95 -21.82
CA ARG F 36 36.83 2.86 -20.75
C ARG F 36 35.37 2.57 -20.40
N ILE F 37 34.91 3.19 -19.30
CA ILE F 37 33.59 2.86 -18.78
C ILE F 37 32.47 3.33 -19.72
N GLU F 38 32.69 4.42 -20.46
CA GLU F 38 31.79 4.86 -21.51
C GLU F 38 32.14 4.18 -22.82
N ARG F 39 31.15 3.52 -23.43
CA ARG F 39 31.24 2.84 -24.71
C ARG F 39 30.19 3.47 -25.65
N ILE F 40 30.02 2.90 -26.84
CA ILE F 40 29.13 3.49 -27.83
C ILE F 40 27.69 3.21 -27.39
N GLY F 41 26.99 4.26 -26.94
CA GLY F 41 25.60 4.18 -26.58
C GLY F 41 24.68 4.66 -27.69
N ALA F 42 23.40 4.82 -27.33
CA ALA F 42 22.38 5.23 -28.30
C ALA F 42 22.62 6.64 -28.81
N HIS F 43 23.09 7.55 -27.94
CA HIS F 43 23.26 8.97 -28.24
C HIS F 43 24.72 9.40 -28.15
N SER F 44 25.68 8.48 -28.23
CA SER F 44 27.09 8.83 -28.08
C SER F 44 27.60 9.70 -29.23
N HIS F 45 27.01 9.57 -30.41
CA HIS F 45 27.39 10.39 -31.55
C HIS F 45 26.92 11.84 -31.46
N ILE F 46 26.06 12.19 -30.50
CA ILE F 46 25.52 13.56 -30.39
C ILE F 46 26.47 14.37 -29.51
N ARG F 47 27.02 15.46 -30.08
CA ARG F 47 27.93 16.37 -29.40
C ARG F 47 27.36 17.79 -29.23
N GLY F 48 26.12 18.03 -29.63
CA GLY F 48 25.58 19.37 -29.58
C GLY F 48 24.29 19.42 -30.38
N LEU F 49 23.83 20.65 -30.63
CA LEU F 49 22.63 20.90 -31.44
C LEU F 49 22.94 21.25 -32.90
N GLY F 50 24.19 21.51 -33.25
CA GLY F 50 24.55 21.77 -34.63
C GLY F 50 24.01 23.07 -35.18
N LEU F 51 23.96 24.12 -34.36
CA LEU F 51 23.48 25.44 -34.74
C LEU F 51 24.68 26.38 -34.94
N ASP F 52 24.43 27.45 -35.70
CA ASP F 52 25.40 28.52 -35.90
C ASP F 52 25.08 29.65 -34.91
N ASP F 53 25.73 30.80 -35.06
CA ASP F 53 25.57 31.89 -34.09
C ASP F 53 24.15 32.45 -34.11
N ALA F 54 23.51 32.45 -35.27
CA ALA F 54 22.12 32.92 -35.39
C ALA F 54 21.09 31.84 -35.04
N LEU F 55 21.47 30.74 -34.38
CA LEU F 55 20.62 29.61 -33.99
C LEU F 55 20.04 28.84 -35.19
N GLU F 56 20.46 29.11 -36.41
CA GLU F 56 19.91 28.42 -37.57
C GLU F 56 20.52 27.01 -37.63
N PRO F 57 19.71 25.94 -37.64
CA PRO F 57 20.33 24.60 -37.58
C PRO F 57 20.97 24.21 -38.90
N ARG F 58 22.20 23.72 -38.84
CA ARG F 58 22.83 23.11 -39.98
C ARG F 58 22.18 21.74 -40.25
N GLN F 59 22.20 21.34 -41.53
CA GLN F 59 21.52 20.11 -41.93
C GLN F 59 22.18 18.89 -41.31
N ALA F 60 23.50 18.89 -41.20
CA ALA F 60 24.25 17.81 -40.55
C ALA F 60 25.41 18.44 -39.79
N SER F 61 25.33 18.45 -38.47
CA SER F 61 26.37 19.06 -37.65
C SER F 61 26.30 18.52 -36.23
N GLN F 62 27.45 18.15 -35.69
CA GLN F 62 27.59 17.66 -34.31
C GLN F 62 26.75 16.40 -34.06
N GLY F 63 26.60 15.56 -35.07
CA GLY F 63 25.86 14.32 -34.94
C GLY F 63 24.35 14.41 -35.10
N MET F 64 23.79 15.61 -35.30
CA MET F 64 22.36 15.82 -35.45
C MET F 64 22.01 16.01 -36.93
N VAL F 65 20.83 15.52 -37.30
CA VAL F 65 20.34 15.54 -38.68
C VAL F 65 18.86 15.89 -38.63
N GLY F 66 18.44 16.81 -39.52
CA GLY F 66 17.04 17.14 -39.63
C GLY F 66 16.55 17.83 -38.37
N GLN F 67 15.23 17.82 -38.20
CA GLN F 67 14.53 18.42 -37.05
C GLN F 67 14.92 19.89 -36.87
N LEU F 68 14.74 20.65 -37.94
CA LEU F 68 15.26 22.02 -37.95
C LEU F 68 14.49 22.90 -36.97
N ALA F 69 13.15 22.79 -36.98
CA ALA F 69 12.35 23.61 -36.07
C ALA F 69 12.57 23.21 -34.61
N ALA F 70 12.63 21.90 -34.33
CA ALA F 70 12.84 21.45 -32.96
C ALA F 70 14.22 21.82 -32.45
N ARG F 71 15.24 21.73 -33.30
CA ARG F 71 16.59 22.12 -32.87
C ARG F 71 16.70 23.63 -32.70
N ARG F 72 16.01 24.42 -33.53
CA ARG F 72 16.00 25.87 -33.34
C ARG F 72 15.31 26.25 -32.03
N ALA F 73 14.20 25.57 -31.71
CA ALA F 73 13.54 25.79 -30.43
C ALA F 73 14.44 25.40 -29.26
N ALA F 74 15.18 24.29 -29.41
CA ALA F 74 16.12 23.89 -28.38
C ALA F 74 17.25 24.91 -28.22
N GLY F 75 17.67 25.53 -29.33
CA GLY F 75 18.66 26.59 -29.23
C GLY F 75 18.15 27.80 -28.49
N VAL F 76 16.89 28.19 -28.74
CA VAL F 76 16.28 29.32 -28.03
C VAL F 76 16.18 29.01 -26.54
N VAL F 77 15.78 27.77 -26.20
CA VAL F 77 15.68 27.39 -24.80
C VAL F 77 17.06 27.34 -24.16
N LEU F 78 18.08 26.94 -24.92
CA LEU F 78 19.45 26.91 -24.40
C LEU F 78 19.95 28.31 -24.10
N GLU F 79 19.64 29.28 -24.97
CA GLU F 79 20.00 30.66 -24.66
C GLU F 79 19.23 31.19 -23.45
N MET F 80 17.97 30.76 -23.28
CA MET F 80 17.23 31.11 -22.08
C MET F 80 17.89 30.53 -20.83
N ILE F 81 18.37 29.29 -20.91
CA ILE F 81 19.02 28.65 -19.77
C ILE F 81 20.34 29.36 -19.45
N ARG F 82 21.11 29.69 -20.49
CA ARG F 82 22.38 30.38 -20.27
C ARG F 82 22.17 31.78 -19.71
N GLU F 83 21.08 32.43 -20.12
CA GLU F 83 20.73 33.74 -19.55
C GLU F 83 20.44 33.61 -18.06
N GLY F 84 19.67 32.59 -17.66
CA GLY F 84 19.46 32.31 -16.26
C GLY F 84 18.67 33.36 -15.49
N LYS F 85 17.96 34.25 -16.18
CA LYS F 85 17.18 35.30 -15.52
C LYS F 85 15.80 34.80 -15.10
N ILE F 86 15.07 34.20 -16.04
CA ILE F 86 13.69 33.81 -15.80
C ILE F 86 13.67 32.44 -15.14
N ALA F 87 12.91 32.33 -14.05
CA ALA F 87 12.85 31.13 -13.23
C ALA F 87 11.66 30.26 -13.62
N GLY F 88 11.86 28.95 -13.53
CA GLY F 88 10.76 28.01 -13.63
C GLY F 88 10.09 27.90 -14.97
N ARG F 89 10.80 28.23 -16.05
CA ARG F 89 10.23 28.12 -17.39
C ARG F 89 10.25 26.67 -17.85
N ALA F 90 9.13 26.20 -18.39
CA ALA F 90 8.89 24.80 -18.67
C ALA F 90 8.71 24.58 -20.17
N VAL F 91 9.23 23.46 -20.66
CA VAL F 91 9.19 23.08 -22.08
C VAL F 91 8.86 21.60 -22.18
N LEU F 92 8.04 21.24 -23.16
CA LEU F 92 7.73 19.86 -23.51
C LEU F 92 8.19 19.57 -24.93
N ILE F 93 8.92 18.48 -25.11
CA ILE F 93 9.28 17.95 -26.42
C ILE F 93 8.29 16.83 -26.72
N ALA F 94 7.43 17.07 -27.70
CA ALA F 94 6.41 16.13 -28.14
C ALA F 94 6.77 15.58 -29.51
N GLY F 95 6.34 14.35 -29.78
CA GLY F 95 6.57 13.76 -31.07
C GLY F 95 6.45 12.25 -31.00
N GLN F 96 6.49 11.64 -32.18
CA GLN F 96 6.34 10.20 -32.28
C GLN F 96 7.60 9.52 -31.71
N PRO F 97 7.53 8.22 -31.40
CA PRO F 97 8.74 7.54 -30.92
C PRO F 97 9.82 7.46 -31.99
N GLY F 98 11.07 7.61 -31.57
CA GLY F 98 12.19 7.59 -32.47
C GLY F 98 12.43 8.85 -33.26
N THR F 99 11.81 9.97 -32.89
CA THR F 99 11.93 11.24 -33.59
C THR F 99 12.96 12.18 -32.95
N GLY F 100 13.88 11.67 -32.14
CA GLY F 100 14.98 12.46 -31.64
C GLY F 100 14.67 13.39 -30.49
N LYS F 101 13.64 13.08 -29.69
CA LYS F 101 13.37 13.89 -28.50
C LYS F 101 14.51 13.77 -27.48
N THR F 102 14.88 12.53 -27.13
CA THR F 102 16.01 12.34 -26.22
C THR F 102 17.32 12.73 -26.88
N ALA F 103 17.43 12.57 -28.20
CA ALA F 103 18.60 13.04 -28.92
C ALA F 103 18.74 14.56 -28.81
N ILE F 104 17.62 15.29 -28.92
CA ILE F 104 17.66 16.74 -28.76
C ILE F 104 18.04 17.09 -27.33
N ALA F 105 17.50 16.37 -26.34
CA ALA F 105 17.83 16.66 -24.94
C ALA F 105 19.31 16.41 -24.66
N MET F 106 19.87 15.35 -25.25
CA MET F 106 21.31 15.10 -25.15
C MET F 106 22.10 16.19 -25.86
N GLY F 107 21.59 16.72 -26.96
CA GLY F 107 22.27 17.82 -27.63
C GLY F 107 22.30 19.09 -26.79
N MET F 108 21.19 19.41 -26.14
CA MET F 108 21.16 20.53 -25.20
C MET F 108 22.12 20.31 -24.02
N ALA F 109 22.16 19.09 -23.49
CA ALA F 109 23.07 18.80 -22.39
C ALA F 109 24.53 18.92 -22.81
N GLN F 110 24.86 18.44 -24.01
CA GLN F 110 26.23 18.56 -24.51
C GLN F 110 26.60 20.02 -24.78
N ALA F 111 25.69 20.79 -25.38
CA ALA F 111 25.99 22.17 -25.71
C ALA F 111 26.10 23.03 -24.46
N LEU F 112 25.34 22.71 -23.42
CA LEU F 112 25.40 23.50 -22.19
C LEU F 112 26.73 23.31 -21.48
N GLY F 113 27.27 22.09 -21.48
CA GLY F 113 28.53 21.79 -20.85
C GLY F 113 28.37 21.45 -19.38
N PRO F 114 29.48 21.06 -18.74
CA PRO F 114 29.39 20.51 -17.37
C PRO F 114 29.33 21.55 -16.26
N ASP F 115 29.60 22.83 -16.55
CA ASP F 115 29.61 23.83 -15.49
C ASP F 115 28.22 24.08 -14.92
N THR F 116 27.20 24.10 -15.79
CA THR F 116 25.81 24.28 -15.39
C THR F 116 25.20 22.94 -14.99
N PRO F 117 24.32 22.83 -13.98
CA PRO F 117 23.69 21.52 -13.71
C PRO F 117 22.71 21.11 -14.81
N PHE F 118 22.65 19.79 -15.03
CA PHE F 118 21.70 19.17 -15.95
C PHE F 118 21.27 17.86 -15.29
N THR F 119 20.16 17.91 -14.57
CA THR F 119 19.62 16.76 -13.85
C THR F 119 18.69 16.00 -14.81
N ALA F 120 19.10 14.79 -15.18
CA ALA F 120 18.33 13.91 -16.05
C ALA F 120 17.71 12.80 -15.20
N ILE F 121 16.40 12.62 -15.34
CA ILE F 121 15.68 11.55 -14.66
C ILE F 121 14.59 11.02 -15.58
N ALA F 122 14.15 9.81 -15.29
CA ALA F 122 12.92 9.26 -15.85
C ALA F 122 11.75 9.58 -14.92
N GLY F 123 10.55 9.57 -15.50
CA GLY F 123 9.36 9.84 -14.71
C GLY F 123 9.11 8.82 -13.62
N SER F 124 9.49 7.56 -13.86
CA SER F 124 9.26 6.49 -12.89
C SER F 124 10.22 6.53 -11.70
N GLU F 125 11.27 7.34 -11.74
CA GLU F 125 12.26 7.32 -10.66
C GLU F 125 11.75 8.00 -9.39
N ILE F 126 10.81 8.95 -9.51
CA ILE F 126 10.28 9.64 -8.35
C ILE F 126 9.38 8.78 -7.46
N PHE F 127 8.95 7.61 -7.94
CA PHE F 127 8.12 6.71 -7.12
C PHE F 127 9.05 5.95 -6.18
N SER F 128 9.43 6.61 -5.09
CA SER F 128 10.40 6.12 -4.13
C SER F 128 9.69 5.48 -2.94
N LEU F 129 10.32 4.44 -2.41
CA LEU F 129 9.86 3.79 -1.18
C LEU F 129 10.30 4.51 0.09
N GLU F 130 11.26 5.43 0.01
CA GLU F 130 11.83 6.13 1.14
C GLU F 130 11.31 7.55 1.33
N MET F 131 10.86 8.21 0.26
CA MET F 131 10.36 9.58 0.31
C MET F 131 9.11 9.70 -0.55
N SER F 132 8.33 10.75 -0.28
CA SER F 132 7.15 11.02 -1.06
C SER F 132 7.52 11.51 -2.46
N LYS F 133 6.53 11.58 -3.33
CA LYS F 133 6.76 12.02 -4.70
C LYS F 133 7.12 13.49 -4.75
N THR F 134 6.44 14.32 -3.96
CA THR F 134 6.74 15.75 -3.95
C THR F 134 8.13 16.02 -3.37
N GLU F 135 8.54 15.23 -2.39
CA GLU F 135 9.91 15.34 -1.87
C GLU F 135 10.93 14.98 -2.94
N ALA F 136 10.69 13.91 -3.69
CA ALA F 136 11.62 13.52 -4.75
C ALA F 136 11.68 14.56 -5.85
N LEU F 137 10.54 15.17 -6.19
CA LEU F 137 10.54 16.24 -7.17
C LEU F 137 11.24 17.49 -6.64
N THR F 138 11.09 17.79 -5.35
CA THR F 138 11.80 18.92 -4.76
C THR F 138 13.30 18.70 -4.78
N GLN F 139 13.75 17.48 -4.47
CA GLN F 139 15.16 17.16 -4.52
C GLN F 139 15.70 17.22 -5.94
N ALA F 140 14.90 16.79 -6.92
CA ALA F 140 15.30 16.90 -8.31
C ALA F 140 15.40 18.37 -8.75
N PHE F 141 14.47 19.21 -8.27
CA PHE F 141 14.53 20.63 -8.56
C PHE F 141 15.78 21.27 -7.97
N ARG F 142 16.06 20.98 -6.71
CA ARG F 142 17.16 21.64 -6.01
C ARG F 142 18.53 21.09 -6.41
N ARG F 143 18.58 19.86 -6.95
CA ARG F 143 19.82 19.38 -7.56
C ARG F 143 20.19 20.21 -8.79
N SER F 144 19.20 20.75 -9.50
CA SER F 144 19.43 21.45 -10.75
C SER F 144 19.86 22.91 -10.58
N ILE F 145 19.90 23.45 -9.36
CA ILE F 145 20.34 24.82 -9.08
C ILE F 145 21.70 24.74 -8.40
N GLY F 146 22.73 25.27 -9.07
CA GLY F 146 24.07 25.30 -8.54
C GLY F 146 24.36 26.55 -7.72
N VAL F 147 25.28 26.40 -6.76
CA VAL F 147 25.73 27.48 -5.88
C VAL F 147 27.25 27.44 -5.83
N ARG F 148 27.90 28.43 -6.45
CA ARG F 148 29.36 28.53 -6.51
C ARG F 148 29.80 29.56 -5.47
N ILE F 149 30.48 29.08 -4.43
CA ILE F 149 30.87 29.87 -3.27
C ILE F 149 32.38 30.11 -3.36
N LYS F 150 32.76 31.38 -3.49
CA LYS F 150 34.18 31.76 -3.53
C LYS F 150 34.73 31.95 -2.13
N GLU F 151 36.04 31.77 -2.01
CA GLU F 151 36.76 31.93 -0.74
C GLU F 151 38.13 32.55 -0.98
N VAL F 256 39.83 29.70 -3.15
CA VAL F 256 39.19 28.41 -3.40
C VAL F 256 37.74 28.66 -3.79
N VAL F 257 37.28 27.90 -4.80
CA VAL F 257 35.91 27.94 -5.31
C VAL F 257 35.31 26.55 -5.17
N HIS F 258 34.11 26.48 -4.60
CA HIS F 258 33.36 25.25 -4.42
C HIS F 258 31.99 25.41 -5.05
N THR F 259 31.68 24.55 -6.01
CA THR F 259 30.36 24.49 -6.64
C THR F 259 29.54 23.42 -5.94
N VAL F 260 28.38 23.79 -5.43
CA VAL F 260 27.47 22.89 -4.73
C VAL F 260 26.05 23.22 -5.11
N SER F 261 25.21 22.19 -5.21
CA SER F 261 23.80 22.36 -5.47
C SER F 261 23.05 22.66 -4.17
N LEU F 262 21.82 23.19 -4.33
CA LEU F 262 20.99 23.47 -3.16
C LEU F 262 20.61 22.20 -2.42
N HIS F 263 20.40 21.10 -3.14
CA HIS F 263 20.06 19.83 -2.50
C HIS F 263 21.21 19.33 -1.62
N GLU F 264 22.45 19.53 -2.06
CA GLU F 264 23.59 19.14 -1.24
C GLU F 264 23.66 19.93 0.05
N ILE F 265 23.38 21.23 -0.01
CA ILE F 265 23.38 22.05 1.20
C ILE F 265 22.23 21.63 2.12
N ASP F 266 21.08 21.27 1.52
CA ASP F 266 19.94 20.75 2.29
C ASP F 266 20.31 19.47 3.03
N VAL F 267 20.95 18.54 2.34
CA VAL F 267 21.28 17.27 2.96
C VAL F 267 22.39 17.44 3.99
N ILE F 268 23.33 18.37 3.76
CA ILE F 268 24.40 18.61 4.73
C ILE F 268 23.83 19.18 6.02
N ASN F 269 22.93 20.16 5.92
CA ASN F 269 22.31 20.78 7.11
C ASN F 269 21.09 20.04 7.64
N SER F 270 20.68 18.92 7.02
CA SER F 270 19.57 18.15 7.57
C SER F 270 19.97 17.49 8.90
N ARG F 271 21.19 16.99 9.00
CA ARG F 271 21.68 16.37 10.23
C ARG F 271 23.20 16.47 10.25
N THR F 272 23.80 15.99 11.35
CA THR F 272 25.22 16.23 11.61
C THR F 272 26.10 15.50 10.60
N GLN F 273 25.80 14.23 10.32
CA GLN F 273 26.55 13.39 9.39
C GLN F 273 25.76 13.24 8.07
N GLY F 274 25.07 14.30 7.68
CA GLY F 274 24.15 14.22 6.56
C GLY F 274 24.81 14.00 5.21
N PHE F 275 26.10 14.35 5.09
CA PHE F 275 26.80 14.27 3.81
C PHE F 275 26.93 12.84 3.29
N LEU F 276 26.88 11.84 4.17
CA LEU F 276 26.81 10.45 3.72
C LEU F 276 25.53 10.18 2.93
N ALA F 277 24.45 10.87 3.27
CA ALA F 277 23.18 10.62 2.61
C ALA F 277 23.14 11.10 1.17
N LEU F 278 24.04 12.00 0.76
CA LEU F 278 24.10 12.39 -0.64
C LEU F 278 24.52 11.23 -1.53
N PHE F 279 25.35 10.32 -1.02
CA PHE F 279 25.79 9.13 -1.73
C PHE F 279 24.88 7.94 -1.47
N SER F 280 24.54 7.66 -0.22
CA SER F 280 23.75 6.48 0.10
C SER F 280 22.26 6.65 -0.22
N GLY F 281 21.81 7.83 -0.62
CA GLY F 281 20.39 8.13 -0.48
C GLY F 281 20.08 8.24 0.99
N ASP F 282 18.92 7.71 1.40
CA ASP F 282 18.54 7.65 2.82
C ASP F 282 18.40 9.04 3.44
N THR F 283 18.06 10.06 2.62
CA THR F 283 17.92 11.41 3.14
C THR F 283 16.70 11.55 4.04
N GLY F 284 15.64 10.81 3.76
CA GLY F 284 14.36 11.04 4.39
C GLY F 284 13.69 12.24 3.76
N GLU F 285 12.58 12.64 4.36
CA GLU F 285 11.86 13.85 3.95
C GLU F 285 12.46 15.03 4.71
N ILE F 286 13.22 15.85 3.99
CA ILE F 286 13.87 17.00 4.60
C ILE F 286 12.82 18.01 5.02
N LYS F 287 12.96 18.54 6.24
CA LYS F 287 12.02 19.51 6.76
C LYS F 287 12.02 20.78 5.93
N SER F 288 10.84 21.37 5.77
CA SER F 288 10.71 22.60 5.00
C SER F 288 11.48 23.75 5.62
N GLU F 289 11.61 23.77 6.97
CA GLU F 289 12.32 24.85 7.65
C GLU F 289 13.79 24.91 7.24
N VAL F 290 14.39 23.74 7.00
CA VAL F 290 15.76 23.65 6.51
C VAL F 290 15.87 24.33 5.16
N ARG F 291 14.91 24.07 4.27
CA ARG F 291 14.96 24.66 2.95
C ARG F 291 14.72 26.16 2.98
N GLU F 292 13.81 26.65 3.84
CA GLU F 292 13.62 28.09 3.93
C GLU F 292 14.85 28.81 4.50
N GLN F 293 15.47 28.29 5.57
CA GLN F 293 16.65 28.98 6.08
C GLN F 293 17.82 28.88 5.12
N ILE F 294 17.95 27.79 4.35
CA ILE F 294 18.99 27.71 3.34
C ILE F 294 18.72 28.66 2.17
N ASN F 295 17.46 28.82 1.76
CA ASN F 295 17.14 29.81 0.75
C ASN F 295 17.48 31.22 1.23
N ALA F 296 17.16 31.53 2.48
CA ALA F 296 17.49 32.84 3.05
C ALA F 296 18.99 33.05 3.13
N LYS F 297 19.74 32.03 3.56
CA LYS F 297 21.19 32.19 3.70
C LYS F 297 21.87 32.29 2.35
N VAL F 298 21.37 31.54 1.35
CA VAL F 298 21.94 31.60 0.01
C VAL F 298 21.62 32.95 -0.63
N ALA F 299 20.42 33.48 -0.37
CA ALA F 299 20.09 34.83 -0.85
C ALA F 299 20.97 35.88 -0.20
N GLU F 300 21.26 35.73 1.10
CA GLU F 300 22.17 36.65 1.77
C GLU F 300 23.57 36.56 1.20
N TRP F 301 24.03 35.35 0.86
CA TRP F 301 25.31 35.20 0.18
C TRP F 301 25.29 35.88 -1.19
N ARG F 302 24.15 35.79 -1.89
CA ARG F 302 24.02 36.42 -3.21
C ARG F 302 24.11 37.93 -3.10
N GLU F 303 23.41 38.51 -2.11
CA GLU F 303 23.46 39.96 -1.92
C GLU F 303 24.84 40.41 -1.46
N GLU F 304 25.49 39.63 -0.58
CA GLU F 304 26.84 39.95 -0.15
C GLU F 304 27.85 39.82 -1.28
N GLY F 305 27.58 39.00 -2.29
CA GLY F 305 28.58 38.61 -3.27
C GLY F 305 29.44 37.45 -2.87
N LYS F 306 29.06 36.69 -1.84
CA LYS F 306 29.81 35.53 -1.40
C LYS F 306 29.53 34.28 -2.24
N ALA F 307 28.36 34.20 -2.88
CA ALA F 307 27.98 33.06 -3.71
C ALA F 307 27.27 33.54 -4.96
N GLU F 308 27.39 32.74 -6.03
CA GLU F 308 26.72 32.93 -7.30
C GLU F 308 25.76 31.76 -7.54
N ILE F 309 24.56 32.08 -8.03
CA ILE F 309 23.55 31.09 -8.33
C ILE F 309 23.73 30.68 -9.78
N ILE F 310 23.91 29.38 -10.01
CA ILE F 310 24.04 28.81 -11.36
C ILE F 310 22.71 28.08 -11.64
N PRO F 311 21.70 28.75 -12.19
CA PRO F 311 20.46 28.02 -12.50
C PRO F 311 20.66 27.07 -13.67
N GLY F 312 20.19 25.84 -13.50
CA GLY F 312 20.39 24.76 -14.45
C GLY F 312 19.10 24.19 -15.02
N VAL F 313 19.11 22.88 -15.26
CA VAL F 313 18.07 22.19 -16.01
C VAL F 313 17.70 20.92 -15.26
N LEU F 314 16.40 20.66 -15.16
CA LEU F 314 15.86 19.35 -14.81
C LEU F 314 15.19 18.80 -16.07
N PHE F 315 15.68 17.64 -16.53
CA PHE F 315 15.14 16.92 -17.68
C PHE F 315 14.42 15.68 -17.17
N ILE F 316 13.11 15.61 -17.41
CA ILE F 316 12.28 14.46 -17.04
C ILE F 316 11.87 13.79 -18.34
N ASP F 317 12.56 12.72 -18.70
CA ASP F 317 12.18 11.91 -19.85
C ASP F 317 10.99 11.03 -19.48
N GLU F 318 10.06 10.88 -20.42
CA GLU F 318 8.81 10.13 -20.22
C GLU F 318 8.02 10.66 -19.01
N VAL F 319 7.65 11.94 -19.11
CA VAL F 319 6.93 12.60 -18.02
C VAL F 319 5.51 12.04 -17.84
N HIS F 320 4.96 11.35 -18.84
CA HIS F 320 3.64 10.73 -18.71
C HIS F 320 3.56 9.67 -17.60
N MET F 321 4.68 9.12 -17.15
CA MET F 321 4.66 8.23 -16.00
C MET F 321 4.36 8.94 -14.68
N LEU F 322 4.51 10.27 -14.61
CA LEU F 322 4.08 11.00 -13.43
C LEU F 322 2.56 10.95 -13.32
N ASP F 323 2.07 10.94 -12.07
CA ASP F 323 0.65 10.89 -11.76
C ASP F 323 0.13 12.31 -11.49
N ILE F 324 -1.18 12.40 -11.21
CA ILE F 324 -1.86 13.68 -11.09
C ILE F 324 -1.35 14.49 -9.90
N GLU F 325 -1.00 13.80 -8.80
CA GLU F 325 -0.41 14.49 -7.66
C GLU F 325 0.92 15.13 -8.00
N SER F 326 1.75 14.41 -8.76
CA SER F 326 3.04 14.94 -9.19
C SER F 326 2.90 16.16 -10.09
N PHE F 327 1.95 16.10 -11.05
CA PHE F 327 1.70 17.25 -11.92
C PHE F 327 1.18 18.43 -11.13
N SER F 328 0.30 18.18 -10.15
CA SER F 328 -0.23 19.26 -9.33
C SER F 328 0.86 19.93 -8.51
N PHE F 329 1.80 19.13 -8.00
CA PHE F 329 2.95 19.71 -7.32
C PHE F 329 3.81 20.51 -8.30
N LEU F 330 3.99 20.01 -9.52
CA LEU F 330 4.81 20.71 -10.50
C LEU F 330 4.20 22.04 -10.93
N ASN F 331 2.87 22.17 -10.84
CA ASN F 331 2.23 23.44 -11.17
C ASN F 331 2.73 24.58 -10.29
N ARG F 332 2.80 24.35 -8.97
CA ARG F 332 3.24 25.38 -8.03
C ARG F 332 4.75 25.39 -7.84
N ALA F 333 5.45 24.28 -8.07
CA ALA F 333 6.91 24.28 -7.94
C ALA F 333 7.55 25.15 -9.02
N LEU F 334 6.96 25.20 -10.22
CA LEU F 334 7.48 26.05 -11.28
C LEU F 334 7.27 27.54 -11.02
N GLU F 335 6.40 27.93 -10.09
CA GLU F 335 6.18 29.33 -9.77
C GLU F 335 7.22 29.92 -8.81
N SER F 336 8.13 29.10 -8.27
CA SER F 336 9.16 29.62 -7.38
C SER F 336 10.21 30.40 -8.16
N ASP F 337 10.76 31.43 -7.50
CA ASP F 337 11.90 32.14 -8.08
C ASP F 337 13.18 31.31 -8.10
N MET F 338 13.27 30.25 -7.29
CA MET F 338 14.41 29.34 -7.28
C MET F 338 14.27 28.16 -8.24
N ALA F 339 13.18 28.08 -9.00
CA ALA F 339 12.96 26.88 -9.80
C ALA F 339 13.91 26.85 -11.01
N PRO F 340 14.30 25.67 -11.50
CA PRO F 340 15.15 25.60 -12.69
C PRO F 340 14.28 25.55 -13.94
N VAL F 341 14.95 25.51 -15.10
CA VAL F 341 14.26 25.33 -16.37
C VAL F 341 13.91 23.84 -16.50
N LEU F 342 12.62 23.53 -16.54
CA LEU F 342 12.14 22.17 -16.66
C LEU F 342 12.00 21.84 -18.15
N ILE F 343 12.53 20.70 -18.56
CA ILE F 343 12.34 20.14 -19.90
C ILE F 343 11.73 18.76 -19.72
N MET F 344 10.73 18.44 -20.53
CA MET F 344 10.04 17.16 -20.48
C MET F 344 9.90 16.60 -21.89
N ALA F 345 9.78 15.27 -21.94
CA ALA F 345 9.63 14.53 -23.17
C ALA F 345 8.57 13.46 -22.99
N THR F 346 7.75 13.28 -24.01
CA THR F 346 6.74 12.23 -24.02
C THR F 346 6.32 11.96 -25.45
N ASN F 347 5.94 10.70 -25.72
CA ASN F 347 5.46 10.26 -27.02
C ASN F 347 3.98 9.85 -27.01
N ARG F 348 3.24 10.23 -25.96
CA ARG F 348 1.86 9.80 -25.80
C ARG F 348 0.93 10.74 -26.54
N GLY F 349 -0.16 10.17 -27.06
CA GLY F 349 -1.23 10.93 -27.67
C GLY F 349 -2.19 11.44 -26.62
N ILE F 350 -3.45 11.59 -27.02
CA ILE F 350 -4.52 11.95 -26.11
C ILE F 350 -4.89 10.66 -25.37
N THR F 351 -4.42 10.53 -24.12
CA THR F 351 -4.51 9.29 -23.36
C THR F 351 -4.82 9.61 -21.90
N ARG F 352 -4.98 8.55 -21.12
CA ARG F 352 -5.35 8.69 -19.71
C ARG F 352 -4.19 9.27 -18.90
N ILE F 353 -4.53 10.22 -18.03
CA ILE F 353 -3.57 10.71 -17.04
C ILE F 353 -3.47 9.68 -15.93
N ARG F 354 -2.25 9.34 -15.53
CA ARG F 354 -2.06 8.35 -14.49
C ARG F 354 -2.60 8.86 -13.15
N GLY F 355 -3.27 7.97 -12.43
CA GLY F 355 -3.94 8.32 -11.19
C GLY F 355 -5.31 8.94 -11.34
N THR F 356 -5.84 9.05 -12.56
CA THR F 356 -7.18 9.57 -12.83
C THR F 356 -7.86 8.63 -13.81
N SER F 357 -9.05 9.04 -14.28
CA SER F 357 -9.76 8.42 -15.39
C SER F 357 -10.09 9.44 -16.47
N TYR F 358 -9.26 10.47 -16.62
CA TYR F 358 -9.48 11.57 -17.53
C TYR F 358 -8.49 11.49 -18.69
N GLN F 359 -8.98 11.73 -19.90
CA GLN F 359 -8.15 11.83 -21.09
C GLN F 359 -7.62 13.25 -21.21
N SER F 360 -6.39 13.38 -21.71
CA SER F 360 -5.74 14.68 -21.86
C SER F 360 -4.63 14.54 -22.90
N PRO F 361 -4.26 15.62 -23.60
CA PRO F 361 -3.15 15.52 -24.56
C PRO F 361 -1.82 15.26 -23.86
N HIS F 362 -1.01 14.39 -24.45
CA HIS F 362 0.31 14.00 -23.95
C HIS F 362 0.27 13.27 -22.60
N GLY F 363 -0.91 12.82 -22.15
CA GLY F 363 -1.03 12.24 -20.82
C GLY F 363 -0.72 13.20 -19.69
N ILE F 364 -0.88 14.50 -19.90
CA ILE F 364 -0.52 15.56 -18.95
C ILE F 364 -1.79 16.39 -18.72
N PRO F 365 -2.08 16.91 -17.52
CA PRO F 365 -3.25 17.79 -17.39
C PRO F 365 -3.11 19.09 -18.14
N ILE F 366 -4.25 19.64 -18.56
CA ILE F 366 -4.27 20.88 -19.31
C ILE F 366 -3.79 22.05 -18.46
N ASP F 367 -4.00 22.00 -17.13
CA ASP F 367 -3.49 23.04 -16.24
C ASP F 367 -1.97 23.14 -16.30
N LEU F 368 -1.28 21.99 -16.30
CA LEU F 368 0.18 22.03 -16.45
C LEU F 368 0.58 22.38 -17.87
N LEU F 369 -0.16 21.89 -18.87
CA LEU F 369 0.17 22.17 -20.28
C LEU F 369 0.04 23.65 -20.60
N ASP F 370 -0.82 24.38 -19.88
CA ASP F 370 -0.90 25.82 -20.06
C ASP F 370 0.39 26.52 -19.65
N ARG F 371 1.16 25.93 -18.72
CA ARG F 371 2.39 26.53 -18.22
C ARG F 371 3.62 26.26 -19.10
N LEU F 372 3.52 25.41 -20.13
CA LEU F 372 4.66 24.99 -20.94
C LEU F 372 4.61 25.64 -22.31
N LEU F 373 5.73 25.54 -23.02
CA LEU F 373 5.81 25.73 -24.45
C LEU F 373 6.17 24.39 -25.08
N ILE F 374 5.39 23.95 -26.06
CA ILE F 374 5.51 22.63 -26.64
C ILE F 374 6.36 22.72 -27.90
N VAL F 375 7.32 21.80 -28.01
CA VAL F 375 8.19 21.65 -29.18
C VAL F 375 7.83 20.32 -29.84
N SER F 376 7.53 20.36 -31.14
CA SER F 376 7.12 19.19 -31.91
C SER F 376 8.27 18.70 -32.77
N THR F 377 8.57 17.41 -32.69
CA THR F 377 9.54 16.73 -33.54
C THR F 377 8.80 15.89 -34.57
N THR F 378 9.16 16.05 -35.84
CA THR F 378 8.50 15.40 -36.96
C THR F 378 9.15 14.05 -37.26
N PRO F 379 8.49 13.16 -38.02
CA PRO F 379 9.18 11.97 -38.52
C PRO F 379 10.16 12.31 -39.64
N TYR F 380 11.08 11.38 -39.88
CA TYR F 380 12.19 11.58 -40.79
C TYR F 380 11.89 11.06 -42.19
N SER F 381 12.42 11.75 -43.18
CA SER F 381 12.33 11.33 -44.56
C SER F 381 13.38 10.27 -44.87
N GLU F 382 13.46 9.87 -46.14
CA GLU F 382 14.45 8.89 -46.57
C GLU F 382 15.87 9.45 -46.43
N LYS F 383 16.07 10.71 -46.81
CA LYS F 383 17.41 11.30 -46.80
C LYS F 383 17.93 11.47 -45.38
N ASP F 384 17.08 11.96 -44.47
CA ASP F 384 17.49 12.13 -43.08
C ASP F 384 17.77 10.78 -42.43
N THR F 385 16.98 9.76 -42.78
CA THR F 385 17.21 8.41 -42.27
C THR F 385 18.56 7.87 -42.73
N LYS F 386 18.89 8.04 -44.01
CA LYS F 386 20.18 7.58 -44.51
C LYS F 386 21.32 8.36 -43.89
N GLN F 387 21.15 9.67 -43.66
CA GLN F 387 22.19 10.46 -43.02
C GLN F 387 22.41 10.02 -41.56
N ILE F 388 21.33 9.71 -40.85
CA ILE F 388 21.47 9.23 -39.47
C ILE F 388 22.17 7.88 -39.45
N LEU F 389 21.84 7.02 -40.42
CA LEU F 389 22.50 5.72 -40.48
C LEU F 389 23.97 5.86 -40.82
N ARG F 390 24.33 6.82 -41.68
CA ARG F 390 25.73 7.12 -41.96
C ARG F 390 26.48 7.57 -40.72
N ILE F 391 25.85 8.48 -39.95
CA ILE F 391 26.51 9.00 -38.75
C ILE F 391 26.66 7.90 -37.70
N ARG F 392 25.66 7.01 -37.59
CA ARG F 392 25.78 5.91 -36.64
C ARG F 392 26.82 4.89 -37.09
N CYS F 393 26.97 4.68 -38.40
CA CYS F 393 28.06 3.83 -38.89
C CYS F 393 29.41 4.45 -38.58
N GLU F 394 29.52 5.78 -38.70
CA GLU F 394 30.75 6.48 -38.34
C GLU F 394 31.05 6.35 -36.86
N GLU F 395 30.01 6.46 -36.01
CA GLU F 395 30.20 6.32 -34.57
C GLU F 395 30.67 4.92 -34.21
N GLU F 396 30.09 3.90 -34.83
CA GLU F 396 30.42 2.51 -34.56
C GLU F 396 31.64 2.00 -35.34
N ASP F 397 32.25 2.83 -36.19
CA ASP F 397 33.45 2.45 -36.96
C ASP F 397 33.14 1.31 -37.94
N VAL F 398 31.99 1.40 -38.59
CA VAL F 398 31.49 0.42 -39.55
C VAL F 398 31.53 1.04 -40.93
N GLU F 399 32.07 0.29 -41.90
CA GLU F 399 32.09 0.67 -43.31
C GLU F 399 31.10 -0.22 -44.06
N MET F 400 30.24 0.41 -44.86
CA MET F 400 29.21 -0.27 -45.64
C MET F 400 29.24 0.23 -47.07
N SER F 401 28.89 -0.65 -48.00
CA SER F 401 28.71 -0.24 -49.37
C SER F 401 27.46 0.63 -49.50
N GLU F 402 27.38 1.37 -50.60
CA GLU F 402 26.24 2.26 -50.82
C GLU F 402 24.94 1.48 -51.02
N ASP F 403 25.02 0.31 -51.65
CA ASP F 403 23.84 -0.53 -51.78
C ASP F 403 23.36 -1.03 -50.42
N ALA F 404 24.29 -1.34 -49.52
CA ALA F 404 23.89 -1.70 -48.16
C ALA F 404 23.21 -0.53 -47.45
N TYR F 405 23.69 0.70 -47.70
CA TYR F 405 23.03 1.88 -47.13
C TYR F 405 21.62 2.04 -47.68
N THR F 406 21.44 1.79 -48.99
CA THR F 406 20.11 1.88 -49.58
C THR F 406 19.16 0.83 -48.99
N VAL F 407 19.64 -0.41 -48.84
CA VAL F 407 18.81 -1.47 -48.30
C VAL F 407 18.47 -1.20 -46.84
N LEU F 408 19.43 -0.71 -46.06
CA LEU F 408 19.17 -0.43 -44.66
C LEU F 408 18.27 0.78 -44.47
N THR F 409 18.36 1.77 -45.37
CA THR F 409 17.42 2.89 -45.33
C THR F 409 16.01 2.43 -45.67
N ARG F 410 15.87 1.52 -46.63
CA ARG F 410 14.58 0.94 -46.95
C ARG F 410 14.00 0.17 -45.76
N ILE F 411 14.86 -0.58 -45.07
CA ILE F 411 14.42 -1.31 -43.87
C ILE F 411 14.00 -0.32 -42.78
N GLY F 412 14.77 0.75 -42.60
CA GLY F 412 14.47 1.70 -41.54
C GLY F 412 13.17 2.43 -41.78
N LEU F 413 12.89 2.81 -43.03
CA LEU F 413 11.59 3.37 -43.36
C LEU F 413 10.48 2.34 -43.19
N GLU F 414 10.76 1.07 -43.52
CA GLU F 414 9.71 0.05 -43.48
C GLU F 414 9.31 -0.29 -42.05
N THR F 415 10.28 -0.38 -41.13
CA THR F 415 10.04 -0.88 -39.77
C THR F 415 10.20 0.19 -38.71
N SER F 416 11.39 0.77 -38.55
CA SER F 416 11.69 1.79 -37.56
C SER F 416 13.15 2.21 -37.74
N LEU F 417 13.46 3.43 -37.33
CA LEU F 417 14.84 3.92 -37.38
C LEU F 417 15.74 3.12 -36.43
N ARG F 418 15.24 2.83 -35.23
CA ARG F 418 16.08 2.17 -34.23
C ARG F 418 16.40 0.73 -34.62
N TYR F 419 15.47 0.04 -35.29
CA TYR F 419 15.77 -1.32 -35.76
C TYR F 419 16.87 -1.31 -36.81
N ALA F 420 16.81 -0.37 -37.75
CA ALA F 420 17.88 -0.24 -38.74
C ALA F 420 19.20 0.14 -38.11
N ILE F 421 19.18 0.97 -37.05
CA ILE F 421 20.42 1.28 -36.35
C ILE F 421 20.96 0.04 -35.65
N GLN F 422 20.07 -0.77 -35.07
CA GLN F 422 20.49 -1.97 -34.35
C GLN F 422 21.09 -3.00 -35.30
N LEU F 423 20.62 -3.05 -36.55
CA LEU F 423 21.19 -4.01 -37.49
C LEU F 423 22.62 -3.69 -37.92
N ILE F 424 23.14 -2.48 -37.63
CA ILE F 424 24.45 -2.08 -38.16
C ILE F 424 25.57 -2.91 -37.54
N THR F 425 25.62 -2.99 -36.21
CA THR F 425 26.72 -3.74 -35.58
C THR F 425 26.55 -5.23 -35.79
N ALA F 426 25.31 -5.71 -35.91
CA ALA F 426 25.09 -7.13 -36.22
C ALA F 426 25.62 -7.47 -37.61
N ALA F 427 25.34 -6.62 -38.60
CA ALA F 427 25.88 -6.85 -39.94
C ALA F 427 27.40 -6.72 -39.96
N SER F 428 27.94 -5.79 -39.18
CA SER F 428 29.39 -5.65 -39.07
C SER F 428 30.02 -6.90 -38.45
N LEU F 429 29.38 -7.46 -37.43
CA LEU F 429 29.89 -8.67 -36.80
C LEU F 429 29.82 -9.86 -37.75
N VAL F 430 28.74 -9.95 -38.54
CA VAL F 430 28.65 -11.03 -39.52
C VAL F 430 29.70 -10.86 -40.61
N CYS F 431 29.97 -9.61 -41.00
CA CYS F 431 31.01 -9.35 -41.99
C CYS F 431 32.40 -9.70 -41.45
N ARG F 432 32.65 -9.41 -40.17
CA ARG F 432 33.93 -9.80 -39.57
C ARG F 432 34.04 -11.32 -39.44
N LYS F 433 32.94 -11.99 -39.09
CA LYS F 433 32.90 -13.45 -39.07
C LYS F 433 33.12 -14.03 -40.46
N ARG F 434 32.64 -13.33 -41.49
CA ARG F 434 32.91 -13.66 -42.88
C ARG F 434 34.33 -13.32 -43.33
N LYS F 435 35.14 -12.67 -42.48
CA LYS F 435 36.46 -12.13 -42.85
C LYS F 435 36.35 -11.15 -44.02
N GLY F 436 35.28 -10.34 -44.02
CA GLY F 436 35.13 -9.23 -44.93
C GLY F 436 35.58 -7.93 -44.30
N THR F 437 35.71 -6.90 -45.14
CA THR F 437 36.11 -5.55 -44.73
C THR F 437 34.97 -4.54 -44.75
N GLU F 438 33.92 -4.76 -45.55
CA GLU F 438 32.83 -3.82 -45.73
C GLU F 438 31.51 -4.58 -45.70
N VAL F 439 30.53 -4.00 -45.01
CA VAL F 439 29.20 -4.59 -44.92
C VAL F 439 28.53 -4.51 -46.29
N GLN F 440 28.05 -5.65 -46.78
CA GLN F 440 27.37 -5.77 -48.05
C GLN F 440 25.87 -5.93 -47.83
N VAL F 441 25.12 -6.00 -48.92
CA VAL F 441 23.69 -6.23 -48.84
C VAL F 441 23.39 -7.61 -48.25
N ASP F 442 24.24 -8.60 -48.55
CA ASP F 442 24.00 -9.96 -48.06
C ASP F 442 24.10 -10.04 -46.55
N ASP F 443 25.03 -9.32 -45.93
CA ASP F 443 25.13 -9.31 -44.47
C ASP F 443 23.90 -8.65 -43.85
N ILE F 444 23.42 -7.57 -44.48
CA ILE F 444 22.22 -6.89 -44.01
C ILE F 444 21.02 -7.83 -44.08
N LYS F 445 20.87 -8.56 -45.19
CA LYS F 445 19.77 -9.50 -45.32
C LYS F 445 19.90 -10.67 -44.35
N ARG F 446 21.14 -11.09 -44.07
CA ARG F 446 21.37 -12.16 -43.10
C ARG F 446 20.90 -11.76 -41.71
N VAL F 447 21.31 -10.58 -41.24
CA VAL F 447 20.88 -10.15 -39.91
C VAL F 447 19.40 -9.75 -39.91
N TYR F 448 18.85 -9.34 -41.06
CA TYR F 448 17.41 -9.11 -41.15
C TYR F 448 16.65 -10.42 -40.94
N SER F 449 17.16 -11.51 -41.50
CA SER F 449 16.52 -12.80 -41.30
C SER F 449 16.74 -13.30 -39.87
N LEU F 450 17.91 -13.05 -39.28
CA LEU F 450 18.20 -13.58 -37.95
C LEU F 450 17.41 -12.85 -36.87
N PHE F 451 17.37 -11.53 -36.94
CA PHE F 451 16.78 -10.67 -35.91
C PHE F 451 15.52 -10.01 -36.46
N LEU F 452 14.41 -10.18 -35.76
CA LEU F 452 13.12 -9.67 -36.18
C LEU F 452 12.83 -8.32 -35.51
N ASP F 453 12.14 -7.46 -36.25
CA ASP F 453 11.53 -6.27 -35.68
C ASP F 453 10.18 -6.64 -35.08
N GLU F 454 9.48 -5.63 -34.55
CA GLU F 454 8.25 -5.89 -33.79
C GLU F 454 7.13 -6.42 -34.68
N SER F 455 7.03 -5.92 -35.91
CA SER F 455 5.92 -6.29 -36.79
C SER F 455 5.98 -7.76 -37.18
N ARG F 456 7.14 -8.22 -37.66
CA ARG F 456 7.25 -9.60 -38.09
C ARG F 456 7.16 -10.58 -36.93
N SER F 457 7.74 -10.21 -35.78
CA SER F 457 7.63 -11.04 -34.59
C SER F 457 6.19 -11.14 -34.12
N THR F 458 5.45 -10.02 -34.13
CA THR F 458 4.05 -10.03 -33.74
C THR F 458 3.21 -10.86 -34.70
N GLN F 459 3.50 -10.76 -36.00
CA GLN F 459 2.76 -11.56 -36.98
C GLN F 459 3.00 -13.05 -36.79
N TYR F 460 4.26 -13.44 -36.58
CA TYR F 460 4.57 -14.86 -36.37
C TYR F 460 4.00 -15.34 -35.04
N MET F 461 3.92 -14.47 -34.03
CA MET F 461 3.28 -14.85 -32.78
C MET F 461 1.79 -15.06 -32.99
N LYS F 462 1.13 -14.17 -33.74
CA LYS F 462 -0.29 -14.31 -34.02
C LYS F 462 -0.59 -15.52 -34.89
N GLU F 463 0.37 -15.98 -35.71
CA GLU F 463 0.16 -17.22 -36.44
C GLU F 463 0.14 -18.44 -35.52
N TYR F 464 0.94 -18.41 -34.45
CA TYR F 464 1.02 -19.46 -33.44
C TYR F 464 0.42 -19.00 -32.11
N GLN F 465 -0.70 -18.28 -32.18
CA GLN F 465 -1.21 -17.52 -31.04
C GLN F 465 -1.63 -18.41 -29.88
N ASP F 466 -2.25 -19.55 -30.18
CA ASP F 466 -2.69 -20.45 -29.14
C ASP F 466 -1.54 -21.08 -28.36
N ALA F 467 -0.35 -21.16 -28.96
CA ALA F 467 0.83 -21.65 -28.25
C ALA F 467 1.34 -20.67 -27.20
N PHE F 468 1.25 -19.36 -27.45
CA PHE F 468 1.73 -18.35 -26.52
C PHE F 468 0.72 -18.15 -25.39
N LEU F 469 1.23 -17.87 -24.20
CA LEU F 469 0.40 -17.65 -23.02
C LEU F 469 -0.14 -16.22 -22.96
#